data_3NXC
# 
_entry.id   3NXC 
# 
_audit_conform.dict_name       mmcif_pdbx.dic 
_audit_conform.dict_version    5.387 
_audit_conform.dict_location   http://mmcif.pdb.org/dictionaries/ascii/mmcif_pdbx.dic 
# 
loop_
_database_2.database_id 
_database_2.database_code 
_database_2.pdbx_database_accession 
_database_2.pdbx_DOI 
PDB   3NXC         pdb_00003nxc 10.2210/pdb3nxc/pdb 
RCSB  RCSB060396   ?            ?                   
WWPDB D_1000060396 ?            ?                   
# 
loop_
_pdbx_audit_revision_history.ordinal 
_pdbx_audit_revision_history.data_content_type 
_pdbx_audit_revision_history.major_revision 
_pdbx_audit_revision_history.minor_revision 
_pdbx_audit_revision_history.revision_date 
1 'Structure model' 1 0 2011-02-23 
2 'Structure model' 1 1 2011-07-13 
3 'Structure model' 1 2 2024-02-21 
# 
_pdbx_audit_revision_details.ordinal             1 
_pdbx_audit_revision_details.revision_ordinal    1 
_pdbx_audit_revision_details.data_content_type   'Structure model' 
_pdbx_audit_revision_details.provider            repository 
_pdbx_audit_revision_details.type                'Initial release' 
_pdbx_audit_revision_details.description         ? 
_pdbx_audit_revision_details.details             ? 
# 
loop_
_pdbx_audit_revision_group.ordinal 
_pdbx_audit_revision_group.revision_ordinal 
_pdbx_audit_revision_group.data_content_type 
_pdbx_audit_revision_group.group 
1 2 'Structure model' 'Version format compliance' 
2 3 'Structure model' 'Data collection'           
3 3 'Structure model' 'Database references'       
# 
loop_
_pdbx_audit_revision_category.ordinal 
_pdbx_audit_revision_category.revision_ordinal 
_pdbx_audit_revision_category.data_content_type 
_pdbx_audit_revision_category.category 
1 3 'Structure model' chem_comp_atom     
2 3 'Structure model' chem_comp_bond     
3 3 'Structure model' database_2         
4 3 'Structure model' struct_ref_seq_dif 
# 
loop_
_pdbx_audit_revision_item.ordinal 
_pdbx_audit_revision_item.revision_ordinal 
_pdbx_audit_revision_item.data_content_type 
_pdbx_audit_revision_item.item 
1 3 'Structure model' '_database_2.pdbx_DOI'                
2 3 'Structure model' '_database_2.pdbx_database_accession' 
3 3 'Structure model' '_struct_ref_seq_dif.details'         
# 
_pdbx_database_status.status_code                     REL 
_pdbx_database_status.entry_id                        3NXC 
_pdbx_database_status.recvd_initial_deposition_date   2010-07-13 
_pdbx_database_status.deposit_site                    RCSB 
_pdbx_database_status.process_site                    RCSB 
_pdbx_database_status.status_code_sf                  REL 
_pdbx_database_status.status_code_mr                  ? 
_pdbx_database_status.SG_entry                        ? 
_pdbx_database_status.status_code_cs                  ? 
_pdbx_database_status.pdb_format_compatible           Y 
_pdbx_database_status.status_code_nmr_data            ? 
_pdbx_database_status.methods_development_category    ? 
# 
loop_
_audit_author.name 
_audit_author.pdbx_ordinal 
'Tonthat, N.K.'    1 
'Schumacher, M.A.' 2 
# 
_citation.id                        primary 
_citation.title                     'Molecular mechanism by which the nucleoid occlusion factor, SlmA, keeps cytokinesis in check.' 
_citation.journal_abbrev            'Embo J.' 
_citation.journal_volume            30 
_citation.page_first                154 
_citation.page_last                 164 
_citation.year                      2011 
_citation.journal_id_ASTM           EMJODG 
_citation.country                   UK 
_citation.journal_id_ISSN           0261-4189 
_citation.journal_id_CSD            0897 
_citation.book_publisher            ? 
_citation.pdbx_database_id_PubMed   21113127 
_citation.pdbx_database_id_DOI      10.1038/emboj.2010.288 
# 
loop_
_citation_author.citation_id 
_citation_author.name 
_citation_author.ordinal 
_citation_author.identifier_ORCID 
primary 'Tonthat, N.K.'    1 ? 
primary 'Arold, S.T.'      2 ? 
primary 'Pickering, B.F.'  3 ? 
primary 'Van Dyke, M.W.'   4 ? 
primary 'Liang, S.'        5 ? 
primary 'Lu, Y.'           6 ? 
primary 'Beuria, T.K.'     7 ? 
primary 'Margolin, W.'     8 ? 
primary 'Schumacher, M.A.' 9 ? 
# 
loop_
_entity.id 
_entity.type 
_entity.src_method 
_entity.pdbx_description 
_entity.formula_weight 
_entity.pdbx_number_of_molecules 
_entity.pdbx_ec 
_entity.pdbx_mutation 
_entity.pdbx_fragment 
_entity.details 
1 polymer man 'HTH-type protein slmA' 24321.148 1  ? ? 'unp residues 1-198' ? 
2 water   nat water                   18.015    13 ? ? ?                    ? 
# 
_entity_poly.entity_id                      1 
_entity_poly.type                           'polypeptide(L)' 
_entity_poly.nstd_linkage                   no 
_entity_poly.nstd_monomer                   no 
_entity_poly.pdbx_seq_one_letter_code       
;MPPGKCLFSGVFCNMAEKQTAKRNRREEILQSLALMLESSDGSQRITTAKLAASVGVSEAALYRHFPSKTRMFDSLIEFI
EDSLITRINLILKDEKDTTARLRLIVLLLLGFGERNPGLTRILTGHALMFEQDRLQGRINQLFERIEAQLRQVLREKRMR
EGEGYATDETLLASQILAFCEGMLSRFVRSEFKYRPTDDFDARWPLIAAQLQ
;
_entity_poly.pdbx_seq_one_letter_code_can   
;MPPGKCLFSGVFCNMAEKQTAKRNRREEILQSLALMLESSDGSQRITTAKLAASVGVSEAALYRHFPSKTRMFDSLIEFI
EDSLITRINLILKDEKDTTARLRLIVLLLLGFGERNPGLTRILTGHALMFEQDRLQGRINQLFERIEAQLRQVLREKRMR
EGEGYATDETLLASQILAFCEGMLSRFVRSEFKYRPTDDFDARWPLIAAQLQ
;
_entity_poly.pdbx_strand_id                 A 
_entity_poly.pdbx_target_identifier         ? 
# 
_pdbx_entity_nonpoly.entity_id   2 
_pdbx_entity_nonpoly.name        water 
_pdbx_entity_nonpoly.comp_id     HOH 
# 
loop_
_entity_poly_seq.entity_id 
_entity_poly_seq.num 
_entity_poly_seq.mon_id 
_entity_poly_seq.hetero 
1 1   MET n 
1 2   PRO n 
1 3   PRO n 
1 4   GLY n 
1 5   LYS n 
1 6   CYS n 
1 7   LEU n 
1 8   PHE n 
1 9   SER n 
1 10  GLY n 
1 11  VAL n 
1 12  PHE n 
1 13  CYS n 
1 14  ASN n 
1 15  MET n 
1 16  ALA n 
1 17  GLU n 
1 18  LYS n 
1 19  GLN n 
1 20  THR n 
1 21  ALA n 
1 22  LYS n 
1 23  ARG n 
1 24  ASN n 
1 25  ARG n 
1 26  ARG n 
1 27  GLU n 
1 28  GLU n 
1 29  ILE n 
1 30  LEU n 
1 31  GLN n 
1 32  SER n 
1 33  LEU n 
1 34  ALA n 
1 35  LEU n 
1 36  MET n 
1 37  LEU n 
1 38  GLU n 
1 39  SER n 
1 40  SER n 
1 41  ASP n 
1 42  GLY n 
1 43  SER n 
1 44  GLN n 
1 45  ARG n 
1 46  ILE n 
1 47  THR n 
1 48  THR n 
1 49  ALA n 
1 50  LYS n 
1 51  LEU n 
1 52  ALA n 
1 53  ALA n 
1 54  SER n 
1 55  VAL n 
1 56  GLY n 
1 57  VAL n 
1 58  SER n 
1 59  GLU n 
1 60  ALA n 
1 61  ALA n 
1 62  LEU n 
1 63  TYR n 
1 64  ARG n 
1 65  HIS n 
1 66  PHE n 
1 67  PRO n 
1 68  SER n 
1 69  LYS n 
1 70  THR n 
1 71  ARG n 
1 72  MET n 
1 73  PHE n 
1 74  ASP n 
1 75  SER n 
1 76  LEU n 
1 77  ILE n 
1 78  GLU n 
1 79  PHE n 
1 80  ILE n 
1 81  GLU n 
1 82  ASP n 
1 83  SER n 
1 84  LEU n 
1 85  ILE n 
1 86  THR n 
1 87  ARG n 
1 88  ILE n 
1 89  ASN n 
1 90  LEU n 
1 91  ILE n 
1 92  LEU n 
1 93  LYS n 
1 94  ASP n 
1 95  GLU n 
1 96  LYS n 
1 97  ASP n 
1 98  THR n 
1 99  THR n 
1 100 ALA n 
1 101 ARG n 
1 102 LEU n 
1 103 ARG n 
1 104 LEU n 
1 105 ILE n 
1 106 VAL n 
1 107 LEU n 
1 108 LEU n 
1 109 LEU n 
1 110 LEU n 
1 111 GLY n 
1 112 PHE n 
1 113 GLY n 
1 114 GLU n 
1 115 ARG n 
1 116 ASN n 
1 117 PRO n 
1 118 GLY n 
1 119 LEU n 
1 120 THR n 
1 121 ARG n 
1 122 ILE n 
1 123 LEU n 
1 124 THR n 
1 125 GLY n 
1 126 HIS n 
1 127 ALA n 
1 128 LEU n 
1 129 MET n 
1 130 PHE n 
1 131 GLU n 
1 132 GLN n 
1 133 ASP n 
1 134 ARG n 
1 135 LEU n 
1 136 GLN n 
1 137 GLY n 
1 138 ARG n 
1 139 ILE n 
1 140 ASN n 
1 141 GLN n 
1 142 LEU n 
1 143 PHE n 
1 144 GLU n 
1 145 ARG n 
1 146 ILE n 
1 147 GLU n 
1 148 ALA n 
1 149 GLN n 
1 150 LEU n 
1 151 ARG n 
1 152 GLN n 
1 153 VAL n 
1 154 LEU n 
1 155 ARG n 
1 156 GLU n 
1 157 LYS n 
1 158 ARG n 
1 159 MET n 
1 160 ARG n 
1 161 GLU n 
1 162 GLY n 
1 163 GLU n 
1 164 GLY n 
1 165 TYR n 
1 166 ALA n 
1 167 THR n 
1 168 ASP n 
1 169 GLU n 
1 170 THR n 
1 171 LEU n 
1 172 LEU n 
1 173 ALA n 
1 174 SER n 
1 175 GLN n 
1 176 ILE n 
1 177 LEU n 
1 178 ALA n 
1 179 PHE n 
1 180 CYS n 
1 181 GLU n 
1 182 GLY n 
1 183 MET n 
1 184 LEU n 
1 185 SER n 
1 186 ARG n 
1 187 PHE n 
1 188 VAL n 
1 189 ARG n 
1 190 SER n 
1 191 GLU n 
1 192 PHE n 
1 193 LYS n 
1 194 TYR n 
1 195 ARG n 
1 196 PRO n 
1 197 THR n 
1 198 ASP n 
1 199 ASP n 
1 200 PHE n 
1 201 ASP n 
1 202 ALA n 
1 203 ARG n 
1 204 TRP n 
1 205 PRO n 
1 206 LEU n 
1 207 ILE n 
1 208 ALA n 
1 209 ALA n 
1 210 GLN n 
1 211 LEU n 
1 212 GLN n 
# 
_entity_src_gen.entity_id                          1 
_entity_src_gen.pdbx_src_id                        1 
_entity_src_gen.pdbx_alt_source_flag               sample 
_entity_src_gen.pdbx_seq_type                      ? 
_entity_src_gen.pdbx_beg_seq_num                   ? 
_entity_src_gen.pdbx_end_seq_num                   ? 
_entity_src_gen.gene_src_common_name               ? 
_entity_src_gen.gene_src_genus                     ? 
_entity_src_gen.pdbx_gene_src_gene                 'ttk, APECO1_2820, Ecok1_36180' 
_entity_src_gen.gene_src_species                   ? 
_entity_src_gen.gene_src_strain                    K12 
_entity_src_gen.gene_src_tissue                    ? 
_entity_src_gen.gene_src_tissue_fraction           ? 
_entity_src_gen.gene_src_details                   ? 
_entity_src_gen.pdbx_gene_src_fragment             ? 
_entity_src_gen.pdbx_gene_src_scientific_name      'Escherichia coli' 
_entity_src_gen.pdbx_gene_src_ncbi_taxonomy_id     83333 
_entity_src_gen.pdbx_gene_src_variant              ? 
_entity_src_gen.pdbx_gene_src_cell_line            ? 
_entity_src_gen.pdbx_gene_src_atcc                 ? 
_entity_src_gen.pdbx_gene_src_organ                ? 
_entity_src_gen.pdbx_gene_src_organelle            ? 
_entity_src_gen.pdbx_gene_src_cell                 ? 
_entity_src_gen.pdbx_gene_src_cellular_location    ? 
_entity_src_gen.host_org_common_name               ? 
_entity_src_gen.pdbx_host_org_scientific_name      'Escherichia coli' 
_entity_src_gen.pdbx_host_org_ncbi_taxonomy_id     469008 
_entity_src_gen.host_org_genus                     ? 
_entity_src_gen.pdbx_host_org_gene                 ? 
_entity_src_gen.pdbx_host_org_organ                ? 
_entity_src_gen.host_org_species                   ? 
_entity_src_gen.pdbx_host_org_tissue               ? 
_entity_src_gen.pdbx_host_org_tissue_fraction      ? 
_entity_src_gen.pdbx_host_org_strain               'BL21 DE3' 
_entity_src_gen.pdbx_host_org_variant              ? 
_entity_src_gen.pdbx_host_org_cell_line            ? 
_entity_src_gen.pdbx_host_org_atcc                 ? 
_entity_src_gen.pdbx_host_org_culture_collection   ? 
_entity_src_gen.pdbx_host_org_cell                 ? 
_entity_src_gen.pdbx_host_org_organelle            ? 
_entity_src_gen.pdbx_host_org_cellular_location    ? 
_entity_src_gen.pdbx_host_org_vector_type          Plasmid 
_entity_src_gen.pdbx_host_org_vector               ? 
_entity_src_gen.host_org_details                   ? 
_entity_src_gen.expression_system_id               ? 
_entity_src_gen.plasmid_name                       pET15b 
_entity_src_gen.plasmid_details                    ? 
_entity_src_gen.pdbx_description                   ? 
# 
loop_
_chem_comp.id 
_chem_comp.type 
_chem_comp.mon_nstd_flag 
_chem_comp.name 
_chem_comp.pdbx_synonyms 
_chem_comp.formula 
_chem_comp.formula_weight 
ALA 'L-peptide linking' y ALANINE         ? 'C3 H7 N O2'     89.093  
ARG 'L-peptide linking' y ARGININE        ? 'C6 H15 N4 O2 1' 175.209 
ASN 'L-peptide linking' y ASPARAGINE      ? 'C4 H8 N2 O3'    132.118 
ASP 'L-peptide linking' y 'ASPARTIC ACID' ? 'C4 H7 N O4'     133.103 
CYS 'L-peptide linking' y CYSTEINE        ? 'C3 H7 N O2 S'   121.158 
GLN 'L-peptide linking' y GLUTAMINE       ? 'C5 H10 N2 O3'   146.144 
GLU 'L-peptide linking' y 'GLUTAMIC ACID' ? 'C5 H9 N O4'     147.129 
GLY 'peptide linking'   y GLYCINE         ? 'C2 H5 N O2'     75.067  
HIS 'L-peptide linking' y HISTIDINE       ? 'C6 H10 N3 O2 1' 156.162 
HOH non-polymer         . WATER           ? 'H2 O'           18.015  
ILE 'L-peptide linking' y ISOLEUCINE      ? 'C6 H13 N O2'    131.173 
LEU 'L-peptide linking' y LEUCINE         ? 'C6 H13 N O2'    131.173 
LYS 'L-peptide linking' y LYSINE          ? 'C6 H15 N2 O2 1' 147.195 
MET 'L-peptide linking' y METHIONINE      ? 'C5 H11 N O2 S'  149.211 
PHE 'L-peptide linking' y PHENYLALANINE   ? 'C9 H11 N O2'    165.189 
PRO 'L-peptide linking' y PROLINE         ? 'C5 H9 N O2'     115.130 
SER 'L-peptide linking' y SERINE          ? 'C3 H7 N O3'     105.093 
THR 'L-peptide linking' y THREONINE       ? 'C4 H9 N O3'     119.119 
TRP 'L-peptide linking' y TRYPTOPHAN      ? 'C11 H12 N2 O2'  204.225 
TYR 'L-peptide linking' y TYROSINE        ? 'C9 H11 N O3'    181.189 
VAL 'L-peptide linking' y VALINE          ? 'C5 H11 N O2'    117.146 
# 
loop_
_pdbx_poly_seq_scheme.asym_id 
_pdbx_poly_seq_scheme.entity_id 
_pdbx_poly_seq_scheme.seq_id 
_pdbx_poly_seq_scheme.mon_id 
_pdbx_poly_seq_scheme.ndb_seq_num 
_pdbx_poly_seq_scheme.pdb_seq_num 
_pdbx_poly_seq_scheme.auth_seq_num 
_pdbx_poly_seq_scheme.pdb_mon_id 
_pdbx_poly_seq_scheme.auth_mon_id 
_pdbx_poly_seq_scheme.pdb_strand_id 
_pdbx_poly_seq_scheme.pdb_ins_code 
_pdbx_poly_seq_scheme.hetero 
A 1 1   MET 1   1   ?   ?   ?   A . n 
A 1 2   PRO 2   2   ?   ?   ?   A . n 
A 1 3   PRO 3   3   ?   ?   ?   A . n 
A 1 4   GLY 4   4   ?   ?   ?   A . n 
A 1 5   LYS 5   5   ?   ?   ?   A . n 
A 1 6   CYS 6   6   ?   ?   ?   A . n 
A 1 7   LEU 7   7   ?   ?   ?   A . n 
A 1 8   PHE 8   8   ?   ?   ?   A . n 
A 1 9   SER 9   9   ?   ?   ?   A . n 
A 1 10  GLY 10  10  ?   ?   ?   A . n 
A 1 11  VAL 11  11  ?   ?   ?   A . n 
A 1 12  PHE 12  12  ?   ?   ?   A . n 
A 1 13  CYS 13  13  ?   ?   ?   A . n 
A 1 14  ASN 14  14  ?   ?   ?   A . n 
A 1 15  MET 15  15  ?   ?   ?   A . n 
A 1 16  ALA 16  16  ?   ?   ?   A . n 
A 1 17  GLU 17  17  ?   ?   ?   A . n 
A 1 18  LYS 18  18  ?   ?   ?   A . n 
A 1 19  GLN 19  19  ?   ?   ?   A . n 
A 1 20  THR 20  20  ?   ?   ?   A . n 
A 1 21  ALA 21  21  ?   ?   ?   A . n 
A 1 22  LYS 22  22  ?   ?   ?   A . n 
A 1 23  ARG 23  23  23  ARG ARG A . n 
A 1 24  ASN 24  24  24  ASN ASN A . n 
A 1 25  ARG 25  25  25  ARG ARG A . n 
A 1 26  ARG 26  26  26  ARG ARG A . n 
A 1 27  GLU 27  27  27  GLU GLU A . n 
A 1 28  GLU 28  28  28  GLU GLU A . n 
A 1 29  ILE 29  29  29  ILE ILE A . n 
A 1 30  LEU 30  30  30  LEU LEU A . n 
A 1 31  GLN 31  31  31  GLN GLN A . n 
A 1 32  SER 32  32  32  SER SER A . n 
A 1 33  LEU 33  33  33  LEU LEU A . n 
A 1 34  ALA 34  34  34  ALA ALA A . n 
A 1 35  LEU 35  35  35  LEU LEU A . n 
A 1 36  MET 36  36  36  MET MET A . n 
A 1 37  LEU 37  37  37  LEU LEU A . n 
A 1 38  GLU 38  38  38  GLU GLU A . n 
A 1 39  SER 39  39  39  SER SER A . n 
A 1 40  SER 40  40  ?   ?   ?   A . n 
A 1 41  ASP 41  41  ?   ?   ?   A . n 
A 1 42  GLY 42  42  ?   ?   ?   A . n 
A 1 43  SER 43  43  ?   ?   ?   A . n 
A 1 44  GLN 44  44  ?   ?   ?   A . n 
A 1 45  ARG 45  45  ?   ?   ?   A . n 
A 1 46  ILE 46  46  46  ILE ILE A . n 
A 1 47  THR 47  47  47  THR THR A . n 
A 1 48  THR 48  48  48  THR THR A . n 
A 1 49  ALA 49  49  49  ALA ALA A . n 
A 1 50  LYS 50  50  50  LYS LYS A . n 
A 1 51  LEU 51  51  51  LEU LEU A . n 
A 1 52  ALA 52  52  52  ALA ALA A . n 
A 1 53  ALA 53  53  53  ALA ALA A . n 
A 1 54  SER 54  54  54  SER SER A . n 
A 1 55  VAL 55  55  55  VAL VAL A . n 
A 1 56  GLY 56  56  56  GLY GLY A . n 
A 1 57  VAL 57  57  57  VAL VAL A . n 
A 1 58  SER 58  58  58  SER SER A . n 
A 1 59  GLU 59  59  59  GLU GLU A . n 
A 1 60  ALA 60  60  60  ALA ALA A . n 
A 1 61  ALA 61  61  61  ALA ALA A . n 
A 1 62  LEU 62  62  62  LEU LEU A . n 
A 1 63  TYR 63  63  63  TYR TYR A . n 
A 1 64  ARG 64  64  64  ARG ARG A . n 
A 1 65  HIS 65  65  65  HIS HIS A . n 
A 1 66  PHE 66  66  66  PHE PHE A . n 
A 1 67  PRO 67  67  67  PRO PRO A . n 
A 1 68  SER 68  68  68  SER SER A . n 
A 1 69  LYS 69  69  69  LYS LYS A . n 
A 1 70  THR 70  70  70  THR THR A . n 
A 1 71  ARG 71  71  71  ARG ARG A . n 
A 1 72  MET 72  72  72  MET MET A . n 
A 1 73  PHE 73  73  73  PHE PHE A . n 
A 1 74  ASP 74  74  74  ASP ASP A . n 
A 1 75  SER 75  75  75  SER SER A . n 
A 1 76  LEU 76  76  76  LEU LEU A . n 
A 1 77  ILE 77  77  77  ILE ILE A . n 
A 1 78  GLU 78  78  78  GLU GLU A . n 
A 1 79  PHE 79  79  79  PHE PHE A . n 
A 1 80  ILE 80  80  80  ILE ILE A . n 
A 1 81  GLU 81  81  81  GLU GLU A . n 
A 1 82  ASP 82  82  82  ASP ASP A . n 
A 1 83  SER 83  83  83  SER SER A . n 
A 1 84  LEU 84  84  84  LEU LEU A . n 
A 1 85  ILE 85  85  85  ILE ILE A . n 
A 1 86  THR 86  86  86  THR THR A . n 
A 1 87  ARG 87  87  87  ARG ARG A . n 
A 1 88  ILE 88  88  88  ILE ILE A . n 
A 1 89  ASN 89  89  89  ASN ASN A . n 
A 1 90  LEU 90  90  90  LEU LEU A . n 
A 1 91  ILE 91  91  91  ILE ILE A . n 
A 1 92  LEU 92  92  92  LEU LEU A . n 
A 1 93  LYS 93  93  93  LYS LYS A . n 
A 1 94  ASP 94  94  94  ASP ASP A . n 
A 1 95  GLU 95  95  95  GLU GLU A . n 
A 1 96  LYS 96  96  96  LYS LYS A . n 
A 1 97  ASP 97  97  97  ASP ASP A . n 
A 1 98  THR 98  98  98  THR THR A . n 
A 1 99  THR 99  99  99  THR THR A . n 
A 1 100 ALA 100 100 100 ALA ALA A . n 
A 1 101 ARG 101 101 101 ARG ARG A . n 
A 1 102 LEU 102 102 102 LEU LEU A . n 
A 1 103 ARG 103 103 103 ARG ARG A . n 
A 1 104 LEU 104 104 104 LEU LEU A . n 
A 1 105 ILE 105 105 105 ILE ILE A . n 
A 1 106 VAL 106 106 106 VAL VAL A . n 
A 1 107 LEU 107 107 107 LEU LEU A . n 
A 1 108 LEU 108 108 108 LEU LEU A . n 
A 1 109 LEU 109 109 109 LEU LEU A . n 
A 1 110 LEU 110 110 110 LEU LEU A . n 
A 1 111 GLY 111 111 111 GLY GLY A . n 
A 1 112 PHE 112 112 112 PHE PHE A . n 
A 1 113 GLY 113 113 113 GLY GLY A . n 
A 1 114 GLU 114 114 114 GLU GLU A . n 
A 1 115 ARG 115 115 115 ARG ARG A . n 
A 1 116 ASN 116 116 116 ASN ASN A . n 
A 1 117 PRO 117 117 117 PRO PRO A . n 
A 1 118 GLY 118 118 118 GLY GLY A . n 
A 1 119 LEU 119 119 119 LEU LEU A . n 
A 1 120 THR 120 120 120 THR THR A . n 
A 1 121 ARG 121 121 121 ARG ARG A . n 
A 1 122 ILE 122 122 122 ILE ILE A . n 
A 1 123 LEU 123 123 123 LEU LEU A . n 
A 1 124 THR 124 124 124 THR THR A . n 
A 1 125 GLY 125 125 125 GLY GLY A . n 
A 1 126 HIS 126 126 126 HIS HIS A . n 
A 1 127 ALA 127 127 127 ALA ALA A . n 
A 1 128 LEU 128 128 ?   ?   ?   A . n 
A 1 129 MET 129 129 ?   ?   ?   A . n 
A 1 130 PHE 130 130 ?   ?   ?   A . n 
A 1 131 GLU 131 131 ?   ?   ?   A . n 
A 1 132 GLN 132 132 ?   ?   ?   A . n 
A 1 133 ASP 133 133 ?   ?   ?   A . n 
A 1 134 ARG 134 134 134 ARG ARG A . n 
A 1 135 LEU 135 135 135 LEU LEU A . n 
A 1 136 GLN 136 136 136 GLN GLN A . n 
A 1 137 GLY 137 137 137 GLY GLY A . n 
A 1 138 ARG 138 138 138 ARG ARG A . n 
A 1 139 ILE 139 139 139 ILE ILE A . n 
A 1 140 ASN 140 140 140 ASN ASN A . n 
A 1 141 GLN 141 141 141 GLN GLN A . n 
A 1 142 LEU 142 142 142 LEU LEU A . n 
A 1 143 PHE 143 143 143 PHE PHE A . n 
A 1 144 GLU 144 144 144 GLU GLU A . n 
A 1 145 ARG 145 145 145 ARG ARG A . n 
A 1 146 ILE 146 146 146 ILE ILE A . n 
A 1 147 GLU 147 147 147 GLU GLU A . n 
A 1 148 ALA 148 148 148 ALA ALA A . n 
A 1 149 GLN 149 149 149 GLN GLN A . n 
A 1 150 LEU 150 150 150 LEU LEU A . n 
A 1 151 ARG 151 151 151 ARG ARG A . n 
A 1 152 GLN 152 152 152 GLN GLN A . n 
A 1 153 VAL 153 153 153 VAL VAL A . n 
A 1 154 LEU 154 154 154 LEU LEU A . n 
A 1 155 ARG 155 155 155 ARG ARG A . n 
A 1 156 GLU 156 156 156 GLU GLU A . n 
A 1 157 LYS 157 157 157 LYS LYS A . n 
A 1 158 ARG 158 158 158 ARG ARG A . n 
A 1 159 MET 159 159 159 MET MET A . n 
A 1 160 ARG 160 160 160 ARG ARG A . n 
A 1 161 GLU 161 161 161 GLU GLU A . n 
A 1 162 GLY 162 162 162 GLY GLY A . n 
A 1 163 GLU 163 163 ?   ?   ?   A . n 
A 1 164 GLY 164 164 164 GLY GLY A . n 
A 1 165 TYR 165 165 165 TYR TYR A . n 
A 1 166 ALA 166 166 166 ALA ALA A . n 
A 1 167 THR 167 167 167 THR THR A . n 
A 1 168 ASP 168 168 168 ASP ASP A . n 
A 1 169 GLU 169 169 169 GLU GLU A . n 
A 1 170 THR 170 170 170 THR THR A . n 
A 1 171 LEU 171 171 171 LEU LEU A . n 
A 1 172 LEU 172 172 172 LEU LEU A . n 
A 1 173 ALA 173 173 173 ALA ALA A . n 
A 1 174 SER 174 174 174 SER SER A . n 
A 1 175 GLN 175 175 175 GLN GLN A . n 
A 1 176 ILE 176 176 176 ILE ILE A . n 
A 1 177 LEU 177 177 177 LEU LEU A . n 
A 1 178 ALA 178 178 178 ALA ALA A . n 
A 1 179 PHE 179 179 179 PHE PHE A . n 
A 1 180 CYS 180 180 180 CYS CYS A . n 
A 1 181 GLU 181 181 181 GLU GLU A . n 
A 1 182 GLY 182 182 182 GLY GLY A . n 
A 1 183 MET 183 183 183 MET MET A . n 
A 1 184 LEU 184 184 184 LEU LEU A . n 
A 1 185 SER 185 185 185 SER SER A . n 
A 1 186 ARG 186 186 186 ARG ARG A . n 
A 1 187 PHE 187 187 187 PHE PHE A . n 
A 1 188 VAL 188 188 188 VAL VAL A . n 
A 1 189 ARG 189 189 189 ARG ARG A . n 
A 1 190 SER 190 190 190 SER SER A . n 
A 1 191 GLU 191 191 191 GLU GLU A . n 
A 1 192 PHE 192 192 192 PHE PHE A . n 
A 1 193 LYS 193 193 193 LYS LYS A . n 
A 1 194 TYR 194 194 194 TYR TYR A . n 
A 1 195 ARG 195 195 195 ARG ARG A . n 
A 1 196 PRO 196 196 196 PRO PRO A . n 
A 1 197 THR 197 197 197 THR THR A . n 
A 1 198 ASP 198 198 198 ASP ASP A . n 
A 1 199 ASP 199 199 199 ASP ASP A . n 
A 1 200 PHE 200 200 200 PHE PHE A . n 
A 1 201 ASP 201 201 201 ASP ASP A . n 
A 1 202 ALA 202 202 202 ALA ALA A . n 
A 1 203 ARG 203 203 203 ARG ARG A . n 
A 1 204 TRP 204 204 204 TRP TRP A . n 
A 1 205 PRO 205 205 205 PRO PRO A . n 
A 1 206 LEU 206 206 206 LEU LEU A . n 
A 1 207 ILE 207 207 207 ILE ILE A . n 
A 1 208 ALA 208 208 208 ALA ALA A . n 
A 1 209 ALA 209 209 209 ALA ALA A . n 
A 1 210 GLN 210 210 210 GLN GLN A . n 
A 1 211 LEU 211 211 211 LEU LEU A . n 
A 1 212 GLN 212 212 212 GLN GLN A . n 
# 
loop_
_pdbx_nonpoly_scheme.asym_id 
_pdbx_nonpoly_scheme.entity_id 
_pdbx_nonpoly_scheme.mon_id 
_pdbx_nonpoly_scheme.ndb_seq_num 
_pdbx_nonpoly_scheme.pdb_seq_num 
_pdbx_nonpoly_scheme.auth_seq_num 
_pdbx_nonpoly_scheme.pdb_mon_id 
_pdbx_nonpoly_scheme.auth_mon_id 
_pdbx_nonpoly_scheme.pdb_strand_id 
_pdbx_nonpoly_scheme.pdb_ins_code 
B 2 HOH 1  213 15 HOH HOH A . 
B 2 HOH 2  214 16 HOH HOH A . 
B 2 HOH 3  215 17 HOH HOH A . 
B 2 HOH 4  216 18 HOH HOH A . 
B 2 HOH 5  217 19 HOH HOH A . 
B 2 HOH 6  218 20 HOH HOH A . 
B 2 HOH 7  219 21 HOH HOH A . 
B 2 HOH 8  220 24 HOH HOH A . 
B 2 HOH 9  221 25 HOH HOH A . 
B 2 HOH 10 222 26 HOH HOH A . 
B 2 HOH 11 223 27 HOH HOH A . 
B 2 HOH 12 224 28 HOH HOH A . 
B 2 HOH 13 225 29 HOH HOH A . 
# 
loop_
_pdbx_unobs_or_zero_occ_atoms.id 
_pdbx_unobs_or_zero_occ_atoms.PDB_model_num 
_pdbx_unobs_or_zero_occ_atoms.polymer_flag 
_pdbx_unobs_or_zero_occ_atoms.occupancy_flag 
_pdbx_unobs_or_zero_occ_atoms.auth_asym_id 
_pdbx_unobs_or_zero_occ_atoms.auth_comp_id 
_pdbx_unobs_or_zero_occ_atoms.auth_seq_id 
_pdbx_unobs_or_zero_occ_atoms.PDB_ins_code 
_pdbx_unobs_or_zero_occ_atoms.auth_atom_id 
_pdbx_unobs_or_zero_occ_atoms.label_alt_id 
_pdbx_unobs_or_zero_occ_atoms.label_asym_id 
_pdbx_unobs_or_zero_occ_atoms.label_comp_id 
_pdbx_unobs_or_zero_occ_atoms.label_seq_id 
_pdbx_unobs_or_zero_occ_atoms.label_atom_id 
1  1 Y 1 A ARG 23  ? CG  ? A ARG 23  CG  
2  1 Y 1 A ARG 23  ? CD  ? A ARG 23  CD  
3  1 Y 1 A ARG 23  ? NE  ? A ARG 23  NE  
4  1 Y 1 A ARG 23  ? CZ  ? A ARG 23  CZ  
5  1 Y 1 A ARG 23  ? NH1 ? A ARG 23  NH1 
6  1 Y 1 A ARG 23  ? NH2 ? A ARG 23  NH2 
7  1 Y 0 A ARG 23  ? CB  ? A ARG 23  CB  
8  1 Y 1 A ASN 24  ? CG  ? A ASN 24  CG  
9  1 Y 1 A ASN 24  ? OD1 ? A ASN 24  OD1 
10 1 Y 1 A ASN 24  ? ND2 ? A ASN 24  ND2 
11 1 Y 1 A ILE 46  ? CG1 ? A ILE 46  CG1 
12 1 Y 1 A ILE 46  ? CG2 ? A ILE 46  CG2 
13 1 Y 1 A ILE 46  ? CD1 ? A ILE 46  CD1 
14 1 Y 1 A ARG 64  ? CG  ? A ARG 64  CG  
15 1 Y 1 A ARG 64  ? CD  ? A ARG 64  CD  
16 1 Y 1 A ARG 64  ? NE  ? A ARG 64  NE  
17 1 Y 1 A ARG 64  ? CZ  ? A ARG 64  CZ  
18 1 Y 1 A ARG 64  ? NH1 ? A ARG 64  NH1 
19 1 Y 1 A ARG 64  ? NH2 ? A ARG 64  NH2 
20 1 Y 1 A LEU 135 ? CG  ? A LEU 135 CG  
21 1 Y 1 A LEU 135 ? CD1 ? A LEU 135 CD1 
22 1 Y 1 A LEU 135 ? CD2 ? A LEU 135 CD2 
23 1 Y 1 A GLU 156 ? CG  ? A GLU 156 CG  
24 1 Y 1 A GLU 156 ? CD  ? A GLU 156 CD  
25 1 Y 1 A GLU 156 ? OE1 ? A GLU 156 OE1 
26 1 Y 1 A GLU 156 ? OE2 ? A GLU 156 OE2 
27 1 Y 1 A LYS 193 ? CG  ? A LYS 193 CG  
28 1 Y 1 A LYS 193 ? CD  ? A LYS 193 CD  
29 1 Y 1 A LYS 193 ? CE  ? A LYS 193 CE  
30 1 Y 1 A LYS 193 ? NZ  ? A LYS 193 NZ  
# 
loop_
_software.name 
_software.classification 
_software.version 
_software.citation_id 
_software.pdbx_ordinal 
ADSC   'data collection' Quantum ? 1 
SOLVE  phasing           .       ? 2 
CNS    refinement        1.2     ? 3 
MOSFLM 'data reduction'  .       ? 4 
SCALA  'data scaling'    .       ? 5 
# 
_cell.entry_id           3NXC 
_cell.length_a           50.380 
_cell.length_b           50.380 
_cell.length_c           121.320 
_cell.angle_alpha        90.00 
_cell.angle_beta         90.00 
_cell.angle_gamma        120.00 
_cell.Z_PDB              6 
_cell.pdbx_unique_axis   ? 
_cell.length_a_esd       ? 
_cell.length_b_esd       ? 
_cell.length_c_esd       ? 
_cell.angle_alpha_esd    ? 
_cell.angle_beta_esd     ? 
_cell.angle_gamma_esd    ? 
# 
_symmetry.entry_id                         3NXC 
_symmetry.space_group_name_H-M             'P 32 2 1' 
_symmetry.pdbx_full_space_group_name_H-M   ? 
_symmetry.cell_setting                     ? 
_symmetry.Int_Tables_number                154 
_symmetry.space_group_name_Hall            ? 
# 
_exptl.entry_id          3NXC 
_exptl.method            'X-RAY DIFFRACTION' 
_exptl.crystals_number   1 
# 
_exptl_crystal.id                    1 
_exptl_crystal.density_meas          ? 
_exptl_crystal.density_Matthews      1.83 
_exptl_crystal.density_percent_sol   32.69 
_exptl_crystal.description           ? 
_exptl_crystal.F_000                 ? 
_exptl_crystal.preparation           ? 
# 
_exptl_crystal_grow.crystal_id      1 
_exptl_crystal_grow.method          'VAPOR DIFFUSION, HANGING DROP' 
_exptl_crystal_grow.temp            287 
_exptl_crystal_grow.temp_details    ? 
_exptl_crystal_grow.pH              8.5 
_exptl_crystal_grow.pdbx_pH_range   ? 
_exptl_crystal_grow.pdbx_details    '100 mM Tris pH 8.5, 10% PEG 400, 58 mM LiSO4, VAPOR DIFFUSION, HANGING DROP, temperature 287K' 
# 
_diffrn.id                     1 
_diffrn.ambient_temp           298 
_diffrn.ambient_temp_details   ? 
_diffrn.crystal_id             1 
# 
_diffrn_detector.diffrn_id              1 
_diffrn_detector.detector               CCD 
_diffrn_detector.type                   'ADSC QUANTUM 315r' 
_diffrn_detector.pdbx_collection_date   2008-10-12 
_diffrn_detector.details                'KOHZU: Double Crystal Si(111)' 
# 
_diffrn_radiation.diffrn_id                        1 
_diffrn_radiation.wavelength_id                    1 
_diffrn_radiation.pdbx_monochromatic_or_laue_m_l   M 
_diffrn_radiation.monochromator                    'KHOZU Double flat crystal' 
_diffrn_radiation.pdbx_diffrn_protocol             MAD 
_diffrn_radiation.pdbx_scattering_type             x-ray 
# 
loop_
_diffrn_radiation_wavelength.id 
_diffrn_radiation_wavelength.wavelength 
_diffrn_radiation_wavelength.wt 
1 0.9795  1.0 
2 0.97953 1.0 
3 0.95372 1.0 
# 
_diffrn_source.diffrn_id                   1 
_diffrn_source.source                      SYNCHROTRON 
_diffrn_source.type                        'ALS BEAMLINE 8.3.1' 
_diffrn_source.pdbx_synchrotron_site       ALS 
_diffrn_source.pdbx_synchrotron_beamline   8.3.1 
_diffrn_source.pdbx_wavelength             ? 
_diffrn_source.pdbx_wavelength_list        '0.9795, 0.97953, 0.95372' 
# 
_reflns.entry_id                     3NXC 
_reflns.observed_criterion_sigma_I   3 
_reflns.observed_criterion_sigma_F   3 
_reflns.d_resolution_low             43.727 
_reflns.d_resolution_high            2.5 
_reflns.number_obs                   6647 
_reflns.number_all                   ? 
_reflns.percent_possible_obs         99.4 
_reflns.pdbx_Rmerge_I_obs            0.109 
_reflns.pdbx_Rsym_value              ? 
_reflns.pdbx_netI_over_sigmaI        18.800 
_reflns.B_iso_Wilson_estimate        28.4 
_reflns.pdbx_redundancy              6.6 
_reflns.R_free_details               ? 
_reflns.limit_h_max                  ? 
_reflns.limit_h_min                  ? 
_reflns.limit_k_max                  ? 
_reflns.limit_k_min                  ? 
_reflns.limit_l_max                  ? 
_reflns.limit_l_min                  ? 
_reflns.observed_criterion_F_max     ? 
_reflns.observed_criterion_F_min     ? 
_reflns.pdbx_chi_squared             ? 
_reflns.pdbx_scaling_rejects         ? 
_reflns.pdbx_diffrn_id               1 
_reflns.pdbx_ordinal                 1 
# 
_reflns_shell.d_res_high             2.5 
_reflns_shell.d_res_low              2.5 
_reflns_shell.percent_possible_all   99.4 
_reflns_shell.Rmerge_I_obs           .421 
_reflns_shell.pdbx_Rsym_value        ? 
_reflns_shell.meanI_over_sigI_obs    4.1 
_reflns_shell.pdbx_redundancy        7 
_reflns_shell.percent_possible_obs   ? 
_reflns_shell.number_unique_all      ? 
_reflns_shell.number_measured_all    ? 
_reflns_shell.number_measured_obs    ? 
_reflns_shell.number_unique_obs      ? 
_reflns_shell.pdbx_chi_squared       ? 
_reflns_shell.pdbx_diffrn_id         ? 
_reflns_shell.pdbx_ordinal           1 
# 
_refine.pdbx_refine_id                           'X-RAY DIFFRACTION' 
_refine.entry_id                                 3NXC 
_refine.ls_number_reflns_obs                     6647 
_refine.ls_number_reflns_all                     6647 
_refine.pdbx_ls_sigma_I                          ? 
_refine.pdbx_ls_sigma_F                          0.00 
_refine.pdbx_data_cutoff_high_absF               ? 
_refine.pdbx_data_cutoff_low_absF                ? 
_refine.pdbx_data_cutoff_high_rms_absF           ? 
_refine.ls_d_res_low                             43.727 
_refine.ls_d_res_high                            2.500 
_refine.ls_percent_reflns_obs                    71.600 
_refine.ls_R_factor_obs                          0.224 
_refine.ls_R_factor_all                          ? 
_refine.ls_R_factor_R_work                       0.224 
_refine.ls_R_factor_R_free                       0.265 
_refine.ls_R_factor_R_free_error                 ? 
_refine.ls_R_factor_R_free_error_details         ? 
_refine.ls_percent_reflns_R_free                 ? 
_refine.ls_number_reflns_R_free                  892 
_refine.ls_number_parameters                     ? 
_refine.ls_number_restraints                     ? 
_refine.occupancy_min                            ? 
_refine.occupancy_max                            ? 
_refine.correlation_coeff_Fo_to_Fc               ? 
_refine.correlation_coeff_Fo_to_Fc_free          ? 
_refine.B_iso_mean                               31.078 
_refine.aniso_B[1][1]                            2.554 
_refine.aniso_B[2][2]                            2.554 
_refine.aniso_B[3][3]                            -5.108 
_refine.aniso_B[1][2]                            0.000 
_refine.aniso_B[1][3]                            0.000 
_refine.aniso_B[2][3]                            0.000 
_refine.solvent_model_details                    ? 
_refine.solvent_model_param_ksol                 ? 
_refine.solvent_model_param_bsol                 ? 
_refine.pdbx_solvent_vdw_probe_radii             ? 
_refine.pdbx_solvent_ion_probe_radii             ? 
_refine.pdbx_solvent_shrinkage_radii             ? 
_refine.pdbx_ls_cross_valid_method               ? 
_refine.details                                  ? 
_refine.pdbx_starting_model                      ? 
_refine.pdbx_method_to_determine_struct          MAD 
_refine.pdbx_isotropic_thermal_model             ? 
_refine.pdbx_stereochemistry_target_values       ? 
_refine.pdbx_stereochem_target_val_spec_case     ? 
_refine.pdbx_R_Free_selection_details            random 
_refine.pdbx_overall_ESU_R_Free                  ? 
_refine.overall_SU_ML                            ? 
_refine.pdbx_overall_phase_error                 ? 
_refine.overall_SU_B                             ? 
_refine.overall_SU_R_Cruickshank_DPI             ? 
_refine.pdbx_overall_SU_R_free_Cruickshank_DPI   ? 
_refine.pdbx_overall_SU_R_Blow_DPI               ? 
_refine.pdbx_overall_SU_R_free_Blow_DPI          ? 
_refine.ls_redundancy_reflns_obs                 ? 
_refine.B_iso_min                                ? 
_refine.B_iso_max                                ? 
_refine.overall_SU_R_free                        ? 
_refine.ls_wR_factor_R_free                      ? 
_refine.ls_wR_factor_R_work                      ? 
_refine.overall_FOM_free_R_set                   ? 
_refine.overall_FOM_work_R_set                   ? 
_refine.pdbx_overall_ESU_R                       ? 
_refine.pdbx_diffrn_id                           1 
_refine.pdbx_TLS_residual_ADP_flag               ? 
# 
_refine_hist.pdbx_refine_id                   'X-RAY DIFFRACTION' 
_refine_hist.cycle_id                         LAST 
_refine_hist.pdbx_number_atoms_protein        1406 
_refine_hist.pdbx_number_atoms_nucleic_acid   0 
_refine_hist.pdbx_number_atoms_ligand         0 
_refine_hist.number_atoms_solvent             13 
_refine_hist.number_atoms_total               1419 
_refine_hist.d_res_high                       2.500 
_refine_hist.d_res_low                        43.727 
# 
loop_
_refine_ls_restr.type 
_refine_ls_restr.dev_ideal 
_refine_ls_restr.dev_ideal_target 
_refine_ls_restr.weight 
_refine_ls_restr.number 
_refine_ls_restr.pdbx_refine_id 
_refine_ls_restr.pdbx_restraint_function 
c_bond_d                0.008 ? ? ? 'X-RAY DIFFRACTION' ? 
c_bond_d_na             ?     ? ? ? 'X-RAY DIFFRACTION' ? 
c_bond_d_prot           ?     ? ? ? 'X-RAY DIFFRACTION' ? 
c_angle_d               ?     ? ? ? 'X-RAY DIFFRACTION' ? 
c_angle_d_na            ?     ? ? ? 'X-RAY DIFFRACTION' ? 
c_angle_d_prot          ?     ? ? ? 'X-RAY DIFFRACTION' ? 
c_angle_deg             1.47  ? ? ? 'X-RAY DIFFRACTION' ? 
c_angle_deg_na          ?     ? ? ? 'X-RAY DIFFRACTION' ? 
c_angle_deg_prot        ?     ? ? ? 'X-RAY DIFFRACTION' ? 
c_dihedral_angle_d      ?     ? ? ? 'X-RAY DIFFRACTION' ? 
c_dihedral_angle_d_na   ?     ? ? ? 'X-RAY DIFFRACTION' ? 
c_dihedral_angle_d_prot ?     ? ? ? 'X-RAY DIFFRACTION' ? 
c_improper_angle_d      ?     ? ? ? 'X-RAY DIFFRACTION' ? 
c_improper_angle_d_na   ?     ? ? ? 'X-RAY DIFFRACTION' ? 
c_improper_angle_d_prot ?     ? ? ? 'X-RAY DIFFRACTION' ? 
c_mcbond_it             ?     ? ? ? 'X-RAY DIFFRACTION' ? 
c_mcangle_it            ?     ? ? ? 'X-RAY DIFFRACTION' ? 
c_scbond_it             ?     ? ? ? 'X-RAY DIFFRACTION' ? 
c_scangle_it            ?     ? ? ? 'X-RAY DIFFRACTION' ? 
# 
_struct.entry_id                  3NXC 
_struct.title                     
'Molecular mechanism by which the Escherichia coli nucleoid occlusion factor, SlmA, keeps cytokinesis in check' 
_struct.pdbx_model_details        ? 
_struct.pdbx_CASP_flag            ? 
_struct.pdbx_model_type_details   ? 
# 
_struct_keywords.entry_id        3NXC 
_struct_keywords.pdbx_keywords   'DNA BINDING PROTEIN' 
_struct_keywords.text            'nucleoid occlusion, cell division, TetR family member, DNA BINDING PROTEIN' 
# 
loop_
_struct_asym.id 
_struct_asym.pdbx_blank_PDB_chainid_flag 
_struct_asym.pdbx_modified 
_struct_asym.entity_id 
_struct_asym.details 
A N N 1 ? 
B N N 2 ? 
# 
_struct_ref.id                         1 
_struct_ref.db_name                    UNP 
_struct_ref.db_code                    A1AHH2_ECOK1 
_struct_ref.pdbx_db_accession          A1AHH2 
_struct_ref.entity_id                  1 
_struct_ref.pdbx_seq_one_letter_code   
;MAEKQTAKRNRREEILQSLALMLESSDGSQRITTAKLAASVGVSEAALYRHFPSKTRMFDSLIEFIEDSLITRINLILKD
EKDTTARLRLIVLLLLGFGERNPGLTRILTGHALMFEQDRLQGRINQLFERIEAQLRQVLREKRMREGEGYATDETLLAS
QILAFCEGMLSRFVRSEFKYRPTDDFDARWPLIAAQLQ
;
_struct_ref.pdbx_align_begin           1 
_struct_ref.pdbx_db_isoform            ? 
# 
_struct_ref_seq.align_id                      1 
_struct_ref_seq.ref_id                        1 
_struct_ref_seq.pdbx_PDB_id_code              3NXC 
_struct_ref_seq.pdbx_strand_id                A 
_struct_ref_seq.seq_align_beg                 15 
_struct_ref_seq.pdbx_seq_align_beg_ins_code   ? 
_struct_ref_seq.seq_align_end                 212 
_struct_ref_seq.pdbx_seq_align_end_ins_code   ? 
_struct_ref_seq.pdbx_db_accession             A1AHH2 
_struct_ref_seq.db_align_beg                  1 
_struct_ref_seq.pdbx_db_align_beg_ins_code    ? 
_struct_ref_seq.db_align_end                  198 
_struct_ref_seq.pdbx_db_align_end_ins_code    ? 
_struct_ref_seq.pdbx_auth_seq_align_beg       15 
_struct_ref_seq.pdbx_auth_seq_align_end       212 
# 
loop_
_struct_ref_seq_dif.align_id 
_struct_ref_seq_dif.pdbx_pdb_id_code 
_struct_ref_seq_dif.mon_id 
_struct_ref_seq_dif.pdbx_pdb_strand_id 
_struct_ref_seq_dif.seq_num 
_struct_ref_seq_dif.pdbx_pdb_ins_code 
_struct_ref_seq_dif.pdbx_seq_db_name 
_struct_ref_seq_dif.pdbx_seq_db_accession_code 
_struct_ref_seq_dif.db_mon_id 
_struct_ref_seq_dif.pdbx_seq_db_seq_num 
_struct_ref_seq_dif.details 
_struct_ref_seq_dif.pdbx_auth_seq_num 
_struct_ref_seq_dif.pdbx_ordinal 
1 3NXC MET A 1  ? UNP A1AHH2 ? ? 'expression tag' 1  1  
1 3NXC PRO A 2  ? UNP A1AHH2 ? ? 'expression tag' 2  2  
1 3NXC PRO A 3  ? UNP A1AHH2 ? ? 'expression tag' 3  3  
1 3NXC GLY A 4  ? UNP A1AHH2 ? ? 'expression tag' 4  4  
1 3NXC LYS A 5  ? UNP A1AHH2 ? ? 'expression tag' 5  5  
1 3NXC CYS A 6  ? UNP A1AHH2 ? ? 'expression tag' 6  6  
1 3NXC LEU A 7  ? UNP A1AHH2 ? ? 'expression tag' 7  7  
1 3NXC PHE A 8  ? UNP A1AHH2 ? ? 'expression tag' 8  8  
1 3NXC SER A 9  ? UNP A1AHH2 ? ? 'expression tag' 9  9  
1 3NXC GLY A 10 ? UNP A1AHH2 ? ? 'expression tag' 10 10 
1 3NXC VAL A 11 ? UNP A1AHH2 ? ? 'expression tag' 11 11 
1 3NXC PHE A 12 ? UNP A1AHH2 ? ? 'expression tag' 12 12 
1 3NXC CYS A 13 ? UNP A1AHH2 ? ? 'expression tag' 13 13 
1 3NXC ASN A 14 ? UNP A1AHH2 ? ? 'expression tag' 14 14 
# 
_pdbx_struct_assembly.id                   1 
_pdbx_struct_assembly.details              author_and_software_defined_assembly 
_pdbx_struct_assembly.method_details       PISA 
_pdbx_struct_assembly.oligomeric_details   dimeric 
_pdbx_struct_assembly.oligomeric_count     2 
# 
loop_
_pdbx_struct_assembly_prop.biol_id 
_pdbx_struct_assembly_prop.type 
_pdbx_struct_assembly_prop.value 
_pdbx_struct_assembly_prop.details 
1 'ABSA (A^2)' 2910  ? 
1 MORE         -5    ? 
1 'SSA (A^2)'  17240 ? 
# 
_pdbx_struct_assembly_gen.assembly_id       1 
_pdbx_struct_assembly_gen.oper_expression   1,2 
_pdbx_struct_assembly_gen.asym_id_list      A,B 
# 
loop_
_pdbx_struct_oper_list.id 
_pdbx_struct_oper_list.type 
_pdbx_struct_oper_list.name 
_pdbx_struct_oper_list.symmetry_operation 
_pdbx_struct_oper_list.matrix[1][1] 
_pdbx_struct_oper_list.matrix[1][2] 
_pdbx_struct_oper_list.matrix[1][3] 
_pdbx_struct_oper_list.vector[1] 
_pdbx_struct_oper_list.matrix[2][1] 
_pdbx_struct_oper_list.matrix[2][2] 
_pdbx_struct_oper_list.matrix[2][3] 
_pdbx_struct_oper_list.vector[2] 
_pdbx_struct_oper_list.matrix[3][1] 
_pdbx_struct_oper_list.matrix[3][2] 
_pdbx_struct_oper_list.matrix[3][3] 
_pdbx_struct_oper_list.vector[3] 
1 'identity operation'         1_555 x,y,z              1.0000000000  0.0000000000 0.0000000000 0.0000000000 0.0000000000 1.0000000000 0.0000000000 0.0000000000 0.0000000000 0.0000000000 1.0000000000  0.0000000000   
2 'crystal symmetry operation' 6_765 -x+2,-x+y+1,-z+2/3 -0.5959402599 0.7710179789 0.2244693363 1.0332959610 0.7710179789 0.4712396824 0.4283274892 6.9559496799 0.2244693363 0.4283274892 -0.8752994225 -25.7526290938 
# 
_struct_biol.id        1 
_struct_biol.details   ? 
# 
loop_
_struct_conf.conf_type_id 
_struct_conf.id 
_struct_conf.pdbx_PDB_helix_id 
_struct_conf.beg_label_comp_id 
_struct_conf.beg_label_asym_id 
_struct_conf.beg_label_seq_id 
_struct_conf.pdbx_beg_PDB_ins_code 
_struct_conf.end_label_comp_id 
_struct_conf.end_label_asym_id 
_struct_conf.end_label_seq_id 
_struct_conf.pdbx_end_PDB_ins_code 
_struct_conf.beg_auth_comp_id 
_struct_conf.beg_auth_asym_id 
_struct_conf.beg_auth_seq_id 
_struct_conf.end_auth_comp_id 
_struct_conf.end_auth_asym_id 
_struct_conf.end_auth_seq_id 
_struct_conf.pdbx_PDB_helix_class 
_struct_conf.details 
_struct_conf.pdbx_PDB_helix_length 
HELX_P HELX_P1 1 ARG A 25  ? SER A 39  ? ARG A 25  SER A 39  1 ? 15 
HELX_P HELX_P2 2 THR A 47  ? VAL A 55  ? THR A 47  VAL A 55  1 ? 9  
HELX_P HELX_P3 3 SER A 58  ? ARG A 64  ? SER A 58  ARG A 64  1 ? 7  
HELX_P HELX_P4 4 SER A 68  ? GLU A 95  ? SER A 68  GLU A 95  1 ? 28 
HELX_P HELX_P5 5 ASP A 97  ? ASN A 116 ? ASP A 97  ASN A 116 1 ? 20 
HELX_P HELX_P6 6 ASN A 116 ? THR A 124 ? ASN A 116 THR A 124 1 ? 9  
HELX_P HELX_P7 7 LEU A 135 ? GLU A 156 ? LEU A 135 GLU A 156 1 ? 22 
HELX_P HELX_P8 8 ASP A 168 ? ARG A 189 ? ASP A 168 ARG A 189 1 ? 22 
HELX_P HELX_P9 9 ASP A 199 ? ALA A 209 ? ASP A 199 ALA A 209 1 ? 11 
# 
_struct_conf_type.id          HELX_P 
_struct_conf_type.criteria    ? 
_struct_conf_type.reference   ? 
# 
loop_
_pdbx_validate_close_contact.id 
_pdbx_validate_close_contact.PDB_model_num 
_pdbx_validate_close_contact.auth_atom_id_1 
_pdbx_validate_close_contact.auth_asym_id_1 
_pdbx_validate_close_contact.auth_comp_id_1 
_pdbx_validate_close_contact.auth_seq_id_1 
_pdbx_validate_close_contact.PDB_ins_code_1 
_pdbx_validate_close_contact.label_alt_id_1 
_pdbx_validate_close_contact.auth_atom_id_2 
_pdbx_validate_close_contact.auth_asym_id_2 
_pdbx_validate_close_contact.auth_comp_id_2 
_pdbx_validate_close_contact.auth_seq_id_2 
_pdbx_validate_close_contact.PDB_ins_code_2 
_pdbx_validate_close_contact.label_alt_id_2 
_pdbx_validate_close_contact.dist 
1 1 O   A ALA 52  ? ? O A VAL 55  ? ? 2.12 
2 1 O   A VAL 55  ? ? N A VAL 57  ? ? 2.15 
3 1 O   A ARG 186 ? ? N A VAL 188 ? ? 2.16 
4 1 N   A ALA 100 ? ? O A HOH 219 ? ? 2.18 
5 1 NH1 A ARG 115 ? ? O A HOH 224 ? ? 2.19 
# 
loop_
_pdbx_validate_torsion.id 
_pdbx_validate_torsion.PDB_model_num 
_pdbx_validate_torsion.auth_comp_id 
_pdbx_validate_torsion.auth_asym_id 
_pdbx_validate_torsion.auth_seq_id 
_pdbx_validate_torsion.PDB_ins_code 
_pdbx_validate_torsion.label_alt_id 
_pdbx_validate_torsion.phi 
_pdbx_validate_torsion.psi 
1  1 GLU A 38  ? ? -25.60  -76.81  
2  1 THR A 47  ? ? 150.43  104.26  
3  1 ASN A 116 ? ? -118.20 67.26   
4  1 HIS A 126 ? ? -47.89  39.14   
5  1 LEU A 135 ? ? 161.58  17.95   
6  1 GLU A 156 ? ? -62.68  13.63   
7  1 GLU A 161 ? ? 158.19  21.16   
8  1 TYR A 165 ? ? -47.96  152.69  
9  1 ARG A 186 ? ? -68.03  -103.97 
10 1 PHE A 187 ? ? 14.92   -64.52  
11 1 SER A 190 ? ? -62.01  19.28   
12 1 PHE A 192 ? ? 74.93   30.33   
13 1 LEU A 211 ? ? -97.88  41.61   
# 
loop_
_pdbx_unobs_or_zero_occ_residues.id 
_pdbx_unobs_or_zero_occ_residues.PDB_model_num 
_pdbx_unobs_or_zero_occ_residues.polymer_flag 
_pdbx_unobs_or_zero_occ_residues.occupancy_flag 
_pdbx_unobs_or_zero_occ_residues.auth_asym_id 
_pdbx_unobs_or_zero_occ_residues.auth_comp_id 
_pdbx_unobs_or_zero_occ_residues.auth_seq_id 
_pdbx_unobs_or_zero_occ_residues.PDB_ins_code 
_pdbx_unobs_or_zero_occ_residues.label_asym_id 
_pdbx_unobs_or_zero_occ_residues.label_comp_id 
_pdbx_unobs_or_zero_occ_residues.label_seq_id 
1  1 Y 1 A MET 1   ? A MET 1   
2  1 Y 1 A PRO 2   ? A PRO 2   
3  1 Y 1 A PRO 3   ? A PRO 3   
4  1 Y 1 A GLY 4   ? A GLY 4   
5  1 Y 1 A LYS 5   ? A LYS 5   
6  1 Y 1 A CYS 6   ? A CYS 6   
7  1 Y 1 A LEU 7   ? A LEU 7   
8  1 Y 1 A PHE 8   ? A PHE 8   
9  1 Y 1 A SER 9   ? A SER 9   
10 1 Y 1 A GLY 10  ? A GLY 10  
11 1 Y 1 A VAL 11  ? A VAL 11  
12 1 Y 1 A PHE 12  ? A PHE 12  
13 1 Y 1 A CYS 13  ? A CYS 13  
14 1 Y 1 A ASN 14  ? A ASN 14  
15 1 Y 1 A MET 15  ? A MET 15  
16 1 Y 1 A ALA 16  ? A ALA 16  
17 1 Y 1 A GLU 17  ? A GLU 17  
18 1 Y 1 A LYS 18  ? A LYS 18  
19 1 Y 1 A GLN 19  ? A GLN 19  
20 1 Y 1 A THR 20  ? A THR 20  
21 1 Y 1 A ALA 21  ? A ALA 21  
22 1 Y 1 A LYS 22  ? A LYS 22  
23 1 Y 1 A SER 40  ? A SER 40  
24 1 Y 1 A ASP 41  ? A ASP 41  
25 1 Y 1 A GLY 42  ? A GLY 42  
26 1 Y 1 A SER 43  ? A SER 43  
27 1 Y 1 A GLN 44  ? A GLN 44  
28 1 Y 1 A ARG 45  ? A ARG 45  
29 1 Y 1 A LEU 128 ? A LEU 128 
30 1 Y 1 A MET 129 ? A MET 129 
31 1 Y 1 A PHE 130 ? A PHE 130 
32 1 Y 1 A GLU 131 ? A GLU 131 
33 1 Y 1 A GLN 132 ? A GLN 132 
34 1 Y 1 A ASP 133 ? A ASP 133 
35 1 Y 1 A GLU 163 ? A GLU 163 
# 
loop_
_chem_comp_atom.comp_id 
_chem_comp_atom.atom_id 
_chem_comp_atom.type_symbol 
_chem_comp_atom.pdbx_aromatic_flag 
_chem_comp_atom.pdbx_stereo_config 
_chem_comp_atom.pdbx_ordinal 
ALA N    N N N 1   
ALA CA   C N S 2   
ALA C    C N N 3   
ALA O    O N N 4   
ALA CB   C N N 5   
ALA OXT  O N N 6   
ALA H    H N N 7   
ALA H2   H N N 8   
ALA HA   H N N 9   
ALA HB1  H N N 10  
ALA HB2  H N N 11  
ALA HB3  H N N 12  
ALA HXT  H N N 13  
ARG N    N N N 14  
ARG CA   C N S 15  
ARG C    C N N 16  
ARG O    O N N 17  
ARG CB   C N N 18  
ARG CG   C N N 19  
ARG CD   C N N 20  
ARG NE   N N N 21  
ARG CZ   C N N 22  
ARG NH1  N N N 23  
ARG NH2  N N N 24  
ARG OXT  O N N 25  
ARG H    H N N 26  
ARG H2   H N N 27  
ARG HA   H N N 28  
ARG HB2  H N N 29  
ARG HB3  H N N 30  
ARG HG2  H N N 31  
ARG HG3  H N N 32  
ARG HD2  H N N 33  
ARG HD3  H N N 34  
ARG HE   H N N 35  
ARG HH11 H N N 36  
ARG HH12 H N N 37  
ARG HH21 H N N 38  
ARG HH22 H N N 39  
ARG HXT  H N N 40  
ASN N    N N N 41  
ASN CA   C N S 42  
ASN C    C N N 43  
ASN O    O N N 44  
ASN CB   C N N 45  
ASN CG   C N N 46  
ASN OD1  O N N 47  
ASN ND2  N N N 48  
ASN OXT  O N N 49  
ASN H    H N N 50  
ASN H2   H N N 51  
ASN HA   H N N 52  
ASN HB2  H N N 53  
ASN HB3  H N N 54  
ASN HD21 H N N 55  
ASN HD22 H N N 56  
ASN HXT  H N N 57  
ASP N    N N N 58  
ASP CA   C N S 59  
ASP C    C N N 60  
ASP O    O N N 61  
ASP CB   C N N 62  
ASP CG   C N N 63  
ASP OD1  O N N 64  
ASP OD2  O N N 65  
ASP OXT  O N N 66  
ASP H    H N N 67  
ASP H2   H N N 68  
ASP HA   H N N 69  
ASP HB2  H N N 70  
ASP HB3  H N N 71  
ASP HD2  H N N 72  
ASP HXT  H N N 73  
CYS N    N N N 74  
CYS CA   C N R 75  
CYS C    C N N 76  
CYS O    O N N 77  
CYS CB   C N N 78  
CYS SG   S N N 79  
CYS OXT  O N N 80  
CYS H    H N N 81  
CYS H2   H N N 82  
CYS HA   H N N 83  
CYS HB2  H N N 84  
CYS HB3  H N N 85  
CYS HG   H N N 86  
CYS HXT  H N N 87  
GLN N    N N N 88  
GLN CA   C N S 89  
GLN C    C N N 90  
GLN O    O N N 91  
GLN CB   C N N 92  
GLN CG   C N N 93  
GLN CD   C N N 94  
GLN OE1  O N N 95  
GLN NE2  N N N 96  
GLN OXT  O N N 97  
GLN H    H N N 98  
GLN H2   H N N 99  
GLN HA   H N N 100 
GLN HB2  H N N 101 
GLN HB3  H N N 102 
GLN HG2  H N N 103 
GLN HG3  H N N 104 
GLN HE21 H N N 105 
GLN HE22 H N N 106 
GLN HXT  H N N 107 
GLU N    N N N 108 
GLU CA   C N S 109 
GLU C    C N N 110 
GLU O    O N N 111 
GLU CB   C N N 112 
GLU CG   C N N 113 
GLU CD   C N N 114 
GLU OE1  O N N 115 
GLU OE2  O N N 116 
GLU OXT  O N N 117 
GLU H    H N N 118 
GLU H2   H N N 119 
GLU HA   H N N 120 
GLU HB2  H N N 121 
GLU HB3  H N N 122 
GLU HG2  H N N 123 
GLU HG3  H N N 124 
GLU HE2  H N N 125 
GLU HXT  H N N 126 
GLY N    N N N 127 
GLY CA   C N N 128 
GLY C    C N N 129 
GLY O    O N N 130 
GLY OXT  O N N 131 
GLY H    H N N 132 
GLY H2   H N N 133 
GLY HA2  H N N 134 
GLY HA3  H N N 135 
GLY HXT  H N N 136 
HIS N    N N N 137 
HIS CA   C N S 138 
HIS C    C N N 139 
HIS O    O N N 140 
HIS CB   C N N 141 
HIS CG   C Y N 142 
HIS ND1  N Y N 143 
HIS CD2  C Y N 144 
HIS CE1  C Y N 145 
HIS NE2  N Y N 146 
HIS OXT  O N N 147 
HIS H    H N N 148 
HIS H2   H N N 149 
HIS HA   H N N 150 
HIS HB2  H N N 151 
HIS HB3  H N N 152 
HIS HD1  H N N 153 
HIS HD2  H N N 154 
HIS HE1  H N N 155 
HIS HE2  H N N 156 
HIS HXT  H N N 157 
HOH O    O N N 158 
HOH H1   H N N 159 
HOH H2   H N N 160 
ILE N    N N N 161 
ILE CA   C N S 162 
ILE C    C N N 163 
ILE O    O N N 164 
ILE CB   C N S 165 
ILE CG1  C N N 166 
ILE CG2  C N N 167 
ILE CD1  C N N 168 
ILE OXT  O N N 169 
ILE H    H N N 170 
ILE H2   H N N 171 
ILE HA   H N N 172 
ILE HB   H N N 173 
ILE HG12 H N N 174 
ILE HG13 H N N 175 
ILE HG21 H N N 176 
ILE HG22 H N N 177 
ILE HG23 H N N 178 
ILE HD11 H N N 179 
ILE HD12 H N N 180 
ILE HD13 H N N 181 
ILE HXT  H N N 182 
LEU N    N N N 183 
LEU CA   C N S 184 
LEU C    C N N 185 
LEU O    O N N 186 
LEU CB   C N N 187 
LEU CG   C N N 188 
LEU CD1  C N N 189 
LEU CD2  C N N 190 
LEU OXT  O N N 191 
LEU H    H N N 192 
LEU H2   H N N 193 
LEU HA   H N N 194 
LEU HB2  H N N 195 
LEU HB3  H N N 196 
LEU HG   H N N 197 
LEU HD11 H N N 198 
LEU HD12 H N N 199 
LEU HD13 H N N 200 
LEU HD21 H N N 201 
LEU HD22 H N N 202 
LEU HD23 H N N 203 
LEU HXT  H N N 204 
LYS N    N N N 205 
LYS CA   C N S 206 
LYS C    C N N 207 
LYS O    O N N 208 
LYS CB   C N N 209 
LYS CG   C N N 210 
LYS CD   C N N 211 
LYS CE   C N N 212 
LYS NZ   N N N 213 
LYS OXT  O N N 214 
LYS H    H N N 215 
LYS H2   H N N 216 
LYS HA   H N N 217 
LYS HB2  H N N 218 
LYS HB3  H N N 219 
LYS HG2  H N N 220 
LYS HG3  H N N 221 
LYS HD2  H N N 222 
LYS HD3  H N N 223 
LYS HE2  H N N 224 
LYS HE3  H N N 225 
LYS HZ1  H N N 226 
LYS HZ2  H N N 227 
LYS HZ3  H N N 228 
LYS HXT  H N N 229 
MET N    N N N 230 
MET CA   C N S 231 
MET C    C N N 232 
MET O    O N N 233 
MET CB   C N N 234 
MET CG   C N N 235 
MET SD   S N N 236 
MET CE   C N N 237 
MET OXT  O N N 238 
MET H    H N N 239 
MET H2   H N N 240 
MET HA   H N N 241 
MET HB2  H N N 242 
MET HB3  H N N 243 
MET HG2  H N N 244 
MET HG3  H N N 245 
MET HE1  H N N 246 
MET HE2  H N N 247 
MET HE3  H N N 248 
MET HXT  H N N 249 
PHE N    N N N 250 
PHE CA   C N S 251 
PHE C    C N N 252 
PHE O    O N N 253 
PHE CB   C N N 254 
PHE CG   C Y N 255 
PHE CD1  C Y N 256 
PHE CD2  C Y N 257 
PHE CE1  C Y N 258 
PHE CE2  C Y N 259 
PHE CZ   C Y N 260 
PHE OXT  O N N 261 
PHE H    H N N 262 
PHE H2   H N N 263 
PHE HA   H N N 264 
PHE HB2  H N N 265 
PHE HB3  H N N 266 
PHE HD1  H N N 267 
PHE HD2  H N N 268 
PHE HE1  H N N 269 
PHE HE2  H N N 270 
PHE HZ   H N N 271 
PHE HXT  H N N 272 
PRO N    N N N 273 
PRO CA   C N S 274 
PRO C    C N N 275 
PRO O    O N N 276 
PRO CB   C N N 277 
PRO CG   C N N 278 
PRO CD   C N N 279 
PRO OXT  O N N 280 
PRO H    H N N 281 
PRO HA   H N N 282 
PRO HB2  H N N 283 
PRO HB3  H N N 284 
PRO HG2  H N N 285 
PRO HG3  H N N 286 
PRO HD2  H N N 287 
PRO HD3  H N N 288 
PRO HXT  H N N 289 
SER N    N N N 290 
SER CA   C N S 291 
SER C    C N N 292 
SER O    O N N 293 
SER CB   C N N 294 
SER OG   O N N 295 
SER OXT  O N N 296 
SER H    H N N 297 
SER H2   H N N 298 
SER HA   H N N 299 
SER HB2  H N N 300 
SER HB3  H N N 301 
SER HG   H N N 302 
SER HXT  H N N 303 
THR N    N N N 304 
THR CA   C N S 305 
THR C    C N N 306 
THR O    O N N 307 
THR CB   C N R 308 
THR OG1  O N N 309 
THR CG2  C N N 310 
THR OXT  O N N 311 
THR H    H N N 312 
THR H2   H N N 313 
THR HA   H N N 314 
THR HB   H N N 315 
THR HG1  H N N 316 
THR HG21 H N N 317 
THR HG22 H N N 318 
THR HG23 H N N 319 
THR HXT  H N N 320 
TRP N    N N N 321 
TRP CA   C N S 322 
TRP C    C N N 323 
TRP O    O N N 324 
TRP CB   C N N 325 
TRP CG   C Y N 326 
TRP CD1  C Y N 327 
TRP CD2  C Y N 328 
TRP NE1  N Y N 329 
TRP CE2  C Y N 330 
TRP CE3  C Y N 331 
TRP CZ2  C Y N 332 
TRP CZ3  C Y N 333 
TRP CH2  C Y N 334 
TRP OXT  O N N 335 
TRP H    H N N 336 
TRP H2   H N N 337 
TRP HA   H N N 338 
TRP HB2  H N N 339 
TRP HB3  H N N 340 
TRP HD1  H N N 341 
TRP HE1  H N N 342 
TRP HE3  H N N 343 
TRP HZ2  H N N 344 
TRP HZ3  H N N 345 
TRP HH2  H N N 346 
TRP HXT  H N N 347 
TYR N    N N N 348 
TYR CA   C N S 349 
TYR C    C N N 350 
TYR O    O N N 351 
TYR CB   C N N 352 
TYR CG   C Y N 353 
TYR CD1  C Y N 354 
TYR CD2  C Y N 355 
TYR CE1  C Y N 356 
TYR CE2  C Y N 357 
TYR CZ   C Y N 358 
TYR OH   O N N 359 
TYR OXT  O N N 360 
TYR H    H N N 361 
TYR H2   H N N 362 
TYR HA   H N N 363 
TYR HB2  H N N 364 
TYR HB3  H N N 365 
TYR HD1  H N N 366 
TYR HD2  H N N 367 
TYR HE1  H N N 368 
TYR HE2  H N N 369 
TYR HH   H N N 370 
TYR HXT  H N N 371 
VAL N    N N N 372 
VAL CA   C N S 373 
VAL C    C N N 374 
VAL O    O N N 375 
VAL CB   C N N 376 
VAL CG1  C N N 377 
VAL CG2  C N N 378 
VAL OXT  O N N 379 
VAL H    H N N 380 
VAL H2   H N N 381 
VAL HA   H N N 382 
VAL HB   H N N 383 
VAL HG11 H N N 384 
VAL HG12 H N N 385 
VAL HG13 H N N 386 
VAL HG21 H N N 387 
VAL HG22 H N N 388 
VAL HG23 H N N 389 
VAL HXT  H N N 390 
# 
loop_
_chem_comp_bond.comp_id 
_chem_comp_bond.atom_id_1 
_chem_comp_bond.atom_id_2 
_chem_comp_bond.value_order 
_chem_comp_bond.pdbx_aromatic_flag 
_chem_comp_bond.pdbx_stereo_config 
_chem_comp_bond.pdbx_ordinal 
ALA N   CA   sing N N 1   
ALA N   H    sing N N 2   
ALA N   H2   sing N N 3   
ALA CA  C    sing N N 4   
ALA CA  CB   sing N N 5   
ALA CA  HA   sing N N 6   
ALA C   O    doub N N 7   
ALA C   OXT  sing N N 8   
ALA CB  HB1  sing N N 9   
ALA CB  HB2  sing N N 10  
ALA CB  HB3  sing N N 11  
ALA OXT HXT  sing N N 12  
ARG N   CA   sing N N 13  
ARG N   H    sing N N 14  
ARG N   H2   sing N N 15  
ARG CA  C    sing N N 16  
ARG CA  CB   sing N N 17  
ARG CA  HA   sing N N 18  
ARG C   O    doub N N 19  
ARG C   OXT  sing N N 20  
ARG CB  CG   sing N N 21  
ARG CB  HB2  sing N N 22  
ARG CB  HB3  sing N N 23  
ARG CG  CD   sing N N 24  
ARG CG  HG2  sing N N 25  
ARG CG  HG3  sing N N 26  
ARG CD  NE   sing N N 27  
ARG CD  HD2  sing N N 28  
ARG CD  HD3  sing N N 29  
ARG NE  CZ   sing N N 30  
ARG NE  HE   sing N N 31  
ARG CZ  NH1  sing N N 32  
ARG CZ  NH2  doub N N 33  
ARG NH1 HH11 sing N N 34  
ARG NH1 HH12 sing N N 35  
ARG NH2 HH21 sing N N 36  
ARG NH2 HH22 sing N N 37  
ARG OXT HXT  sing N N 38  
ASN N   CA   sing N N 39  
ASN N   H    sing N N 40  
ASN N   H2   sing N N 41  
ASN CA  C    sing N N 42  
ASN CA  CB   sing N N 43  
ASN CA  HA   sing N N 44  
ASN C   O    doub N N 45  
ASN C   OXT  sing N N 46  
ASN CB  CG   sing N N 47  
ASN CB  HB2  sing N N 48  
ASN CB  HB3  sing N N 49  
ASN CG  OD1  doub N N 50  
ASN CG  ND2  sing N N 51  
ASN ND2 HD21 sing N N 52  
ASN ND2 HD22 sing N N 53  
ASN OXT HXT  sing N N 54  
ASP N   CA   sing N N 55  
ASP N   H    sing N N 56  
ASP N   H2   sing N N 57  
ASP CA  C    sing N N 58  
ASP CA  CB   sing N N 59  
ASP CA  HA   sing N N 60  
ASP C   O    doub N N 61  
ASP C   OXT  sing N N 62  
ASP CB  CG   sing N N 63  
ASP CB  HB2  sing N N 64  
ASP CB  HB3  sing N N 65  
ASP CG  OD1  doub N N 66  
ASP CG  OD2  sing N N 67  
ASP OD2 HD2  sing N N 68  
ASP OXT HXT  sing N N 69  
CYS N   CA   sing N N 70  
CYS N   H    sing N N 71  
CYS N   H2   sing N N 72  
CYS CA  C    sing N N 73  
CYS CA  CB   sing N N 74  
CYS CA  HA   sing N N 75  
CYS C   O    doub N N 76  
CYS C   OXT  sing N N 77  
CYS CB  SG   sing N N 78  
CYS CB  HB2  sing N N 79  
CYS CB  HB3  sing N N 80  
CYS SG  HG   sing N N 81  
CYS OXT HXT  sing N N 82  
GLN N   CA   sing N N 83  
GLN N   H    sing N N 84  
GLN N   H2   sing N N 85  
GLN CA  C    sing N N 86  
GLN CA  CB   sing N N 87  
GLN CA  HA   sing N N 88  
GLN C   O    doub N N 89  
GLN C   OXT  sing N N 90  
GLN CB  CG   sing N N 91  
GLN CB  HB2  sing N N 92  
GLN CB  HB3  sing N N 93  
GLN CG  CD   sing N N 94  
GLN CG  HG2  sing N N 95  
GLN CG  HG3  sing N N 96  
GLN CD  OE1  doub N N 97  
GLN CD  NE2  sing N N 98  
GLN NE2 HE21 sing N N 99  
GLN NE2 HE22 sing N N 100 
GLN OXT HXT  sing N N 101 
GLU N   CA   sing N N 102 
GLU N   H    sing N N 103 
GLU N   H2   sing N N 104 
GLU CA  C    sing N N 105 
GLU CA  CB   sing N N 106 
GLU CA  HA   sing N N 107 
GLU C   O    doub N N 108 
GLU C   OXT  sing N N 109 
GLU CB  CG   sing N N 110 
GLU CB  HB2  sing N N 111 
GLU CB  HB3  sing N N 112 
GLU CG  CD   sing N N 113 
GLU CG  HG2  sing N N 114 
GLU CG  HG3  sing N N 115 
GLU CD  OE1  doub N N 116 
GLU CD  OE2  sing N N 117 
GLU OE2 HE2  sing N N 118 
GLU OXT HXT  sing N N 119 
GLY N   CA   sing N N 120 
GLY N   H    sing N N 121 
GLY N   H2   sing N N 122 
GLY CA  C    sing N N 123 
GLY CA  HA2  sing N N 124 
GLY CA  HA3  sing N N 125 
GLY C   O    doub N N 126 
GLY C   OXT  sing N N 127 
GLY OXT HXT  sing N N 128 
HIS N   CA   sing N N 129 
HIS N   H    sing N N 130 
HIS N   H2   sing N N 131 
HIS CA  C    sing N N 132 
HIS CA  CB   sing N N 133 
HIS CA  HA   sing N N 134 
HIS C   O    doub N N 135 
HIS C   OXT  sing N N 136 
HIS CB  CG   sing N N 137 
HIS CB  HB2  sing N N 138 
HIS CB  HB3  sing N N 139 
HIS CG  ND1  sing Y N 140 
HIS CG  CD2  doub Y N 141 
HIS ND1 CE1  doub Y N 142 
HIS ND1 HD1  sing N N 143 
HIS CD2 NE2  sing Y N 144 
HIS CD2 HD2  sing N N 145 
HIS CE1 NE2  sing Y N 146 
HIS CE1 HE1  sing N N 147 
HIS NE2 HE2  sing N N 148 
HIS OXT HXT  sing N N 149 
HOH O   H1   sing N N 150 
HOH O   H2   sing N N 151 
ILE N   CA   sing N N 152 
ILE N   H    sing N N 153 
ILE N   H2   sing N N 154 
ILE CA  C    sing N N 155 
ILE CA  CB   sing N N 156 
ILE CA  HA   sing N N 157 
ILE C   O    doub N N 158 
ILE C   OXT  sing N N 159 
ILE CB  CG1  sing N N 160 
ILE CB  CG2  sing N N 161 
ILE CB  HB   sing N N 162 
ILE CG1 CD1  sing N N 163 
ILE CG1 HG12 sing N N 164 
ILE CG1 HG13 sing N N 165 
ILE CG2 HG21 sing N N 166 
ILE CG2 HG22 sing N N 167 
ILE CG2 HG23 sing N N 168 
ILE CD1 HD11 sing N N 169 
ILE CD1 HD12 sing N N 170 
ILE CD1 HD13 sing N N 171 
ILE OXT HXT  sing N N 172 
LEU N   CA   sing N N 173 
LEU N   H    sing N N 174 
LEU N   H2   sing N N 175 
LEU CA  C    sing N N 176 
LEU CA  CB   sing N N 177 
LEU CA  HA   sing N N 178 
LEU C   O    doub N N 179 
LEU C   OXT  sing N N 180 
LEU CB  CG   sing N N 181 
LEU CB  HB2  sing N N 182 
LEU CB  HB3  sing N N 183 
LEU CG  CD1  sing N N 184 
LEU CG  CD2  sing N N 185 
LEU CG  HG   sing N N 186 
LEU CD1 HD11 sing N N 187 
LEU CD1 HD12 sing N N 188 
LEU CD1 HD13 sing N N 189 
LEU CD2 HD21 sing N N 190 
LEU CD2 HD22 sing N N 191 
LEU CD2 HD23 sing N N 192 
LEU OXT HXT  sing N N 193 
LYS N   CA   sing N N 194 
LYS N   H    sing N N 195 
LYS N   H2   sing N N 196 
LYS CA  C    sing N N 197 
LYS CA  CB   sing N N 198 
LYS CA  HA   sing N N 199 
LYS C   O    doub N N 200 
LYS C   OXT  sing N N 201 
LYS CB  CG   sing N N 202 
LYS CB  HB2  sing N N 203 
LYS CB  HB3  sing N N 204 
LYS CG  CD   sing N N 205 
LYS CG  HG2  sing N N 206 
LYS CG  HG3  sing N N 207 
LYS CD  CE   sing N N 208 
LYS CD  HD2  sing N N 209 
LYS CD  HD3  sing N N 210 
LYS CE  NZ   sing N N 211 
LYS CE  HE2  sing N N 212 
LYS CE  HE3  sing N N 213 
LYS NZ  HZ1  sing N N 214 
LYS NZ  HZ2  sing N N 215 
LYS NZ  HZ3  sing N N 216 
LYS OXT HXT  sing N N 217 
MET N   CA   sing N N 218 
MET N   H    sing N N 219 
MET N   H2   sing N N 220 
MET CA  C    sing N N 221 
MET CA  CB   sing N N 222 
MET CA  HA   sing N N 223 
MET C   O    doub N N 224 
MET C   OXT  sing N N 225 
MET CB  CG   sing N N 226 
MET CB  HB2  sing N N 227 
MET CB  HB3  sing N N 228 
MET CG  SD   sing N N 229 
MET CG  HG2  sing N N 230 
MET CG  HG3  sing N N 231 
MET SD  CE   sing N N 232 
MET CE  HE1  sing N N 233 
MET CE  HE2  sing N N 234 
MET CE  HE3  sing N N 235 
MET OXT HXT  sing N N 236 
PHE N   CA   sing N N 237 
PHE N   H    sing N N 238 
PHE N   H2   sing N N 239 
PHE CA  C    sing N N 240 
PHE CA  CB   sing N N 241 
PHE CA  HA   sing N N 242 
PHE C   O    doub N N 243 
PHE C   OXT  sing N N 244 
PHE CB  CG   sing N N 245 
PHE CB  HB2  sing N N 246 
PHE CB  HB3  sing N N 247 
PHE CG  CD1  doub Y N 248 
PHE CG  CD2  sing Y N 249 
PHE CD1 CE1  sing Y N 250 
PHE CD1 HD1  sing N N 251 
PHE CD2 CE2  doub Y N 252 
PHE CD2 HD2  sing N N 253 
PHE CE1 CZ   doub Y N 254 
PHE CE1 HE1  sing N N 255 
PHE CE2 CZ   sing Y N 256 
PHE CE2 HE2  sing N N 257 
PHE CZ  HZ   sing N N 258 
PHE OXT HXT  sing N N 259 
PRO N   CA   sing N N 260 
PRO N   CD   sing N N 261 
PRO N   H    sing N N 262 
PRO CA  C    sing N N 263 
PRO CA  CB   sing N N 264 
PRO CA  HA   sing N N 265 
PRO C   O    doub N N 266 
PRO C   OXT  sing N N 267 
PRO CB  CG   sing N N 268 
PRO CB  HB2  sing N N 269 
PRO CB  HB3  sing N N 270 
PRO CG  CD   sing N N 271 
PRO CG  HG2  sing N N 272 
PRO CG  HG3  sing N N 273 
PRO CD  HD2  sing N N 274 
PRO CD  HD3  sing N N 275 
PRO OXT HXT  sing N N 276 
SER N   CA   sing N N 277 
SER N   H    sing N N 278 
SER N   H2   sing N N 279 
SER CA  C    sing N N 280 
SER CA  CB   sing N N 281 
SER CA  HA   sing N N 282 
SER C   O    doub N N 283 
SER C   OXT  sing N N 284 
SER CB  OG   sing N N 285 
SER CB  HB2  sing N N 286 
SER CB  HB3  sing N N 287 
SER OG  HG   sing N N 288 
SER OXT HXT  sing N N 289 
THR N   CA   sing N N 290 
THR N   H    sing N N 291 
THR N   H2   sing N N 292 
THR CA  C    sing N N 293 
THR CA  CB   sing N N 294 
THR CA  HA   sing N N 295 
THR C   O    doub N N 296 
THR C   OXT  sing N N 297 
THR CB  OG1  sing N N 298 
THR CB  CG2  sing N N 299 
THR CB  HB   sing N N 300 
THR OG1 HG1  sing N N 301 
THR CG2 HG21 sing N N 302 
THR CG2 HG22 sing N N 303 
THR CG2 HG23 sing N N 304 
THR OXT HXT  sing N N 305 
TRP N   CA   sing N N 306 
TRP N   H    sing N N 307 
TRP N   H2   sing N N 308 
TRP CA  C    sing N N 309 
TRP CA  CB   sing N N 310 
TRP CA  HA   sing N N 311 
TRP C   O    doub N N 312 
TRP C   OXT  sing N N 313 
TRP CB  CG   sing N N 314 
TRP CB  HB2  sing N N 315 
TRP CB  HB3  sing N N 316 
TRP CG  CD1  doub Y N 317 
TRP CG  CD2  sing Y N 318 
TRP CD1 NE1  sing Y N 319 
TRP CD1 HD1  sing N N 320 
TRP CD2 CE2  doub Y N 321 
TRP CD2 CE3  sing Y N 322 
TRP NE1 CE2  sing Y N 323 
TRP NE1 HE1  sing N N 324 
TRP CE2 CZ2  sing Y N 325 
TRP CE3 CZ3  doub Y N 326 
TRP CE3 HE3  sing N N 327 
TRP CZ2 CH2  doub Y N 328 
TRP CZ2 HZ2  sing N N 329 
TRP CZ3 CH2  sing Y N 330 
TRP CZ3 HZ3  sing N N 331 
TRP CH2 HH2  sing N N 332 
TRP OXT HXT  sing N N 333 
TYR N   CA   sing N N 334 
TYR N   H    sing N N 335 
TYR N   H2   sing N N 336 
TYR CA  C    sing N N 337 
TYR CA  CB   sing N N 338 
TYR CA  HA   sing N N 339 
TYR C   O    doub N N 340 
TYR C   OXT  sing N N 341 
TYR CB  CG   sing N N 342 
TYR CB  HB2  sing N N 343 
TYR CB  HB3  sing N N 344 
TYR CG  CD1  doub Y N 345 
TYR CG  CD2  sing Y N 346 
TYR CD1 CE1  sing Y N 347 
TYR CD1 HD1  sing N N 348 
TYR CD2 CE2  doub Y N 349 
TYR CD2 HD2  sing N N 350 
TYR CE1 CZ   doub Y N 351 
TYR CE1 HE1  sing N N 352 
TYR CE2 CZ   sing Y N 353 
TYR CE2 HE2  sing N N 354 
TYR CZ  OH   sing N N 355 
TYR OH  HH   sing N N 356 
TYR OXT HXT  sing N N 357 
VAL N   CA   sing N N 358 
VAL N   H    sing N N 359 
VAL N   H2   sing N N 360 
VAL CA  C    sing N N 361 
VAL CA  CB   sing N N 362 
VAL CA  HA   sing N N 363 
VAL C   O    doub N N 364 
VAL C   OXT  sing N N 365 
VAL CB  CG1  sing N N 366 
VAL CB  CG2  sing N N 367 
VAL CB  HB   sing N N 368 
VAL CG1 HG11 sing N N 369 
VAL CG1 HG12 sing N N 370 
VAL CG1 HG13 sing N N 371 
VAL CG2 HG21 sing N N 372 
VAL CG2 HG22 sing N N 373 
VAL CG2 HG23 sing N N 374 
VAL OXT HXT  sing N N 375 
# 
_atom_sites.entry_id                    3NXC 
_atom_sites.fract_transf_matrix[1][1]   -0.01276497 
_atom_sites.fract_transf_matrix[1][2]   0.01117583 
_atom_sites.fract_transf_matrix[1][3]   -0.01541008 
_atom_sites.fract_transf_matrix[2][1]   -0.01530434 
_atom_sites.fract_transf_matrix[2][2]   -0.01143636 
_atom_sites.fract_transf_matrix[2][3]   -0.01266149 
_atom_sites.fract_transf_matrix[3][1]   -0.00575706 
_atom_sites.fract_transf_matrix[3][2]   0.00134474 
_atom_sites.fract_transf_matrix[3][3]   0.00574412 
_atom_sites.fract_transf_vector[1]      0.769299 
_atom_sites.fract_transf_vector[2]      0.583184 
_atom_sites.fract_transf_vector[3]      0.405607 
# 
loop_
_atom_type.symbol 
C 
N 
O 
S 
# 
loop_
_atom_site.group_PDB 
_atom_site.id 
_atom_site.type_symbol 
_atom_site.label_atom_id 
_atom_site.label_alt_id 
_atom_site.label_comp_id 
_atom_site.label_asym_id 
_atom_site.label_entity_id 
_atom_site.label_seq_id 
_atom_site.pdbx_PDB_ins_code 
_atom_site.Cartn_x 
_atom_site.Cartn_y 
_atom_site.Cartn_z 
_atom_site.occupancy 
_atom_site.B_iso_or_equiv 
_atom_site.pdbx_formal_charge 
_atom_site.auth_seq_id 
_atom_site.auth_comp_id 
_atom_site.auth_asym_id 
_atom_site.auth_atom_id 
_atom_site.pdbx_PDB_model_num 
ATOM   1    N N   . ARG A 1 23  ? 7.032   4.857   19.848  1.00 49.95 ? 23  ARG A N   1 
ATOM   2    C CA  . ARG A 1 23  ? 6.562   3.509   19.438  1.00 50.09 ? 23  ARG A CA  1 
ATOM   3    C C   . ARG A 1 23  ? 5.118   3.629   18.939  1.00 50.07 ? 23  ARG A C   1 
ATOM   4    O O   . ARG A 1 23  ? 4.866   3.598   17.736  1.00 49.91 ? 23  ARG A O   1 
ATOM   5    C CB  . ARG A 1 23  ? 6.657   2.514   20.597  0.00 20.00 ? 23  ARG A CB  1 
ATOM   6    N N   . ASN A 1 24  ? 4.204   3.845   19.888  1.00 49.06 ? 24  ASN A N   1 
ATOM   7    C CA  . ASN A 1 24  ? 2.803   3.990   19.636  1.00 48.15 ? 24  ASN A CA  1 
ATOM   8    C C   . ASN A 1 24  ? 2.684   5.474   19.360  1.00 48.22 ? 24  ASN A C   1 
ATOM   9    O O   . ASN A 1 24  ? 1.707   5.920   18.764  1.00 47.95 ? 24  ASN A O   1 
ATOM   10   C CB  . ASN A 1 24  ? 1.931   3.531   20.805  1.00 20.00 ? 24  ASN A CB  1 
ATOM   11   N N   . ARG A 1 25  ? 3.725   6.206   19.761  1.00 47.98 ? 25  ARG A N   1 
ATOM   12   C CA  . ARG A 1 25  ? 3.811   7.638   19.616  1.00 48.04 ? 25  ARG A CA  1 
ATOM   13   C C   . ARG A 1 25  ? 4.481   8.030   18.322  1.00 48.89 ? 25  ARG A C   1 
ATOM   14   O O   . ARG A 1 25  ? 4.310   9.157   17.860  1.00 48.32 ? 25  ARG A O   1 
ATOM   15   C CB  . ARG A 1 25  ? 4.583   8.242   20.789  1.00 49.31 ? 25  ARG A CB  1 
ATOM   16   C CG  . ARG A 1 25  ? 4.942   9.716   20.596  1.00 50.23 ? 25  ARG A CG  1 
ATOM   17   C CD  . ARG A 1 25  ? 5.545   10.387  21.847  1.00 50.10 ? 25  ARG A CD  1 
ATOM   18   N NE  . ARG A 1 25  ? 4.593   11.097  22.719  1.00 48.28 ? 25  ARG A NE  1 
ATOM   19   C CZ  . ARG A 1 25  ? 3.366   11.506  22.377  1.00 47.11 ? 25  ARG A CZ  1 
ATOM   20   N NH1 . ARG A 1 25  ? 2.872   11.275  21.164  1.00 44.61 ? 25  ARG A NH1 1 
ATOM   21   N NH2 . ARG A 1 25  ? 2.634   12.192  23.249  1.00 45.40 ? 25  ARG A NH2 1 
ATOM   22   N N   . ARG A 1 26  ? 5.266   7.126   17.746  1.00 49.56 ? 26  ARG A N   1 
ATOM   23   C CA  . ARG A 1 26  ? 5.941   7.430   16.496  1.00 50.34 ? 26  ARG A CA  1 
ATOM   24   C C   . ARG A 1 26  ? 4.938   7.340   15.372  1.00 50.60 ? 26  ARG A C   1 
ATOM   25   O O   . ARG A 1 26  ? 4.845   8.233   14.523  1.00 50.31 ? 26  ARG A O   1 
ATOM   26   C CB  . ARG A 1 26  ? 7.072   6.450   16.255  1.00 51.89 ? 26  ARG A CB  1 
ATOM   27   C CG  . ARG A 1 26  ? 8.166   6.558   17.269  1.00 55.60 ? 26  ARG A CG  1 
ATOM   28   C CD  . ARG A 1 26  ? 9.124   5.403   17.095  1.00 58.75 ? 26  ARG A CD  1 
ATOM   29   N NE  . ARG A 1 26  ? 9.799   5.464   15.799  1.00 62.51 ? 26  ARG A NE  1 
ATOM   30   C CZ  . ARG A 1 26  ? 11.058  5.861   15.628  1.00 64.47 ? 26  ARG A CZ  1 
ATOM   31   N NH1 . ARG A 1 26  ? 11.795  6.224   16.677  1.00 65.41 ? 26  ARG A NH1 1 
ATOM   32   N NH2 . ARG A 1 26  ? 11.575  5.920   14.405  1.00 65.20 ? 26  ARG A NH2 1 
ATOM   33   N N   . GLU A 1 27  ? 4.167   6.262   15.374  1.00 49.55 ? 27  GLU A N   1 
ATOM   34   C CA  . GLU A 1 27  ? 3.162   6.079   14.341  1.00 48.41 ? 27  GLU A CA  1 
ATOM   35   C C   . GLU A 1 27  ? 2.103   7.161   14.501  1.00 46.04 ? 27  GLU A C   1 
ATOM   36   O O   . GLU A 1 27  ? 1.217   7.307   13.669  1.00 45.92 ? 27  GLU A O   1 
ATOM   37   C CB  . GLU A 1 27  ? 2.548   4.691   14.461  1.00 49.53 ? 27  GLU A CB  1 
ATOM   38   C CG  . GLU A 1 27  ? 3.595   3.604   14.622  1.00 51.58 ? 27  GLU A CG  1 
ATOM   39   C CD  . GLU A 1 27  ? 2.990   2.220   14.638  1.00 53.98 ? 27  GLU A CD  1 
ATOM   40   O OE1 . GLU A 1 27  ? 1.817   2.089   15.059  1.00 54.96 ? 27  GLU A OE1 1 
ATOM   41   O OE2 . GLU A 1 27  ? 3.684   1.262   14.241  1.00 54.02 ? 27  GLU A OE2 1 
ATOM   42   N N   . GLU A 1 28  ? 2.222   7.923   15.583  1.00 44.63 ? 28  GLU A N   1 
ATOM   43   C CA  . GLU A 1 28  ? 1.306   9.012   15.888  1.00 42.61 ? 28  GLU A CA  1 
ATOM   44   C C   . GLU A 1 28  ? 1.763   10.269  15.186  1.00 40.16 ? 28  GLU A C   1 
ATOM   45   O O   . GLU A 1 28  ? 0.962   11.115  14.795  1.00 39.84 ? 28  GLU A O   1 
ATOM   46   C CB  . GLU A 1 28  ? 1.294   9.275   17.375  1.00 44.79 ? 28  GLU A CB  1 
ATOM   47   C CG  . GLU A 1 28  ? 0.085   8.760   18.082  1.00 48.48 ? 28  GLU A CG  1 
ATOM   48   C CD  . GLU A 1 28  ? -0.248  9.645   19.251  1.00 51.79 ? 28  GLU A CD  1 
ATOM   49   O OE1 . GLU A 1 28  ? -0.528  10.843  19.013  1.00 52.58 ? 28  GLU A OE1 1 
ATOM   50   O OE2 . GLU A 1 28  ? -0.209  9.158   20.402  1.00 54.56 ? 28  GLU A OE2 1 
ATOM   51   N N   . ILE A 1 29  ? 3.076   10.390  15.062  1.00 36.71 ? 29  ILE A N   1 
ATOM   52   C CA  . ILE A 1 29  ? 3.680   11.511  14.375  1.00 33.31 ? 29  ILE A CA  1 
ATOM   53   C C   . ILE A 1 29  ? 3.541   11.226  12.877  1.00 33.44 ? 29  ILE A C   1 
ATOM   54   O O   . ILE A 1 29  ? 3.452   12.147  12.055  1.00 33.02 ? 29  ILE A O   1 
ATOM   55   C CB  . ILE A 1 29  ? 5.158   11.621  14.745  1.00 31.60 ? 29  ILE A CB  1 
ATOM   56   C CG1 . ILE A 1 29  ? 5.269   11.934  16.235  1.00 28.33 ? 29  ILE A CG1 1 
ATOM   57   C CG2 . ILE A 1 29  ? 5.842   12.671  13.885  1.00 32.46 ? 29  ILE A CG2 1 
ATOM   58   C CD1 . ILE A 1 29  ? 6.658   11.896  16.770  1.00 22.91 ? 29  ILE A CD1 1 
ATOM   59   N N   . LEU A 1 30  ? 3.523   9.942   12.525  1.00 32.47 ? 30  LEU A N   1 
ATOM   60   C CA  . LEU A 1 30  ? 3.391   9.556   11.130  1.00 32.43 ? 30  LEU A CA  1 
ATOM   61   C C   . LEU A 1 30  ? 1.956   9.694   10.660  1.00 32.48 ? 30  LEU A C   1 
ATOM   62   O O   . LEU A 1 30  ? 1.715   10.005  9.496   1.00 33.57 ? 30  LEU A O   1 
ATOM   63   C CB  . LEU A 1 30  ? 3.887   8.128   10.904  1.00 32.50 ? 30  LEU A CB  1 
ATOM   64   C CG  . LEU A 1 30  ? 5.388   7.882   11.070  1.00 31.36 ? 30  LEU A CG  1 
ATOM   65   C CD1 . LEU A 1 30  ? 5.642   6.405   10.883  1.00 29.53 ? 30  LEU A CD1 1 
ATOM   66   C CD2 . LEU A 1 30  ? 6.192   8.700   10.063  1.00 29.40 ? 30  LEU A CD2 1 
ATOM   67   N N   . GLN A 1 31  ? 0.995   9.471   11.549  1.00 32.33 ? 31  GLN A N   1 
ATOM   68   C CA  . GLN A 1 31  ? -0.400  9.641   11.158  1.00 32.72 ? 31  GLN A CA  1 
ATOM   69   C C   . GLN A 1 31  ? -0.647  11.129  10.950  1.00 33.13 ? 31  GLN A C   1 
ATOM   70   O O   . GLN A 1 31  ? -1.205  11.541  9.928   1.00 33.65 ? 31  GLN A O   1 
ATOM   71   C CB  . GLN A 1 31  ? -1.339  9.114   12.233  1.00 33.91 ? 31  GLN A CB  1 
ATOM   72   C CG  . GLN A 1 31  ? -1.249  7.615   12.416  1.00 38.01 ? 31  GLN A CG  1 
ATOM   73   C CD  . GLN A 1 31  ? -1.987  7.122   13.648  1.00 38.83 ? 31  GLN A CD  1 
ATOM   74   O OE1 . GLN A 1 31  ? -1.870  5.952   14.024  1.00 39.27 ? 31  GLN A OE1 1 
ATOM   75   N NE2 . GLN A 1 31  ? -2.756  8.010   14.281  1.00 38.81 ? 31  GLN A NE2 1 
ATOM   76   N N   . SER A 1 32  ? -0.222  11.935  11.922  1.00 32.03 ? 32  SER A N   1 
ATOM   77   C CA  . SER A 1 32  ? -0.384  13.385  11.839  1.00 30.86 ? 32  SER A CA  1 
ATOM   78   C C   . SER A 1 32  ? 0.311   13.922  10.595  1.00 31.54 ? 32  SER A C   1 
ATOM   79   O O   . SER A 1 32  ? -0.094  14.936  10.037  1.00 31.23 ? 32  SER A O   1 
ATOM   80   C CB  . SER A 1 32  ? 0.203   14.061  13.073  1.00 30.14 ? 32  SER A CB  1 
ATOM   81   O OG  . SER A 1 32  ? 0.107   15.472  12.969  1.00 28.86 ? 32  SER A OG  1 
ATOM   82   N N   . LEU A 1 33  ? 1.375   13.244  10.177  1.00 32.89 ? 33  LEU A N   1 
ATOM   83   C CA  . LEU A 1 33  ? 2.123   13.641  8.990   1.00 33.87 ? 33  LEU A CA  1 
ATOM   84   C C   . LEU A 1 33  ? 1.275   13.365  7.748   1.00 34.43 ? 33  LEU A C   1 
ATOM   85   O O   . LEU A 1 33  ? 1.120   14.227  6.889   1.00 34.34 ? 33  LEU A O   1 
ATOM   86   C CB  . LEU A 1 33  ? 3.428   12.843  8.897   1.00 33.48 ? 33  LEU A CB  1 
ATOM   87   C CG  . LEU A 1 33  ? 4.677   13.493  8.322   1.00 32.41 ? 33  LEU A CG  1 
ATOM   88   C CD1 . LEU A 1 33  ? 5.626   12.398  7.893   1.00 31.64 ? 33  LEU A CD1 1 
ATOM   89   C CD2 . LEU A 1 33  ? 4.339   14.377  7.126   1.00 31.73 ? 33  LEU A CD2 1 
ATOM   90   N N   . ALA A 1 34  ? 0.740   12.149  7.654   1.00 35.18 ? 34  ALA A N   1 
ATOM   91   C CA  . ALA A 1 34  ? -0.096  11.751  6.519   1.00 35.88 ? 34  ALA A CA  1 
ATOM   92   C C   . ALA A 1 34  ? -1.290  12.686  6.355   1.00 36.08 ? 34  ALA A C   1 
ATOM   93   O O   . ALA A 1 34  ? -1.727  12.969  5.243   1.00 36.33 ? 34  ALA A O   1 
ATOM   94   C CB  . ALA A 1 34  ? -0.582  10.315  6.707   1.00 34.70 ? 34  ALA A CB  1 
ATOM   95   N N   . LEU A 1 35  ? -1.815  13.163  7.476   1.00 37.26 ? 35  LEU A N   1 
ATOM   96   C CA  . LEU A 1 35  ? -2.963  14.055  7.466   1.00 38.43 ? 35  LEU A CA  1 
ATOM   97   C C   . LEU A 1 35  ? -2.573  15.418  6.962   1.00 41.09 ? 35  LEU A C   1 
ATOM   98   O O   . LEU A 1 35  ? -3.308  16.032  6.187   1.00 40.36 ? 35  LEU A O   1 
ATOM   99   C CB  . LEU A 1 35  ? -3.536  14.180  8.870   1.00 36.38 ? 35  LEU A CB  1 
ATOM   100  C CG  . LEU A 1 35  ? -4.882  13.493  9.076   1.00 35.10 ? 35  LEU A CG  1 
ATOM   101  C CD1 . LEU A 1 35  ? -4.973  13.015  10.516  1.00 32.98 ? 35  LEU A CD1 1 
ATOM   102  C CD2 . LEU A 1 35  ? -6.015  14.450  8.695   1.00 31.73 ? 35  LEU A CD2 1 
ATOM   103  N N   . MET A 1 36  ? -1.415  15.894  7.409   1.00 45.07 ? 36  MET A N   1 
ATOM   104  C CA  . MET A 1 36  ? -0.938  17.202  6.986   1.00 48.29 ? 36  MET A CA  1 
ATOM   105  C C   . MET A 1 36  ? -0.643  17.195  5.494   1.00 48.59 ? 36  MET A C   1 
ATOM   106  O O   . MET A 1 36  ? -0.945  18.164  4.784   1.00 48.49 ? 36  MET A O   1 
ATOM   107  C CB  . MET A 1 36  ? 0.280   17.605  7.807   1.00 50.74 ? 36  MET A CB  1 
ATOM   108  C CG  . MET A 1 36  ? -0.130  18.128  9.170   1.00 56.98 ? 36  MET A CG  1 
ATOM   109  S SD  . MET A 1 36  ? 1.317   18.482  10.405  1.00 66.39 ? 36  MET A SD  1 
ATOM   110  C CE  . MET A 1 36  ? 1.905   20.191  9.683   1.00 61.44 ? 36  MET A CE  1 
ATOM   111  N N   . LEU A 1 37  ? -0.074  16.095  5.013   1.00 48.89 ? 37  LEU A N   1 
ATOM   112  C CA  . LEU A 1 37  ? 0.210   15.968  3.589   1.00 49.84 ? 37  LEU A CA  1 
ATOM   113  C C   . LEU A 1 37  ? -1.154  16.094  2.902   1.00 51.10 ? 37  LEU A C   1 
ATOM   114  O O   . LEU A 1 37  ? -1.385  17.011  2.111   1.00 49.10 ? 37  LEU A O   1 
ATOM   115  C CB  . LEU A 1 37  ? 0.839   14.605  3.290   1.00 47.96 ? 37  LEU A CB  1 
ATOM   116  C CG  . LEU A 1 37  ? 2.120   14.279  4.064   1.00 47.52 ? 37  LEU A CG  1 
ATOM   117  C CD1 . LEU A 1 37  ? 2.632   12.915  3.663   1.00 46.80 ? 37  LEU A CD1 1 
ATOM   118  C CD2 . LEU A 1 37  ? 3.173   15.336  3.793   1.00 46.92 ? 37  LEU A CD2 1 
ATOM   119  N N   . GLU A 1 38  ? -2.050  15.168  3.240   1.00 53.18 ? 38  GLU A N   1 
ATOM   120  C CA  . GLU A 1 38  ? -3.416  15.130  2.729   1.00 55.83 ? 38  GLU A CA  1 
ATOM   121  C C   . GLU A 1 38  ? -3.870  16.530  2.315   1.00 56.81 ? 38  GLU A C   1 
ATOM   122  O O   . GLU A 1 38  ? -3.895  16.847  1.128   1.00 57.81 ? 38  GLU A O   1 
ATOM   123  C CB  . GLU A 1 38  ? -4.343  14.582  3.822   1.00 57.15 ? 38  GLU A CB  1 
ATOM   124  C CG  . GLU A 1 38  ? -5.536  13.800  3.317   1.00 58.94 ? 38  GLU A CG  1 
ATOM   125  C CD  . GLU A 1 38  ? -5.143  12.752  2.280   1.00 61.46 ? 38  GLU A CD  1 
ATOM   126  O OE1 . GLU A 1 38  ? -5.174  13.073  1.063   1.00 63.39 ? 38  GLU A OE1 1 
ATOM   127  O OE2 . GLU A 1 38  ? -4.784  11.616  2.674   1.00 61.83 ? 38  GLU A OE2 1 
ATOM   128  N N   . SER A 1 39  ? -4.212  17.362  3.303   1.00 58.52 ? 39  SER A N   1 
ATOM   129  C CA  . SER A 1 39  ? -4.667  18.741  3.067   1.00 59.19 ? 39  SER A CA  1 
ATOM   130  C C   . SER A 1 39  ? -3.546  19.591  2.465   1.00 59.76 ? 39  SER A C   1 
ATOM   131  O O   . SER A 1 39  ? -2.580  19.939  3.155   1.00 61.16 ? 39  SER A O   1 
ATOM   132  C CB  . SER A 1 39  ? -5.123  19.394  4.381   1.00 58.88 ? 39  SER A CB  1 
ATOM   133  O OG  . SER A 1 39  ? -6.060  18.588  5.083   1.00 58.72 ? 39  SER A OG  1 
ATOM   134  N N   . ILE A 1 46  ? 5.007   20.347  5.120   1.00 38.73 ? 46  ILE A N   1 
ATOM   135  C CA  . ILE A 1 46  ? 4.989   20.051  6.551   1.00 38.43 ? 46  ILE A CA  1 
ATOM   136  C C   . ILE A 1 46  ? 5.336   21.310  7.361   1.00 36.91 ? 46  ILE A C   1 
ATOM   137  O O   . ILE A 1 46  ? 4.898   22.412  7.028   1.00 37.28 ? 46  ILE A O   1 
ATOM   138  C CB  . ILE A 1 46  ? 5.972   18.913  6.886   1.00 20.00 ? 46  ILE A CB  1 
ATOM   139  N N   . THR A 1 47  ? 6.125   21.105  8.414   1.00 34.02 ? 47  THR A N   1 
ATOM   140  C CA  . THR A 1 47  ? 6.599   22.111  9.373   1.00 30.53 ? 47  THR A CA  1 
ATOM   141  C C   . THR A 1 47  ? 6.754   21.279  10.641  1.00 30.09 ? 47  THR A C   1 
ATOM   142  O O   . THR A 1 47  ? 5.767   20.920  11.278  1.00 30.32 ? 47  THR A O   1 
ATOM   143  C CB  . THR A 1 47  ? 5.582   23.263  9.624   1.00 27.91 ? 47  THR A CB  1 
ATOM   144  O OG1 . THR A 1 47  ? 5.963   24.405  8.853   1.00 24.63 ? 47  THR A OG1 1 
ATOM   145  C CG2 . THR A 1 47  ? 5.565   23.675  11.087  1.00 26.21 ? 47  THR A CG2 1 
ATOM   146  N N   . THR A 1 48  ? 7.990   20.954  10.991  1.00 28.94 ? 48  THR A N   1 
ATOM   147  C CA  . THR A 1 48  ? 8.242   20.124  12.155  1.00 29.15 ? 48  THR A CA  1 
ATOM   148  C C   . THR A 1 48  ? 7.759   20.715  13.474  1.00 26.82 ? 48  THR A C   1 
ATOM   149  O O   . THR A 1 48  ? 7.591   19.999  14.459  1.00 25.54 ? 48  THR A O   1 
ATOM   150  C CB  . THR A 1 48  ? 9.740   19.798  12.261  1.00 31.49 ? 48  THR A CB  1 
ATOM   151  O OG1 . THR A 1 48  ? 10.502  21.013  12.315  1.00 32.83 ? 48  THR A OG1 1 
ATOM   152  C CG2 . THR A 1 48  ? 10.174  19.007  11.053  1.00 32.29 ? 48  THR A CG2 1 
ATOM   153  N N   . ALA A 1 49  ? 7.533   22.020  13.496  1.00 25.27 ? 49  ALA A N   1 
ATOM   154  C CA  . ALA A 1 49  ? 7.075   22.656  14.718  1.00 25.06 ? 49  ALA A CA  1 
ATOM   155  C C   . ALA A 1 49  ? 5.571   22.452  14.920  1.00 24.63 ? 49  ALA A C   1 
ATOM   156  O O   . ALA A 1 49  ? 5.109   22.314  16.057  1.00 23.92 ? 49  ALA A O   1 
ATOM   157  C CB  . ALA A 1 49  ? 7.416   24.133  14.700  1.00 23.77 ? 49  ALA A CB  1 
ATOM   158  N N   . LYS A 1 50  ? 4.816   22.430  13.819  1.00 24.73 ? 50  LYS A N   1 
ATOM   159  C CA  . LYS A 1 50  ? 3.368   22.232  13.878  1.00 24.28 ? 50  LYS A CA  1 
ATOM   160  C C   . LYS A 1 50  ? 3.085   20.761  14.073  1.00 23.55 ? 50  LYS A C   1 
ATOM   161  O O   . LYS A 1 50  ? 2.160   20.387  14.792  1.00 23.99 ? 50  LYS A O   1 
ATOM   162  C CB  . LYS A 1 50  ? 2.684   22.704  12.590  1.00 23.64 ? 50  LYS A CB  1 
ATOM   163  C CG  . LYS A 1 50  ? 2.848   24.193  12.266  1.00 24.39 ? 50  LYS A CG  1 
ATOM   164  C CD  . LYS A 1 50  ? 1.609   25.025  12.572  1.00 25.21 ? 50  LYS A CD  1 
ATOM   165  C CE  . LYS A 1 50  ? 1.527   25.425  14.044  1.00 25.56 ? 50  LYS A CE  1 
ATOM   166  N NZ  . LYS A 1 50  ? 0.434   26.406  14.277  1.00 24.48 ? 50  LYS A NZ  1 
ATOM   167  N N   . LEU A 1 51  ? 3.895   19.930  13.427  1.00 23.42 ? 51  LEU A N   1 
ATOM   168  C CA  . LEU A 1 51  ? 3.748   18.484  13.519  1.00 25.56 ? 51  LEU A CA  1 
ATOM   169  C C   . LEU A 1 51  ? 4.005   18.020  14.954  1.00 27.12 ? 51  LEU A C   1 
ATOM   170  O O   . LEU A 1 51  ? 3.212   17.253  15.524  1.00 26.93 ? 51  LEU A O   1 
ATOM   171  C CB  . LEU A 1 51  ? 4.723   17.792  12.563  1.00 25.28 ? 51  LEU A CB  1 
ATOM   172  C CG  . LEU A 1 51  ? 4.636   16.267  12.601  1.00 28.16 ? 51  LEU A CG  1 
ATOM   173  C CD1 . LEU A 1 51  ? 3.304   15.834  12.030  1.00 27.64 ? 51  LEU A CD1 1 
ATOM   174  C CD2 . LEU A 1 51  ? 5.773   15.662  11.794  1.00 29.32 ? 51  LEU A CD2 1 
ATOM   175  N N   . ALA A 1 52  ? 5.120   18.478  15.531  1.00 28.40 ? 52  ALA A N   1 
ATOM   176  C CA  . ALA A 1 52  ? 5.483   18.138  16.911  1.00 28.16 ? 52  ALA A CA  1 
ATOM   177  C C   . ALA A 1 52  ? 4.316   18.498  17.837  1.00 28.82 ? 52  ALA A C   1 
ATOM   178  O O   . ALA A 1 52  ? 3.897   17.687  18.657  1.00 29.24 ? 52  ALA A O   1 
ATOM   179  C CB  . ALA A 1 52  ? 6.733   18.899  17.323  1.00 27.53 ? 52  ALA A CB  1 
ATOM   180  N N   . ALA A 1 53  ? 3.799   19.717  17.680  1.00 27.22 ? 53  ALA A N   1 
ATOM   181  C CA  . ALA A 1 53  ? 2.674   20.212  18.458  1.00 25.92 ? 53  ALA A CA  1 
ATOM   182  C C   . ALA A 1 53  ? 1.478   19.276  18.313  1.00 26.52 ? 53  ALA A C   1 
ATOM   183  O O   . ALA A 1 53  ? 0.865   18.921  19.316  1.00 26.40 ? 53  ALA A O   1 
ATOM   184  C CB  . ALA A 1 53  ? 2.302   21.596  17.991  1.00 25.74 ? 53  ALA A CB  1 
ATOM   185  N N   . SER A 1 54  ? 1.165   18.906  17.060  1.00 27.43 ? 54  SER A N   1 
ATOM   186  C CA  . SER A 1 54  ? 0.054   18.007  16.679  1.00 28.02 ? 54  SER A CA  1 
ATOM   187  C C   . SER A 1 54  ? -0.066  16.849  17.643  1.00 28.34 ? 54  SER A C   1 
ATOM   188  O O   . SER A 1 54  ? -1.147  16.472  18.081  1.00 27.65 ? 54  SER A O   1 
ATOM   189  C CB  . SER A 1 54  ? 0.285   17.408  15.291  1.00 27.92 ? 54  SER A CB  1 
ATOM   190  O OG  . SER A 1 54  ? 0.087   18.360  14.272  1.00 31.09 ? 54  SER A OG  1 
ATOM   191  N N   . VAL A 1 55  ? 1.077   16.245  17.903  1.00 30.00 ? 55  VAL A N   1 
ATOM   192  C CA  . VAL A 1 55  ? 1.205   15.142  18.825  1.00 32.14 ? 55  VAL A CA  1 
ATOM   193  C C   . VAL A 1 55  ? 1.706   15.913  20.057  1.00 33.55 ? 55  VAL A C   1 
ATOM   194  O O   . VAL A 1 55  ? 2.772   16.510  20.009  1.00 36.55 ? 55  VAL A O   1 
ATOM   195  C CB  . VAL A 1 55  ? 2.267   14.177  18.279  1.00 31.96 ? 55  VAL A CB  1 
ATOM   196  C CG1 . VAL A 1 55  ? 2.538   13.077  19.261  1.00 33.71 ? 55  VAL A CG1 1 
ATOM   197  C CG2 . VAL A 1 55  ? 1.800   13.619  16.945  1.00 30.56 ? 55  VAL A CG2 1 
ATOM   198  N N   . GLY A 1 56  ? 0.938   15.934  21.141  1.00 33.11 ? 56  GLY A N   1 
ATOM   199  C CA  . GLY A 1 56  ? 1.338   16.682  22.330  1.00 32.08 ? 56  GLY A CA  1 
ATOM   200  C C   . GLY A 1 56  ? 2.794   16.578  22.735  1.00 31.35 ? 56  GLY A C   1 
ATOM   201  O O   . GLY A 1 56  ? 3.103   16.116  23.831  1.00 33.07 ? 56  GLY A O   1 
ATOM   202  N N   . VAL A 1 57  ? 3.696   17.044  21.880  1.00 29.06 ? 57  VAL A N   1 
ATOM   203  C CA  . VAL A 1 57  ? 5.118   16.941  22.152  1.00 26.98 ? 57  VAL A CA  1 
ATOM   204  C C   . VAL A 1 57  ? 5.908   18.069  21.486  1.00 26.03 ? 57  VAL A C   1 
ATOM   205  O O   . VAL A 1 57  ? 5.381   18.811  20.664  1.00 26.88 ? 57  VAL A O   1 
ATOM   206  C CB  . VAL A 1 57  ? 5.627   15.556  21.676  1.00 27.28 ? 57  VAL A CB  1 
ATOM   207  C CG1 . VAL A 1 57  ? 7.093   15.415  21.901  1.00 27.44 ? 57  VAL A CG1 1 
ATOM   208  C CG2 . VAL A 1 57  ? 4.889   14.449  22.429  1.00 25.94 ? 57  VAL A CG2 1 
ATOM   209  N N   . SER A 1 58  ? 7.179   18.211  21.833  1.00 24.53 ? 58  SER A N   1 
ATOM   210  C CA  . SER A 1 58  ? 7.983   19.283  21.259  1.00 23.95 ? 58  SER A CA  1 
ATOM   211  C C   . SER A 1 58  ? 8.930   18.831  20.152  1.00 25.87 ? 58  SER A C   1 
ATOM   212  O O   . SER A 1 58  ? 9.282   17.645  20.058  1.00 25.38 ? 58  SER A O   1 
ATOM   213  C CB  . SER A 1 58  ? 8.789   19.949  22.368  1.00 21.21 ? 58  SER A CB  1 
ATOM   214  O OG  . SER A 1 58  ? 9.654   19.009  22.970  1.00 20.94 ? 58  SER A OG  1 
ATOM   215  N N   . GLU A 1 59  ? 9.334   19.792  19.318  1.00 26.23 ? 59  GLU A N   1 
ATOM   216  C CA  . GLU A 1 59  ? 10.264  19.560  18.216  1.00 26.52 ? 59  GLU A CA  1 
ATOM   217  C C   . GLU A 1 59  ? 11.468  18.754  18.682  1.00 27.35 ? 59  GLU A C   1 
ATOM   218  O O   . GLU A 1 59  ? 11.895  17.814  18.012  1.00 27.19 ? 59  GLU A O   1 
ATOM   219  C CB  . GLU A 1 59  ? 10.775  20.881  17.679  1.00 26.65 ? 59  GLU A CB  1 
ATOM   220  C CG  . GLU A 1 59  ? 10.065  21.394  16.484  1.00 28.55 ? 59  GLU A CG  1 
ATOM   221  C CD  . GLU A 1 59  ? 10.942  22.355  15.726  1.00 29.98 ? 59  GLU A CD  1 
ATOM   222  O OE1 . GLU A 1 59  ? 11.247  23.445  16.260  1.00 30.43 ? 59  GLU A OE1 1 
ATOM   223  O OE2 . GLU A 1 59  ? 11.348  22.007  14.599  1.00 30.38 ? 59  GLU A OE2 1 
ATOM   224  N N   . ALA A 1 60  ? 12.033  19.157  19.820  1.00 28.14 ? 60  ALA A N   1 
ATOM   225  C CA  . ALA A 1 60  ? 13.182  18.461  20.386  1.00 27.88 ? 60  ALA A CA  1 
ATOM   226  C C   . ALA A 1 60  ? 12.825  16.979  20.522  1.00 29.13 ? 60  ALA A C   1 
ATOM   227  O O   . ALA A 1 60  ? 13.584  16.109  20.079  1.00 29.49 ? 60  ALA A O   1 
ATOM   228  C CB  . ALA A 1 60  ? 13.534  19.040  21.736  1.00 26.50 ? 60  ALA A CB  1 
ATOM   229  N N   . ALA A 1 61  ? 11.668  16.692  21.120  1.00 29.12 ? 61  ALA A N   1 
ATOM   230  C CA  . ALA A 1 61  ? 11.234  15.310  21.282  1.00 30.27 ? 61  ALA A CA  1 
ATOM   231  C C   . ALA A 1 61  ? 11.015  14.607  19.928  1.00 30.71 ? 61  ALA A C   1 
ATOM   232  O O   . ALA A 1 61  ? 11.522  13.504  19.699  1.00 30.09 ? 61  ALA A O   1 
ATOM   233  C CB  . ALA A 1 61  ? 9.979   15.262  22.107  1.00 28.84 ? 61  ALA A CB  1 
ATOM   234  N N   . LEU A 1 62  ? 10.257  15.251  19.039  1.00 31.35 ? 62  LEU A N   1 
ATOM   235  C CA  . LEU A 1 62  ? 9.979   14.718  17.704  1.00 30.22 ? 62  LEU A CA  1 
ATOM   236  C C   . LEU A 1 62  ? 11.278  14.387  16.958  1.00 30.75 ? 62  LEU A C   1 
ATOM   237  O O   . LEU A 1 62  ? 11.390  13.343  16.300  1.00 30.85 ? 62  LEU A O   1 
ATOM   238  C CB  . LEU A 1 62  ? 9.182   15.740  16.887  1.00 28.34 ? 62  LEU A CB  1 
ATOM   239  C CG  . LEU A 1 62  ? 9.308   15.596  15.364  1.00 29.08 ? 62  LEU A CG  1 
ATOM   240  C CD1 . LEU A 1 62  ? 8.432   14.461  14.892  1.00 27.50 ? 62  LEU A CD1 1 
ATOM   241  C CD2 . LEU A 1 62  ? 8.913   16.891  14.684  1.00 29.73 ? 62  LEU A CD2 1 
ATOM   242  N N   . TYR A 1 63  ? 12.251  15.290  17.059  1.00 30.43 ? 63  TYR A N   1 
ATOM   243  C CA  . TYR A 1 63  ? 13.534  15.122  16.388  1.00 30.16 ? 63  TYR A CA  1 
ATOM   244  C C   . TYR A 1 63  ? 14.361  13.975  16.965  1.00 29.61 ? 63  TYR A C   1 
ATOM   245  O O   . TYR A 1 63  ? 15.329  13.529  16.350  1.00 28.32 ? 63  TYR A O   1 
ATOM   246  C CB  . TYR A 1 63  ? 14.304  16.447  16.425  1.00 29.54 ? 63  TYR A CB  1 
ATOM   247  C CG  . TYR A 1 63  ? 14.075  17.313  15.194  1.00 29.92 ? 63  TYR A CG  1 
ATOM   248  C CD1 . TYR A 1 63  ? 14.800  17.094  14.030  1.00 30.36 ? 63  TYR A CD1 1 
ATOM   249  C CD2 . TYR A 1 63  ? 13.108  18.323  15.179  1.00 30.19 ? 63  TYR A CD2 1 
ATOM   250  C CE1 . TYR A 1 63  ? 14.581  17.852  12.881  1.00 30.03 ? 63  TYR A CE1 1 
ATOM   251  C CE2 . TYR A 1 63  ? 12.879  19.089  14.024  1.00 30.08 ? 63  TYR A CE2 1 
ATOM   252  C CZ  . TYR A 1 63  ? 13.623  18.844  12.877  1.00 29.67 ? 63  TYR A CZ  1 
ATOM   253  O OH  . TYR A 1 63  ? 13.435  19.577  11.723  1.00 28.36 ? 63  TYR A OH  1 
ATOM   254  N N   . ARG A 1 64  ? 13.968  13.488  18.138  1.00 29.38 ? 64  ARG A N   1 
ATOM   255  C CA  . ARG A 1 64  ? 14.672  12.378  18.768  1.00 30.27 ? 64  ARG A CA  1 
ATOM   256  C C   . ARG A 1 64  ? 14.112  11.045  18.251  1.00 31.09 ? 64  ARG A C   1 
ATOM   257  O O   . ARG A 1 64  ? 14.606  9.973   18.595  1.00 30.99 ? 64  ARG A O   1 
ATOM   258  C CB  . ARG A 1 64  ? 14.554  12.453  20.292  1.00 20.00 ? 64  ARG A CB  1 
ATOM   259  N N   . HIS A 1 65  ? 13.073  11.136  17.424  1.00 32.04 ? 65  HIS A N   1 
ATOM   260  C CA  . HIS A 1 65  ? 12.415  9.984   16.807  1.00 31.47 ? 65  HIS A CA  1 
ATOM   261  C C   . HIS A 1 65  ? 12.781  9.990   15.330  1.00 32.09 ? 65  HIS A C   1 
ATOM   262  O O   . HIS A 1 65  ? 13.074  8.954   14.723  1.00 32.93 ? 65  HIS A O   1 
ATOM   263  C CB  . HIS A 1 65  ? 10.900  10.126  16.884  1.00 31.73 ? 65  HIS A CB  1 
ATOM   264  C CG  . HIS A 1 65  ? 10.319  9.834   18.227  1.00 30.01 ? 65  HIS A CG  1 
ATOM   265  N ND1 . HIS A 1 65  ? 10.194  8.555   18.719  1.00 30.79 ? 65  HIS A ND1 1 
ATOM   266  C CD2 . HIS A 1 65  ? 9.799   10.653  19.169  1.00 30.99 ? 65  HIS A CD2 1 
ATOM   267  C CE1 . HIS A 1 65  ? 9.620   8.597   19.909  1.00 32.35 ? 65  HIS A CE1 1 
ATOM   268  N NE2 . HIS A 1 65  ? 9.370   9.858   20.207  1.00 31.86 ? 65  HIS A NE2 1 
ATOM   269  N N   . PHE A 1 66  ? 12.730  11.187  14.761  1.00 32.85 ? 66  PHE A N   1 
ATOM   270  C CA  . PHE A 1 66  ? 13.004  11.421  13.355  1.00 34.55 ? 66  PHE A CA  1 
ATOM   271  C C   . PHE A 1 66  ? 13.897  12.663  13.250  1.00 37.21 ? 66  PHE A C   1 
ATOM   272  O O   . PHE A 1 66  ? 13.408  13.776  13.098  1.00 38.12 ? 66  PHE A O   1 
ATOM   273  C CB  . PHE A 1 66  ? 11.670  11.666  12.643  1.00 32.33 ? 66  PHE A CB  1 
ATOM   274  C CG  . PHE A 1 66  ? 10.638  10.625  12.936  1.00 30.64 ? 66  PHE A CG  1 
ATOM   275  C CD1 . PHE A 1 66  ? 10.735  9.359   12.373  1.00 30.63 ? 66  PHE A CD1 1 
ATOM   276  C CD2 . PHE A 1 66  ? 9.597   10.888  13.812  1.00 30.00 ? 66  PHE A CD2 1 
ATOM   277  C CE1 . PHE A 1 66  ? 9.817   8.375   12.678  1.00 29.78 ? 66  PHE A CE1 1 
ATOM   278  C CE2 . PHE A 1 66  ? 8.669   9.904   14.126  1.00 29.62 ? 66  PHE A CE2 1 
ATOM   279  C CZ  . PHE A 1 66  ? 8.779   8.644   13.557  1.00 29.40 ? 66  PHE A CZ  1 
ATOM   280  N N   . PRO A 1 67  ? 15.224  12.486  13.325  1.00 39.89 ? 67  PRO A N   1 
ATOM   281  C CA  . PRO A 1 67  ? 16.168  13.609  13.246  1.00 41.05 ? 67  PRO A CA  1 
ATOM   282  C C   . PRO A 1 67  ? 16.144  14.366  11.936  1.00 42.66 ? 67  PRO A C   1 
ATOM   283  O O   . PRO A 1 67  ? 16.570  15.522  11.871  1.00 44.31 ? 67  PRO A O   1 
ATOM   284  C CB  . PRO A 1 67  ? 17.512  12.942  13.492  1.00 40.77 ? 67  PRO A CB  1 
ATOM   285  C CG  . PRO A 1 67  ? 17.324  11.634  12.828  1.00 41.30 ? 67  PRO A CG  1 
ATOM   286  C CD  . PRO A 1 67  ? 15.949  11.206  13.308  1.00 41.21 ? 67  PRO A CD  1 
ATOM   287  N N   . SER A 1 68  ? 15.669  13.719  10.884  1.00 42.77 ? 68  SER A N   1 
ATOM   288  C CA  . SER A 1 68  ? 15.596  14.407  9.614   1.00 43.50 ? 68  SER A CA  1 
ATOM   289  C C   . SER A 1 68  ? 14.226  14.212  9.033   1.00 43.45 ? 68  SER A C   1 
ATOM   290  O O   . SER A 1 68  ? 13.564  13.206  9.280   1.00 43.48 ? 68  SER A O   1 
ATOM   291  C CB  . SER A 1 68  ? 16.675  13.905  8.638   1.00 44.00 ? 68  SER A CB  1 
ATOM   292  O OG  . SER A 1 68  ? 16.698  12.489  8.541   1.00 48.01 ? 68  SER A OG  1 
ATOM   293  N N   . LYS A 1 69  ? 13.788  15.220  8.298   1.00 44.01 ? 69  LYS A N   1 
ATOM   294  C CA  . LYS A 1 69  ? 12.504  15.194  7.643   1.00 44.01 ? 69  LYS A CA  1 
ATOM   295  C C   . LYS A 1 69  ? 12.594  14.125  6.581   1.00 44.36 ? 69  LYS A C   1 
ATOM   296  O O   . LYS A 1 69  ? 11.576  13.664  6.076   1.00 44.75 ? 69  LYS A O   1 
ATOM   297  C CB  . LYS A 1 69  ? 12.261  16.523  6.976   1.00 45.44 ? 69  LYS A CB  1 
ATOM   298  C CG  . LYS A 1 69  ? 10.900  17.076  7.197   1.00 47.29 ? 69  LYS A CG  1 
ATOM   299  C CD  . LYS A 1 69  ? 11.017  18.572  7.224   1.00 49.04 ? 69  LYS A CD  1 
ATOM   300  C CE  . LYS A 1 69  ? 12.001  18.999  8.309   1.00 48.76 ? 69  LYS A CE  1 
ATOM   301  N NZ  . LYS A 1 69  ? 12.198  20.458  8.259   1.00 49.19 ? 69  LYS A NZ  1 
ATOM   302  N N   . THR A 1 70  ? 13.822  13.749  6.228   1.00 44.34 ? 70  THR A N   1 
ATOM   303  C CA  . THR A 1 70  ? 14.036  12.722  5.217   1.00 45.24 ? 70  THR A CA  1 
ATOM   304  C C   . THR A 1 70  ? 13.823  11.342  5.824   1.00 44.84 ? 70  THR A C   1 
ATOM   305  O O   . THR A 1 70  ? 13.302  10.444  5.163   1.00 44.67 ? 70  THR A O   1 
ATOM   306  C CB  . THR A 1 70  ? 15.456  12.791  4.625   1.00 45.66 ? 70  THR A CB  1 
ATOM   307  O OG1 . THR A 1 70  ? 15.728  14.127  4.186   1.00 47.20 ? 70  THR A OG1 1 
ATOM   308  C CG2 . THR A 1 70  ? 15.570  11.862  3.422   1.00 44.96 ? 70  THR A CG2 1 
ATOM   309  N N   . ARG A 1 71  ? 14.225  11.179  7.082   1.00 45.17 ? 71  ARG A N   1 
ATOM   310  C CA  . ARG A 1 71  ? 14.072  9.905   7.788   1.00 46.64 ? 71  ARG A CA  1 
ATOM   311  C C   . ARG A 1 71  ? 12.616  9.568   8.111   1.00 47.50 ? 71  ARG A C   1 
ATOM   312  O O   . ARG A 1 71  ? 12.231  8.394   8.100   1.00 47.20 ? 71  ARG A O   1 
ATOM   313  C CB  . ARG A 1 71  ? 14.884  9.907   9.091   1.00 46.79 ? 71  ARG A CB  1 
ATOM   314  C CG  . ARG A 1 71  ? 16.369  9.602   8.930   1.00 48.14 ? 71  ARG A CG  1 
ATOM   315  C CD  . ARG A 1 71  ? 16.655  8.090   8.964   1.00 50.28 ? 71  ARG A CD  1 
ATOM   316  N NE  . ARG A 1 71  ? 18.076  7.804   8.760   1.00 50.92 ? 71  ARG A NE  1 
ATOM   317  C CZ  . ARG A 1 71  ? 18.630  6.592   8.800   1.00 49.85 ? 71  ARG A CZ  1 
ATOM   318  N NH1 . ARG A 1 71  ? 17.888  5.517   9.040   1.00 49.97 ? 71  ARG A NH1 1 
ATOM   319  N NH2 . ARG A 1 71  ? 19.937  6.456   8.585   1.00 48.41 ? 71  ARG A NH2 1 
ATOM   320  N N   . MET A 1 72  ? 11.802  10.579  8.412   1.00 48.23 ? 72  MET A N   1 
ATOM   321  C CA  . MET A 1 72  ? 10.408  10.303  8.723   1.00 48.88 ? 72  MET A CA  1 
ATOM   322  C C   . MET A 1 72  ? 9.545   10.113  7.479   1.00 47.37 ? 72  MET A C   1 
ATOM   323  O O   . MET A 1 72  ? 8.484   9.485   7.553   1.00 47.38 ? 72  MET A O   1 
ATOM   324  C CB  . MET A 1 72  ? 9.825   11.382  9.643   1.00 52.10 ? 72  MET A CB  1 
ATOM   325  C CG  . MET A 1 72  ? 10.070  12.814  9.220   1.00 57.31 ? 72  MET A CG  1 
ATOM   326  S SD  . MET A 1 72  ? 9.073   14.021  10.387  1.00 65.25 ? 72  MET A SD  1 
ATOM   327  C CE  . MET A 1 72  ? 10.524  14.601  11.532  1.00 61.84 ? 72  MET A CE  1 
ATOM   328  N N   . PHE A 1 73  ? 9.987   10.644  6.338   1.00 44.68 ? 73  PHE A N   1 
ATOM   329  C CA  . PHE A 1 73  ? 9.229   10.458  5.096   1.00 42.73 ? 73  PHE A CA  1 
ATOM   330  C C   . PHE A 1 73  ? 9.482   9.023   4.703   1.00 40.22 ? 73  PHE A C   1 
ATOM   331  O O   . PHE A 1 73  ? 8.657   8.379   4.061   1.00 40.37 ? 73  PHE A O   1 
ATOM   332  C CB  . PHE A 1 73  ? 9.720   11.388  3.982   1.00 44.04 ? 73  PHE A CB  1 
ATOM   333  C CG  . PHE A 1 73  ? 8.983   12.688  3.919   1.00 46.63 ? 73  PHE A CG  1 
ATOM   334  C CD1 . PHE A 1 73  ? 7.628   12.721  3.614   1.00 47.28 ? 73  PHE A CD1 1 
ATOM   335  C CD2 . PHE A 1 73  ? 9.630   13.878  4.207   1.00 47.32 ? 73  PHE A CD2 1 
ATOM   336  C CE1 . PHE A 1 73  ? 6.930   13.919  3.602   1.00 47.46 ? 73  PHE A CE1 1 
ATOM   337  C CE2 . PHE A 1 73  ? 8.942   15.083  4.198   1.00 48.56 ? 73  PHE A CE2 1 
ATOM   338  C CZ  . PHE A 1 73  ? 7.587   15.106  3.895   1.00 47.63 ? 73  PHE A CZ  1 
ATOM   339  N N   . ASP A 1 74  ? 10.644  8.531   5.109   1.00 37.31 ? 74  ASP A N   1 
ATOM   340  C CA  . ASP A 1 74  ? 11.031  7.167   4.830   1.00 35.35 ? 74  ASP A CA  1 
ATOM   341  C C   . ASP A 1 74  ? 10.195  6.308   5.768   1.00 33.74 ? 74  ASP A C   1 
ATOM   342  O O   . ASP A 1 74  ? 9.534   5.366   5.324   1.00 35.17 ? 74  ASP A O   1 
ATOM   343  C CB  . ASP A 1 74  ? 12.524  6.993   5.103   1.00 36.15 ? 74  ASP A CB  1 
ATOM   344  C CG  . ASP A 1 74  ? 13.112  5.769   4.423   1.00 36.23 ? 74  ASP A CG  1 
ATOM   345  O OD1 . ASP A 1 74  ? 12.996  4.644   4.969   1.00 35.03 ? 74  ASP A OD1 1 
ATOM   346  O OD2 . ASP A 1 74  ? 13.698  5.935   3.332   1.00 35.18 ? 74  ASP A OD2 1 
ATOM   347  N N   . SER A 1 75  ? 10.209  6.648   7.058   1.00 30.27 ? 75  SER A N   1 
ATOM   348  C CA  . SER A 1 75  ? 9.437   5.917   8.069   1.00 27.22 ? 75  SER A CA  1 
ATOM   349  C C   . SER A 1 75  ? 7.936   5.981   7.764   1.00 25.49 ? 75  SER A C   1 
ATOM   350  O O   . SER A 1 75  ? 7.163   5.107   8.175   1.00 24.17 ? 75  SER A O   1 
ATOM   351  C CB  . SER A 1 75  ? 9.704   6.495   9.463   1.00 26.39 ? 75  SER A CB  1 
ATOM   352  O OG  . SER A 1 75  ? 11.081  6.477   9.776   1.00 23.44 ? 75  SER A OG  1 
ATOM   353  N N   . LEU A 1 76  ? 7.526   7.028   7.053   1.00 22.56 ? 76  LEU A N   1 
ATOM   354  C CA  . LEU A 1 76  ? 6.127   7.186   6.685   1.00 21.24 ? 76  LEU A CA  1 
ATOM   355  C C   . LEU A 1 76  ? 5.756   6.181   5.597   1.00 21.41 ? 76  LEU A C   1 
ATOM   356  O O   . LEU A 1 76  ? 4.680   5.580   5.628   1.00 19.73 ? 76  LEU A O   1 
ATOM   357  C CB  . LEU A 1 76  ? 5.857   8.596   6.180   1.00 18.93 ? 76  LEU A CB  1 
ATOM   358  C CG  . LEU A 1 76  ? 4.445   8.778   5.624   1.00 19.25 ? 76  LEU A CG  1 
ATOM   359  C CD1 . LEU A 1 76  ? 3.418   8.566   6.716   1.00 16.84 ? 76  LEU A CD1 1 
ATOM   360  C CD2 . LEU A 1 76  ? 4.328   10.162  5.028   1.00 20.15 ? 76  LEU A CD2 1 
ATOM   361  N N   . ILE A 1 77  ? 6.646   6.014   4.625   1.00 21.01 ? 77  ILE A N   1 
ATOM   362  C CA  . ILE A 1 77  ? 6.402   5.061   3.558   1.00 22.25 ? 77  ILE A CA  1 
ATOM   363  C C   . ILE A 1 77  ? 6.428   3.666   4.172   1.00 24.16 ? 77  ILE A C   1 
ATOM   364  O O   . ILE A 1 77  ? 5.603   2.808   3.853   1.00 24.06 ? 77  ILE A O   1 
ATOM   365  C CB  . ILE A 1 77  ? 7.471   5.167   2.457   1.00 21.90 ? 77  ILE A CB  1 
ATOM   366  C CG1 . ILE A 1 77  ? 7.317   6.511   1.734   1.00 23.13 ? 77  ILE A CG1 1 
ATOM   367  C CG2 . ILE A 1 77  ? 7.377   3.976   1.510   1.00 20.71 ? 77  ILE A CG2 1 
ATOM   368  C CD1 . ILE A 1 77  ? 5.876   6.990   1.583   1.00 25.37 ? 77  ILE A CD1 1 
ATOM   369  N N   . GLU A 1 78  ? 7.381   3.461   5.074   1.00 25.26 ? 78  GLU A N   1 
ATOM   370  C CA  . GLU A 1 78  ? 7.532   2.197   5.760   1.00 25.36 ? 78  GLU A CA  1 
ATOM   371  C C   . GLU A 1 78  ? 6.297   1.915   6.606   1.00 24.41 ? 78  GLU A C   1 
ATOM   372  O O   . GLU A 1 78  ? 5.799   0.786   6.651   1.00 22.36 ? 78  GLU A O   1 
ATOM   373  C CB  . GLU A 1 78  ? 8.758   2.232   6.652   1.00 26.81 ? 78  GLU A CB  1 
ATOM   374  C CG  . GLU A 1 78  ? 9.039   0.906   7.300   1.00 31.24 ? 78  GLU A CG  1 
ATOM   375  C CD  . GLU A 1 78  ? 10.093  1.019   8.367   1.00 34.30 ? 78  GLU A CD  1 
ATOM   376  O OE1 . GLU A 1 78  ? 9.858   1.769   9.342   1.00 32.89 ? 78  GLU A OE1 1 
ATOM   377  O OE2 . GLU A 1 78  ? 11.153  0.365   8.226   1.00 35.18 ? 78  GLU A OE2 1 
ATOM   378  N N   . PHE A 1 79  ? 5.812   2.948   7.284   1.00 24.38 ? 79  PHE A N   1 
ATOM   379  C CA  . PHE A 1 79  ? 4.620   2.818   8.119   1.00 24.61 ? 79  PHE A CA  1 
ATOM   380  C C   . PHE A 1 79  ? 3.458   2.315   7.267   1.00 22.83 ? 79  PHE A C   1 
ATOM   381  O O   . PHE A 1 79  ? 2.731   1.411   7.673   1.00 22.98 ? 79  PHE A O   1 
ATOM   382  C CB  . PHE A 1 79  ? 4.255   4.164   8.744   1.00 26.01 ? 79  PHE A CB  1 
ATOM   383  C CG  . PHE A 1 79  ? 2.979   4.134   9.517   1.00 26.78 ? 79  PHE A CG  1 
ATOM   384  C CD1 . PHE A 1 79  ? 2.850   3.322   10.637  1.00 27.09 ? 79  PHE A CD1 1 
ATOM   385  C CD2 . PHE A 1 79  ? 1.898   4.908   9.116   1.00 27.22 ? 79  PHE A CD2 1 
ATOM   386  C CE1 . PHE A 1 79  ? 1.665   3.283   11.344  1.00 27.74 ? 79  PHE A CE1 1 
ATOM   387  C CE2 . PHE A 1 79  ? 0.703   4.876   9.819   1.00 27.44 ? 79  PHE A CE2 1 
ATOM   388  C CZ  . PHE A 1 79  ? 0.584   4.065   10.934  1.00 26.78 ? 79  PHE A CZ  1 
ATOM   389  N N   . ILE A 1 80  ? 3.295   2.913   6.088   1.00 21.38 ? 80  ILE A N   1 
ATOM   390  C CA  . ILE A 1 80  ? 2.254   2.520   5.149   1.00 20.65 ? 80  ILE A CA  1 
ATOM   391  C C   . ILE A 1 80  ? 2.442   1.049   4.794   1.00 22.23 ? 80  ILE A C   1 
ATOM   392  O O   . ILE A 1 80  ? 1.521   0.227   4.905   1.00 21.24 ? 80  ILE A O   1 
ATOM   393  C CB  . ILE A 1 80  ? 2.354   3.305   3.847   1.00 19.33 ? 80  ILE A CB  1 
ATOM   394  C CG1 . ILE A 1 80  ? 2.119   4.786   4.114   1.00 19.64 ? 80  ILE A CG1 1 
ATOM   395  C CG2 . ILE A 1 80  ? 1.367   2.759   2.840   1.00 19.07 ? 80  ILE A CG2 1 
ATOM   396  C CD1 . ILE A 1 80  ? 2.296   5.647   2.874   1.00 20.48 ? 80  ILE A CD1 1 
ATOM   397  N N   . GLU A 1 81  ? 3.653   0.726   4.361   1.00 22.48 ? 81  GLU A N   1 
ATOM   398  C CA  . GLU A 1 81  ? 3.977   -0.631  3.986   1.00 23.21 ? 81  GLU A CA  1 
ATOM   399  C C   . GLU A 1 81  ? 3.736   -1.644  5.096   1.00 24.78 ? 81  GLU A C   1 
ATOM   400  O O   . GLU A 1 81  ? 3.202   -2.722  4.835   1.00 26.37 ? 81  GLU A O   1 
ATOM   401  C CB  . GLU A 1 81  ? 5.424   -0.732  3.551   1.00 22.00 ? 81  GLU A CB  1 
ATOM   402  C CG  . GLU A 1 81  ? 5.797   -2.133  3.197   1.00 21.97 ? 81  GLU A CG  1 
ATOM   403  C CD  . GLU A 1 81  ? 7.285   -2.336  3.115   1.00 23.86 ? 81  GLU A CD  1 
ATOM   404  O OE1 . GLU A 1 81  ? 7.937   -1.677  2.274   1.00 24.28 ? 81  GLU A OE1 1 
ATOM   405  O OE2 . GLU A 1 81  ? 7.805   -3.163  3.904   1.00 25.67 ? 81  GLU A OE2 1 
ATOM   406  N N   . ASP A 1 82  ? 4.144   -1.333  6.324   1.00 25.11 ? 82  ASP A N   1 
ATOM   407  C CA  . ASP A 1 82  ? 3.913   -2.270  7.419   1.00 26.24 ? 82  ASP A CA  1 
ATOM   408  C C   . ASP A 1 82  ? 2.416   -2.402  7.696   1.00 26.58 ? 82  ASP A C   1 
ATOM   409  O O   . ASP A 1 82  ? 1.894   -3.515  7.843   1.00 25.75 ? 82  ASP A O   1 
ATOM   410  C CB  . ASP A 1 82  ? 4.646   -1.828  8.683   1.00 27.36 ? 82  ASP A CB  1 
ATOM   411  C CG  . ASP A 1 82  ? 6.147   -1.980  8.556   1.00 32.58 ? 82  ASP A CG  1 
ATOM   412  O OD1 . ASP A 1 82  ? 6.574   -2.831  7.743   1.00 34.10 ? 82  ASP A OD1 1 
ATOM   413  O OD2 . ASP A 1 82  ? 6.896   -1.257  9.265   1.00 31.95 ? 82  ASP A OD2 1 
ATOM   414  N N   . SER A 1 83  ? 1.724   -1.269  7.761   1.00 25.27 ? 83  SER A N   1 
ATOM   415  C CA  . SER A 1 83  ? 0.289   -1.280  8.006   1.00 25.55 ? 83  SER A CA  1 
ATOM   416  C C   . SER A 1 83  ? -0.407  -2.103  6.937   1.00 25.33 ? 83  SER A C   1 
ATOM   417  O O   . SER A 1 83  ? -1.302  -2.891  7.218   1.00 26.00 ? 83  SER A O   1 
ATOM   418  C CB  . SER A 1 83  ? -0.258  0.146   7.987   1.00 26.95 ? 83  SER A CB  1 
ATOM   419  O OG  . SER A 1 83  ? 0.380   0.946   8.963   1.00 30.48 ? 83  SER A OG  1 
ATOM   420  N N   . LEU A 1 84  ? 0.025   -1.916  5.697   1.00 24.76 ? 84  LEU A N   1 
ATOM   421  C CA  . LEU A 1 84  ? -0.555  -2.637  4.574   1.00 23.13 ? 84  LEU A CA  1 
ATOM   422  C C   . LEU A 1 84  ? -0.354  -4.149  4.710   1.00 23.47 ? 84  LEU A C   1 
ATOM   423  O O   . LEU A 1 84  ? -1.251  -4.921  4.375   1.00 24.12 ? 84  LEU A O   1 
ATOM   424  C CB  . LEU A 1 84  ? 0.055   -2.121  3.266   1.00 23.28 ? 84  LEU A CB  1 
ATOM   425  C CG  . LEU A 1 84  ? -0.874  -1.793  2.097   1.00 22.48 ? 84  LEU A CG  1 
ATOM   426  C CD1 . LEU A 1 84  ? -2.116  -1.013  2.557   1.00 19.87 ? 84  LEU A CD1 1 
ATOM   427  C CD2 . LEU A 1 84  ? -0.099  -0.984  1.089   1.00 18.17 ? 84  LEU A CD2 1 
ATOM   428  N N   . ILE A 1 85  ? 0.825   -4.568  5.192   1.00 24.80 ? 85  ILE A N   1 
ATOM   429  C CA  . ILE A 1 85  ? 1.143   -5.997  5.390   1.00 22.90 ? 85  ILE A CA  1 
ATOM   430  C C   . ILE A 1 85  ? 0.294   -6.544  6.526   1.00 22.63 ? 85  ILE A C   1 
ATOM   431  O O   . ILE A 1 85  ? -0.170  -7.676  6.480   1.00 22.70 ? 85  ILE A O   1 
ATOM   432  C CB  . ILE A 1 85  ? 2.637   -6.237  5.761   1.00 21.69 ? 85  ILE A CB  1 
ATOM   433  C CG1 . ILE A 1 85  ? 3.537   -6.032  4.541   1.00 20.92 ? 85  ILE A CG1 1 
ATOM   434  C CG2 . ILE A 1 85  ? 2.823   -7.638  6.297   1.00 18.63 ? 85  ILE A CG2 1 
ATOM   435  C CD1 . ILE A 1 85  ? 3.242   -6.953  3.400   1.00 20.46 ? 85  ILE A CD1 1 
ATOM   436  N N   . THR A 1 86  ? 0.093   -5.730  7.555   1.00 22.92 ? 86  THR A N   1 
ATOM   437  C CA  . THR A 1 86  ? -0.705  -6.150  8.694   1.00 23.69 ? 86  THR A CA  1 
ATOM   438  C C   . THR A 1 86  ? -2.124  -6.481  8.257   1.00 25.53 ? 86  THR A C   1 
ATOM   439  O O   . THR A 1 86  ? -2.739  -7.415  8.783   1.00 25.35 ? 86  THR A O   1 
ATOM   440  C CB  . THR A 1 86  ? -0.728  -5.054  9.768   1.00 22.88 ? 86  THR A CB  1 
ATOM   441  O OG1 . THR A 1 86  ? 0.563   -4.975  10.382  1.00 23.45 ? 86  THR A OG1 1 
ATOM   442  C CG2 . THR A 1 86  ? -1.763  -5.354  10.838  1.00 19.95 ? 86  THR A CG2 1 
ATOM   443  N N   . ARG A 1 87  ? -2.645  -5.703  7.308   1.00 27.24 ? 87  ARG A N   1 
ATOM   444  C CA  . ARG A 1 87  ? -3.993  -5.934  6.802   1.00 28.28 ? 87  ARG A CA  1 
ATOM   445  C C   . ARG A 1 87  ? -3.998  -7.219  5.980   1.00 28.20 ? 87  ARG A C   1 
ATOM   446  O O   . ARG A 1 87  ? -4.967  -7.977  6.005   1.00 29.11 ? 87  ARG A O   1 
ATOM   447  C CB  . ARG A 1 87  ? -4.455  -4.771  5.916   1.00 30.34 ? 87  ARG A CB  1 
ATOM   448  C CG  . ARG A 1 87  ? -4.437  -3.396  6.574   1.00 33.27 ? 87  ARG A CG  1 
ATOM   449  C CD  . ARG A 1 87  ? -5.247  -3.389  7.854   1.00 37.20 ? 87  ARG A CD  1 
ATOM   450  N NE  . ARG A 1 87  ? -5.391  -2.045  8.407   1.00 40.49 ? 87  ARG A NE  1 
ATOM   451  C CZ  . ARG A 1 87  ? -6.469  -1.283  8.244   1.00 42.23 ? 87  ARG A CZ  1 
ATOM   452  N NH1 . ARG A 1 87  ? -7.509  -1.732  7.542   1.00 42.45 ? 87  ARG A NH1 1 
ATOM   453  N NH2 . ARG A 1 87  ? -6.508  -0.070  8.784   1.00 42.07 ? 87  ARG A NH2 1 
ATOM   454  N N   . ILE A 1 88  ? -2.911  -7.466  5.252   1.00 26.40 ? 88  ILE A N   1 
ATOM   455  C CA  . ILE A 1 88  ? -2.824  -8.668  4.431   1.00 25.23 ? 88  ILE A CA  1 
ATOM   456  C C   . ILE A 1 88  ? -2.676  -9.942  5.251   1.00 25.30 ? 88  ILE A C   1 
ATOM   457  O O   . ILE A 1 88  ? -3.275  -10.977 4.915   1.00 24.06 ? 88  ILE A O   1 
ATOM   458  C CB  . ILE A 1 88  ? -1.671  -8.575  3.423   1.00 23.91 ? 88  ILE A CB  1 
ATOM   459  C CG1 . ILE A 1 88  ? -2.136  -7.747  2.221   1.00 25.09 ? 88  ILE A CG1 1 
ATOM   460  C CG2 . ILE A 1 88  ? -1.221  -9.981  2.997   1.00 20.42 ? 88  ILE A CG2 1 
ATOM   461  C CD1 . ILE A 1 88  ? -1.031  -7.289  1.291   1.00 26.45 ? 88  ILE A CD1 1 
ATOM   462  N N   . ASN A 1 89  ? -1.886  -9.872  6.320   1.00 24.02 ? 89  ASN A N   1 
ATOM   463  C CA  . ASN A 1 89  ? -1.682  -11.040 7.161   1.00 23.30 ? 89  ASN A CA  1 
ATOM   464  C C   . ASN A 1 89  ? -2.993  -11.455 7.786   1.00 22.91 ? 89  ASN A C   1 
ATOM   465  O O   . ASN A 1 89  ? -3.143  -12.592 8.234   1.00 23.11 ? 89  ASN A O   1 
ATOM   466  C CB  . ASN A 1 89  ? -0.621  -10.772 8.229   1.00 22.89 ? 89  ASN A CB  1 
ATOM   467  C CG  . ASN A 1 89  ? 0.786   -10.792 7.658   1.00 23.51 ? 89  ASN A CG  1 
ATOM   468  O OD1 . ASN A 1 89  ? 0.993   -11.188 6.509   1.00 24.29 ? 89  ASN A OD1 1 
ATOM   469  N ND2 . ASN A 1 89  ? 1.762   -10.372 8.455   1.00 22.94 ? 89  ASN A ND2 1 
ATOM   470  N N   . LEU A 1 90  ? -3.952  -10.532 7.795   1.00 21.61 ? 90  LEU A N   1 
ATOM   471  C CA  . LEU A 1 90  ? -5.259  -10.852 8.330   1.00 21.55 ? 90  LEU A CA  1 
ATOM   472  C C   . LEU A 1 90  ? -6.045  -11.641 7.291   1.00 22.12 ? 90  LEU A C   1 
ATOM   473  O O   . LEU A 1 90  ? -6.692  -12.637 7.603   1.00 20.21 ? 90  LEU A O   1 
ATOM   474  C CB  . LEU A 1 90  ? -6.020  -9.590  8.731   1.00 18.72 ? 90  LEU A CB  1 
ATOM   475  C CG  . LEU A 1 90  ? -5.795  -9.150  10.188  1.00 19.30 ? 90  LEU A CG  1 
ATOM   476  C CD1 . LEU A 1 90  ? -6.860  -8.127  10.591  1.00 20.15 ? 90  LEU A CD1 1 
ATOM   477  C CD2 . LEU A 1 90  ? -5.870  -10.358 11.117  1.00 17.18 ? 90  LEU A CD2 1 
ATOM   478  N N   . ILE A 1 91  ? -5.977  -11.202 6.041   1.00 25.77 ? 91  ILE A N   1 
ATOM   479  C CA  . ILE A 1 91  ? -6.677  -11.899 4.965   1.00 27.80 ? 91  ILE A CA  1 
ATOM   480  C C   . ILE A 1 91  ? -6.174  -13.333 4.839   1.00 28.85 ? 91  ILE A C   1 
ATOM   481  O O   . ILE A 1 91  ? -6.954  -14.274 4.719   1.00 28.41 ? 91  ILE A O   1 
ATOM   482  C CB  . ILE A 1 91  ? -6.450  -11.219 3.611   1.00 26.03 ? 91  ILE A CB  1 
ATOM   483  C CG1 . ILE A 1 91  ? -7.048  -9.824  3.630   1.00 25.28 ? 91  ILE A CG1 1 
ATOM   484  C CG2 . ILE A 1 91  ? -7.057  -12.052 2.506   1.00 24.67 ? 91  ILE A CG2 1 
ATOM   485  C CD1 . ILE A 1 91  ? -6.730  -9.020  2.388   1.00 27.53 ? 91  ILE A CD1 1 
ATOM   486  N N   . LEU A 1 92  ? -4.861  -13.496 4.863   1.00 30.65 ? 92  LEU A N   1 
ATOM   487  C CA  . LEU A 1 92  ? -4.293  -14.821 4.708   1.00 33.35 ? 92  LEU A CA  1 
ATOM   488  C C   . LEU A 1 92  ? -4.765  -15.823 5.735   1.00 35.04 ? 92  LEU A C   1 
ATOM   489  O O   . LEU A 1 92  ? -4.581  -17.031 5.559   1.00 36.54 ? 92  LEU A O   1 
ATOM   490  C CB  . LEU A 1 92  ? -2.771  -14.754 4.722   1.00 33.23 ? 92  LEU A CB  1 
ATOM   491  C CG  . LEU A 1 92  ? -2.188  -13.904 3.596   1.00 33.71 ? 92  LEU A CG  1 
ATOM   492  C CD1 . LEU A 1 92  ? -0.698  -14.156 3.501   1.00 34.27 ? 92  LEU A CD1 1 
ATOM   493  C CD2 . LEU A 1 92  ? -2.869  -14.267 2.287   1.00 32.65 ? 92  LEU A CD2 1 
ATOM   494  N N   . LYS A 1 93  ? -5.369  -15.359 6.820   1.00 36.80 ? 93  LYS A N   1 
ATOM   495  C CA  . LYS A 1 93  ? -5.819  -16.338 7.788   1.00 38.38 ? 93  LYS A CA  1 
ATOM   496  C C   . LYS A 1 93  ? -7.328  -16.411 7.943   1.00 39.54 ? 93  LYS A C   1 
ATOM   497  O O   . LYS A 1 93  ? -7.836  -17.288 8.635   1.00 40.49 ? 93  LYS A O   1 
ATOM   498  C CB  . LYS A 1 93  ? -5.130  -16.127 9.125   1.00 37.61 ? 93  LYS A CB  1 
ATOM   499  C CG  . LYS A 1 93  ? -5.621  -14.990 9.926   1.00 38.37 ? 93  LYS A CG  1 
ATOM   500  C CD  . LYS A 1 93  ? -5.514  -15.401 11.370  1.00 41.59 ? 93  LYS A CD  1 
ATOM   501  C CE  . LYS A 1 93  ? -4.786  -14.368 12.168  1.00 42.86 ? 93  LYS A CE  1 
ATOM   502  N NZ  . LYS A 1 93  ? -5.490  -13.060 12.082  1.00 45.30 ? 93  LYS A NZ  1 
ATOM   503  N N   . ASP A 1 94  ? -8.048  -15.500 7.295   1.00 40.35 ? 94  ASP A N   1 
ATOM   504  C CA  . ASP A 1 94  ? -9.508  -15.542 7.315   1.00 41.25 ? 94  ASP A CA  1 
ATOM   505  C C   . ASP A 1 94  ? -9.897  -16.397 6.111   1.00 40.37 ? 94  ASP A C   1 
ATOM   506  O O   . ASP A 1 94  ? -10.715 -17.304 6.216   1.00 41.01 ? 94  ASP A O   1 
ATOM   507  C CB  . ASP A 1 94  ? -10.100 -14.147 7.140   1.00 43.75 ? 94  ASP A CB  1 
ATOM   508  C CG  . ASP A 1 94  ? -9.800  -13.240 8.308   1.00 46.68 ? 94  ASP A CG  1 
ATOM   509  O OD1 . ASP A 1 94  ? -9.209  -13.732 9.298   1.00 46.57 ? 94  ASP A OD1 1 
ATOM   510  O OD2 . ASP A 1 94  ? -10.162 -12.043 8.227   1.00 48.31 ? 94  ASP A OD2 1 
ATOM   511  N N   . GLU A 1 95  ? -9.288  -16.089 4.969   1.00 39.22 ? 95  GLU A N   1 
ATOM   512  C CA  . GLU A 1 95  ? -9.536  -16.812 3.733   1.00 38.52 ? 95  GLU A CA  1 
ATOM   513  C C   . GLU A 1 95  ? -8.375  -17.766 3.492   1.00 37.86 ? 95  GLU A C   1 
ATOM   514  O O   . GLU A 1 95  ? -7.211  -17.378 3.614   1.00 37.71 ? 95  GLU A O   1 
ATOM   515  C CB  . GLU A 1 95  ? -9.616  -15.859 2.543   1.00 39.44 ? 95  GLU A CB  1 
ATOM   516  C CG  . GLU A 1 95  ? -10.501 -14.656 2.739   1.00 39.19 ? 95  GLU A CG  1 
ATOM   517  C CD  . GLU A 1 95  ? -11.913 -15.035 3.101   1.00 40.30 ? 95  GLU A CD  1 
ATOM   518  O OE1 . GLU A 1 95  ? -12.480 -15.946 2.451   1.00 39.90 ? 95  GLU A OE1 1 
ATOM   519  O OE2 . GLU A 1 95  ? -12.465 -14.413 4.034   1.00 41.53 ? 95  GLU A OE2 1 
ATOM   520  N N   . LYS A 1 96  ? -8.701  -19.008 3.142   1.00 36.97 ? 96  LYS A N   1 
ATOM   521  C CA  . LYS A 1 96  ? -7.702  -20.031 2.868   1.00 34.79 ? 96  LYS A CA  1 
ATOM   522  C C   . LYS A 1 96  ? -7.584  -20.235 1.366   1.00 34.67 ? 96  LYS A C   1 
ATOM   523  O O   . LYS A 1 96  ? -6.554  -20.673 0.874   1.00 36.65 ? 96  LYS A O   1 
ATOM   524  C CB  . LYS A 1 96  ? -8.100  -21.351 3.518   1.00 34.64 ? 96  LYS A CB  1 
ATOM   525  C CG  . LYS A 1 96  ? -8.481  -21.226 4.972   1.00 35.75 ? 96  LYS A CG  1 
ATOM   526  C CD  . LYS A 1 96  ? -7.329  -20.690 5.801   1.00 36.93 ? 96  LYS A CD  1 
ATOM   527  C CE  . LYS A 1 96  ? -7.808  -20.307 7.194   1.00 37.58 ? 96  LYS A CE  1 
ATOM   528  N NZ  . LYS A 1 96  ? -6.726  -19.692 8.011   1.00 37.31 ? 96  LYS A NZ  1 
ATOM   529  N N   . ASP A 1 97  ? -8.652  -19.923 0.639   1.00 33.07 ? 97  ASP A N   1 
ATOM   530  C CA  . ASP A 1 97  ? -8.680  -20.073 -0.807  1.00 30.80 ? 97  ASP A CA  1 
ATOM   531  C C   . ASP A 1 97  ? -7.817  -18.985 -1.436  1.00 30.66 ? 97  ASP A C   1 
ATOM   532  O O   . ASP A 1 97  ? -7.915  -17.817 -1.063  1.00 32.46 ? 97  ASP A O   1 
ATOM   533  C CB  . ASP A 1 97  ? -10.131 -19.968 -1.283  1.00 31.17 ? 97  ASP A CB  1 
ATOM   534  C CG  . ASP A 1 97  ? -10.300 -20.290 -2.757  1.00 31.87 ? 97  ASP A CG  1 
ATOM   535  O OD1 . ASP A 1 97  ? -9.329  -20.744 -3.401  1.00 32.30 ? 97  ASP A OD1 1 
ATOM   536  O OD2 . ASP A 1 97  ? -11.419 -20.079 -3.284  1.00 32.63 ? 97  ASP A OD2 1 
ATOM   537  N N   . THR A 1 98  ? -6.966  -19.367 -2.384  1.00 29.06 ? 98  THR A N   1 
ATOM   538  C CA  . THR A 1 98  ? -6.085  -18.418 -3.058  1.00 28.03 ? 98  THR A CA  1 
ATOM   539  C C   . THR A 1 98  ? -6.786  -17.270 -3.787  1.00 26.26 ? 98  THR A C   1 
ATOM   540  O O   . THR A 1 98  ? -6.376  -16.125 -3.629  1.00 28.34 ? 98  THR A O   1 
ATOM   541  C CB  . THR A 1 98  ? -5.157  -19.139 -4.057  1.00 29.65 ? 98  THR A CB  1 
ATOM   542  O OG1 . THR A 1 98  ? -4.346  -20.087 -3.351  1.00 30.93 ? 98  THR A OG1 1 
ATOM   543  C CG2 . THR A 1 98  ? -4.248  -18.144 -4.766  1.00 28.32 ? 98  THR A CG2 1 
ATOM   544  N N   . THR A 1 99  ? -7.816  -17.565 -4.583  1.00 23.79 ? 99  THR A N   1 
ATOM   545  C CA  . THR A 1 99  ? -8.557  -16.524 -5.321  1.00 22.29 ? 99  THR A CA  1 
ATOM   546  C C   . THR A 1 99  ? -9.215  -15.489 -4.403  1.00 21.46 ? 99  THR A C   1 
ATOM   547  O O   . THR A 1 99  ? -9.320  -14.311 -4.768  1.00 21.62 ? 99  THR A O   1 
ATOM   548  C CB  . THR A 1 99  ? -9.674  -17.128 -6.232  1.00 21.67 ? 99  THR A CB  1 
ATOM   549  O OG1 . THR A 1 99  ? -9.087  -17.726 -7.393  1.00 21.79 ? 99  THR A OG1 1 
ATOM   550  C CG2 . THR A 1 99  ? -10.651 -16.047 -6.683  1.00 19.80 ? 99  THR A CG2 1 
ATOM   551  N N   . ALA A 1 100 ? -9.661  -15.940 -3.230  1.00 18.71 ? 100 ALA A N   1 
ATOM   552  C CA  . ALA A 1 100 ? -10.313 -15.088 -2.239  1.00 17.60 ? 100 ALA A CA  1 
ATOM   553  C C   . ALA A 1 100 ? -9.282  -14.191 -1.574  1.00 18.62 ? 100 ALA A C   1 
ATOM   554  O O   . ALA A 1 100 ? -9.527  -13.002 -1.357  1.00 19.29 ? 100 ALA A O   1 
ATOM   555  C CB  . ALA A 1 100 ? -11.023 -15.936 -1.194  1.00 14.24 ? 100 ALA A CB  1 
ATOM   556  N N   . ARG A 1 101 ? -8.130  -14.760 -1.244  1.00 19.60 ? 101 ARG A N   1 
ATOM   557  C CA  . ARG A 1 101 ? -7.078  -13.977 -0.629  1.00 23.29 ? 101 ARG A CA  1 
ATOM   558  C C   . ARG A 1 101 ? -6.690  -12.883 -1.606  1.00 23.74 ? 101 ARG A C   1 
ATOM   559  O O   . ARG A 1 101 ? -6.606  -11.711 -1.239  1.00 25.82 ? 101 ARG A O   1 
ATOM   560  C CB  . ARG A 1 101 ? -5.866  -14.851 -0.305  1.00 25.33 ? 101 ARG A CB  1 
ATOM   561  C CG  . ARG A 1 101 ? -6.032  -15.636 0.972   1.00 27.38 ? 101 ARG A CG  1 
ATOM   562  C CD  . ARG A 1 101 ? -5.836  -17.100 0.708   1.00 28.58 ? 101 ARG A CD  1 
ATOM   563  N NE  . ARG A 1 101 ? -4.466  -17.535 0.949   1.00 27.03 ? 101 ARG A NE  1 
ATOM   564  C CZ  . ARG A 1 101 ? -4.000  -17.880 2.141   1.00 26.40 ? 101 ARG A CZ  1 
ATOM   565  N NH1 . ARG A 1 101 ? -4.795  -17.843 3.197   1.00 25.20 ? 101 ARG A NH1 1 
ATOM   566  N NH2 . ARG A 1 101 ? -2.741  -18.260 2.271   1.00 26.00 ? 101 ARG A NH2 1 
ATOM   567  N N   . LEU A 1 102 ? -6.462  -13.276 -2.852  1.00 22.49 ? 102 LEU A N   1 
ATOM   568  C CA  . LEU A 1 102 ? -6.101  -12.335 -3.905  1.00 22.93 ? 102 LEU A CA  1 
ATOM   569  C C   . LEU A 1 102 ? -7.123  -11.210 -4.037  1.00 22.23 ? 102 LEU A C   1 
ATOM   570  O O   . LEU A 1 102 ? -6.769  -10.023 -4.022  1.00 20.11 ? 102 LEU A O   1 
ATOM   571  C CB  . LEU A 1 102 ? -5.980  -13.077 -5.238  1.00 22.97 ? 102 LEU A CB  1 
ATOM   572  C CG  . LEU A 1 102 ? -4.587  -13.538 -5.674  1.00 23.71 ? 102 LEU A CG  1 
ATOM   573  C CD1 . LEU A 1 102 ? -3.730  -13.876 -4.468  1.00 23.10 ? 102 LEU A CD1 1 
ATOM   574  C CD2 . LEU A 1 102 ? -4.737  -14.737 -6.612  1.00 24.38 ? 102 LEU A CD2 1 
ATOM   575  N N   . ARG A 1 103 ? -8.391  -11.599 -4.155  1.00 22.57 ? 103 ARG A N   1 
ATOM   576  C CA  . ARG A 1 103 ? -9.489  -10.652 -4.315  1.00 23.02 ? 103 ARG A CA  1 
ATOM   577  C C   . ARG A 1 103 ? -9.456  -9.554  -3.270  1.00 22.31 ? 103 ARG A C   1 
ATOM   578  O O   . ARG A 1 103 ? -9.692  -8.391  -3.581  1.00 23.57 ? 103 ARG A O   1 
ATOM   579  C CB  . ARG A 1 103 ? -10.828 -11.379 -4.228  1.00 23.52 ? 103 ARG A CB  1 
ATOM   580  C CG  . ARG A 1 103 ? -11.950 -10.624 -4.906  1.00 25.98 ? 103 ARG A CG  1 
ATOM   581  C CD  . ARG A 1 103 ? -13.288 -11.281 -4.669  1.00 25.84 ? 103 ARG A CD  1 
ATOM   582  N NE  . ARG A 1 103 ? -13.932 -10.715 -3.493  1.00 29.55 ? 103 ARG A NE  1 
ATOM   583  C CZ  . ARG A 1 103 ? -14.894 -9.799  -3.536  1.00 29.74 ? 103 ARG A CZ  1 
ATOM   584  N NH1 . ARG A 1 103 ? -15.341 -9.342  -4.704  1.00 28.13 ? 103 ARG A NH1 1 
ATOM   585  N NH2 . ARG A 1 103 ? -15.398 -9.327  -2.406  1.00 29.49 ? 103 ARG A NH2 1 
ATOM   586  N N   . LEU A 1 104 ? -9.163  -9.941  -2.033  1.00 19.68 ? 104 LEU A N   1 
ATOM   587  C CA  . LEU A 1 104 ? -9.110  -9.001  -0.928  1.00 18.36 ? 104 LEU A CA  1 
ATOM   588  C C   . LEU A 1 104 ? -7.867  -8.146  -0.848  1.00 18.94 ? 104 LEU A C   1 
ATOM   589  O O   . LEU A 1 104 ? -7.936  -6.974  -0.463  1.00 18.56 ? 104 LEU A O   1 
ATOM   590  C CB  . LEU A 1 104 ? -9.275  -9.735  0.392   1.00 14.62 ? 104 LEU A CB  1 
ATOM   591  C CG  . LEU A 1 104 ? -10.630 -10.397 0.555   1.00 10.17 ? 104 LEU A CG  1 
ATOM   592  C CD1 . LEU A 1 104 ? -10.687 -11.064 1.933   1.00 6.63  ? 104 LEU A CD1 1 
ATOM   593  C CD2 . LEU A 1 104 ? -11.729 -9.334  0.399   1.00 3.76  ? 104 LEU A CD2 1 
ATOM   594  N N   . ILE A 1 105 ? -6.732  -8.747  -1.186  1.00 19.97 ? 105 ILE A N   1 
ATOM   595  C CA  . ILE A 1 105 ? -5.464  -8.037  -1.154  1.00 19.66 ? 105 ILE A CA  1 
ATOM   596  C C   . ILE A 1 105 ? -5.505  -6.945  -2.202  1.00 18.38 ? 105 ILE A C   1 
ATOM   597  O O   . ILE A 1 105 ? -5.033  -5.831  -1.968  1.00 18.95 ? 105 ILE A O   1 
ATOM   598  C CB  . ILE A 1 105 ? -4.276  -8.973  -1.439  1.00 19.61 ? 105 ILE A CB  1 
ATOM   599  C CG1 . ILE A 1 105 ? -4.121  -9.974  -0.294  1.00 17.99 ? 105 ILE A CG1 1 
ATOM   600  C CG2 . ILE A 1 105 ? -3.001  -8.162  -1.587  1.00 20.55 ? 105 ILE A CG2 1 
ATOM   601  C CD1 . ILE A 1 105 ? -3.183  -11.114 -0.615  1.00 15.93 ? 105 ILE A CD1 1 
ATOM   602  N N   . VAL A 1 106 ? -6.075  -7.270  -3.360  1.00 17.34 ? 106 VAL A N   1 
ATOM   603  C CA  . VAL A 1 106 ? -6.183  -6.299  -4.433  1.00 15.89 ? 106 VAL A CA  1 
ATOM   604  C C   . VAL A 1 106 ? -7.175  -5.231  -4.032  1.00 14.88 ? 106 VAL A C   1 
ATOM   605  O O   . VAL A 1 106 ? -6.999  -4.053  -4.346  1.00 15.73 ? 106 VAL A O   1 
ATOM   606  C CB  . VAL A 1 106 ? -6.629  -6.952  -5.741  1.00 16.39 ? 106 VAL A CB  1 
ATOM   607  C CG1 . VAL A 1 106 ? -7.011  -5.879  -6.773  1.00 14.87 ? 106 VAL A CG1 1 
ATOM   608  C CG2 . VAL A 1 106 ? -5.502  -7.823  -6.262  1.00 15.49 ? 106 VAL A CG2 1 
ATOM   609  N N   . LEU A 1 107 ? -8.214  -5.639  -3.319  1.00 15.53 ? 107 LEU A N   1 
ATOM   610  C CA  . LEU A 1 107 ? -9.225  -4.692  -2.865  1.00 16.12 ? 107 LEU A CA  1 
ATOM   611  C C   . LEU A 1 107 ? -8.632  -3.790  -1.778  1.00 16.11 ? 107 LEU A C   1 
ATOM   612  O O   . LEU A 1 107 ? -9.055  -2.651  -1.620  1.00 17.43 ? 107 LEU A O   1 
ATOM   613  C CB  . LEU A 1 107 ? -10.456 -5.446  -2.337  1.00 14.93 ? 107 LEU A CB  1 
ATOM   614  C CG  . LEU A 1 107 ? -11.626 -4.622  -1.791  1.00 14.40 ? 107 LEU A CG  1 
ATOM   615  C CD1 . LEU A 1 107 ? -12.070 -3.549  -2.787  1.00 15.00 ? 107 LEU A CD1 1 
ATOM   616  C CD2 . LEU A 1 107 ? -12.753 -5.562  -1.498  1.00 14.66 ? 107 LEU A CD2 1 
ATOM   617  N N   . LEU A 1 108 ? -7.655  -4.303  -1.030  1.00 14.51 ? 108 LEU A N   1 
ATOM   618  C CA  . LEU A 1 108 ? -6.995  -3.532  0.025   1.00 13.47 ? 108 LEU A CA  1 
ATOM   619  C C   . LEU A 1 108 ? -6.119  -2.446  -0.616  1.00 14.76 ? 108 LEU A C   1 
ATOM   620  O O   . LEU A 1 108 ? -6.094  -1.294  -0.161  1.00 13.39 ? 108 LEU A O   1 
ATOM   621  C CB  . LEU A 1 108 ? -6.141  -4.473  0.889   1.00 13.03 ? 108 LEU A CB  1 
ATOM   622  C CG  . LEU A 1 108 ? -5.052  -3.914  1.806   1.00 12.83 ? 108 LEU A CG  1 
ATOM   623  C CD1 . LEU A 1 108 ? -5.661  -3.247  3.044   1.00 13.07 ? 108 LEU A CD1 1 
ATOM   624  C CD2 . LEU A 1 108 ? -4.133  -5.053  2.205   1.00 12.59 ? 108 LEU A CD2 1 
ATOM   625  N N   . LEU A 1 109 ? -5.400  -2.812  -1.678  1.00 14.76 ? 109 LEU A N   1 
ATOM   626  C CA  . LEU A 1 109 ? -4.537  -1.847  -2.365  1.00 16.54 ? 109 LEU A CA  1 
ATOM   627  C C   . LEU A 1 109 ? -5.375  -0.740  -2.995  1.00 16.07 ? 109 LEU A C   1 
ATOM   628  O O   . LEU A 1 109 ? -5.069  0.439   -2.860  1.00 17.71 ? 109 LEU A O   1 
ATOM   629  C CB  . LEU A 1 109 ? -3.694  -2.556  -3.432  1.00 16.52 ? 109 LEU A CB  1 
ATOM   630  C CG  . LEU A 1 109 ? -2.794  -3.676  -2.897  1.00 17.29 ? 109 LEU A CG  1 
ATOM   631  C CD1 . LEU A 1 109 ? -2.116  -4.424  -4.046  1.00 16.09 ? 109 LEU A CD1 1 
ATOM   632  C CD2 . LEU A 1 109 ? -1.774  -3.068  -1.954  1.00 15.88 ? 109 LEU A CD2 1 
ATOM   633  N N   . LEU A 1 110 ? -6.441  -1.122  -3.682  1.00 14.90 ? 110 LEU A N   1 
ATOM   634  C CA  . LEU A 1 110 ? -7.321  -0.150  -4.313  1.00 13.28 ? 110 LEU A CA  1 
ATOM   635  C C   . LEU A 1 110 ? -7.925  0.743   -3.249  1.00 13.49 ? 110 LEU A C   1 
ATOM   636  O O   . LEU A 1 110 ? -7.790  1.963   -3.291  1.00 13.46 ? 110 LEU A O   1 
ATOM   637  C CB  . LEU A 1 110 ? -8.435  -0.882  -5.058  1.00 12.34 ? 110 LEU A CB  1 
ATOM   638  C CG  . LEU A 1 110 ? -8.278  -1.234  -6.540  1.00 10.25 ? 110 LEU A CG  1 
ATOM   639  C CD1 . LEU A 1 110 ? -6.820  -1.164  -7.024  1.00 7.53  ? 110 LEU A CD1 1 
ATOM   640  C CD2 . LEU A 1 110 ? -8.839  -2.611  -6.705  1.00 7.06  ? 110 LEU A CD2 1 
ATOM   641  N N   . GLY A 1 111 ? -8.595  0.103   -2.297  1.00 13.00 ? 111 GLY A N   1 
ATOM   642  C CA  . GLY A 1 111 ? -9.254  0.799   -1.208  1.00 13.18 ? 111 GLY A CA  1 
ATOM   643  C C   . GLY A 1 111 ? -8.337  1.697   -0.414  1.00 14.40 ? 111 GLY A C   1 
ATOM   644  O O   . GLY A 1 111 ? -8.765  2.740   0.068   1.00 15.26 ? 111 GLY A O   1 
ATOM   645  N N   . PHE A 1 112 ? -7.083  1.288   -0.250  1.00 16.08 ? 112 PHE A N   1 
ATOM   646  C CA  . PHE A 1 112 ? -6.124  2.092   0.490   1.00 16.77 ? 112 PHE A CA  1 
ATOM   647  C C   . PHE A 1 112 ? -5.816  3.350   -0.301  1.00 16.61 ? 112 PHE A C   1 
ATOM   648  O O   . PHE A 1 112 ? -5.839  4.461   0.241   1.00 16.40 ? 112 PHE A O   1 
ATOM   649  C CB  . PHE A 1 112 ? -4.823  1.334   0.722   1.00 18.67 ? 112 PHE A CB  1 
ATOM   650  C CG  . PHE A 1 112 ? -3.755  2.177   1.342   1.00 20.48 ? 112 PHE A CG  1 
ATOM   651  C CD1 . PHE A 1 112 ? -3.818  2.515   2.692   1.00 21.96 ? 112 PHE A CD1 1 
ATOM   652  C CD2 . PHE A 1 112 ? -2.737  2.709   0.557   1.00 19.64 ? 112 PHE A CD2 1 
ATOM   653  C CE1 . PHE A 1 112 ? -2.887  3.377   3.246   1.00 21.08 ? 112 PHE A CE1 1 
ATOM   654  C CE2 . PHE A 1 112 ? -1.807  3.567   1.099   1.00 19.66 ? 112 PHE A CE2 1 
ATOM   655  C CZ  . PHE A 1 112 ? -1.883  3.906   2.445   1.00 20.42 ? 112 PHE A CZ  1 
ATOM   656  N N   . GLY A 1 113 ? -5.508  3.178   -1.583  1.00 14.51 ? 113 GLY A N   1 
ATOM   657  C CA  . GLY A 1 113 ? -5.219  4.327   -2.414  1.00 15.88 ? 113 GLY A CA  1 
ATOM   658  C C   . GLY A 1 113 ? -6.394  5.292   -2.481  1.00 18.61 ? 113 GLY A C   1 
ATOM   659  O O   . GLY A 1 113 ? -6.191  6.502   -2.606  1.00 19.59 ? 113 GLY A O   1 
ATOM   660  N N   . GLU A 1 114 ? -7.620  4.768   -2.395  1.00 18.60 ? 114 GLU A N   1 
ATOM   661  C CA  . GLU A 1 114 ? -8.832  5.596   -2.483  1.00 18.44 ? 114 GLU A CA  1 
ATOM   662  C C   . GLU A 1 114 ? -9.121  6.391   -1.223  1.00 19.30 ? 114 GLU A C   1 
ATOM   663  O O   . GLU A 1 114 ? -9.681  7.493   -1.279  1.00 18.66 ? 114 GLU A O   1 
ATOM   664  C CB  . GLU A 1 114 ? -10.050 4.736   -2.794  1.00 17.05 ? 114 GLU A CB  1 
ATOM   665  C CG  . GLU A 1 114 ? -11.279 5.557   -3.161  1.00 15.26 ? 114 GLU A CG  1 
ATOM   666  C CD  . GLU A 1 114 ? -12.427 4.693   -3.650  1.00 15.16 ? 114 GLU A CD  1 
ATOM   667  O OE1 . GLU A 1 114 ? -12.177 3.792   -4.482  1.00 15.93 ? 114 GLU A OE1 1 
ATOM   668  O OE2 . GLU A 1 114 ? -13.577 4.911   -3.206  1.00 14.12 ? 114 GLU A OE2 1 
ATOM   669  N N   . ARG A 1 115 ? -8.743  5.807   -0.089  1.00 20.94 ? 115 ARG A N   1 
ATOM   670  C CA  . ARG A 1 115 ? -8.942  6.420   1.214   1.00 20.90 ? 115 ARG A CA  1 
ATOM   671  C C   . ARG A 1 115 ? -7.828  7.403   1.500   1.00 20.20 ? 115 ARG A C   1 
ATOM   672  O O   . ARG A 1 115 ? -8.026  8.377   2.211   1.00 22.81 ? 115 ARG A O   1 
ATOM   673  C CB  . ARG A 1 115 ? -8.963  5.356   2.307   1.00 20.15 ? 115 ARG A CB  1 
ATOM   674  C CG  . ARG A 1 115 ? -10.142 4.425   2.248   1.00 22.52 ? 115 ARG A CG  1 
ATOM   675  C CD  . ARG A 1 115 ? -10.402 3.800   3.624   1.00 28.33 ? 115 ARG A CD  1 
ATOM   676  N NE  . ARG A 1 115 ? -10.044 2.382   3.699   1.00 31.31 ? 115 ARG A NE  1 
ATOM   677  C CZ  . ARG A 1 115 ? -8.808  1.912   3.864   1.00 33.63 ? 115 ARG A CZ  1 
ATOM   678  N NH1 . ARG A 1 115 ? -7.780  2.744   3.986   1.00 31.38 ? 115 ARG A NH1 1 
ATOM   679  N NH2 . ARG A 1 115 ? -8.601  0.600   3.872   1.00 33.47 ? 115 ARG A NH2 1 
ATOM   680  N N   . ASN A 1 116 ? -6.656  7.151   0.937   1.00 18.40 ? 116 ASN A N   1 
ATOM   681  C CA  . ASN A 1 116 ? -5.529  8.035   1.169   1.00 18.20 ? 116 ASN A CA  1 
ATOM   682  C C   . ASN A 1 116 ? -5.004  8.697   -0.099  1.00 17.08 ? 116 ASN A C   1 
ATOM   683  O O   . ASN A 1 116 ? -3.888  8.438   -0.511  1.00 16.44 ? 116 ASN A O   1 
ATOM   684  C CB  . ASN A 1 116 ? -4.425  7.239   1.850   1.00 17.49 ? 116 ASN A CB  1 
ATOM   685  C CG  . ASN A 1 116 ? -4.877  6.675   3.164   1.00 17.22 ? 116 ASN A CG  1 
ATOM   686  O OD1 . ASN A 1 116 ? -4.817  7.350   4.193   1.00 17.54 ? 116 ASN A OD1 1 
ATOM   687  N ND2 . ASN A 1 116 ? -5.374  5.441   3.137   1.00 14.25 ? 116 ASN A ND2 1 
ATOM   688  N N   . PRO A 1 117 ? -5.801  9.591   -0.712  1.00 17.09 ? 117 PRO A N   1 
ATOM   689  C CA  . PRO A 1 117 ? -5.405  10.285  -1.941  1.00 17.42 ? 117 PRO A CA  1 
ATOM   690  C C   . PRO A 1 117 ? -4.002  10.882  -1.863  1.00 18.11 ? 117 PRO A C   1 
ATOM   691  O O   . PRO A 1 117 ? -3.177  10.639  -2.745  1.00 17.85 ? 117 PRO A O   1 
ATOM   692  C CB  . PRO A 1 117 ? -6.500  11.328  -2.106  1.00 16.35 ? 117 PRO A CB  1 
ATOM   693  C CG  . PRO A 1 117 ? -7.686  10.622  -1.530  1.00 16.06 ? 117 PRO A CG  1 
ATOM   694  C CD  . PRO A 1 117 ? -7.128  10.051  -0.267  1.00 16.76 ? 117 PRO A CD  1 
ATOM   695  N N   . GLY A 1 118 ? -3.739  11.648  -0.802  1.00 19.45 ? 118 GLY A N   1 
ATOM   696  C CA  . GLY A 1 118 ? -2.438  12.268  -0.601  1.00 18.59 ? 118 GLY A CA  1 
ATOM   697  C C   . GLY A 1 118 ? -1.283  11.280  -0.627  1.00 20.17 ? 118 GLY A C   1 
ATOM   698  O O   . GLY A 1 118 ? -0.325  11.453  -1.382  1.00 19.80 ? 118 GLY A O   1 
ATOM   699  N N   . LEU A 1 119 ? -1.361  10.232  0.192   1.00 21.98 ? 119 LEU A N   1 
ATOM   700  C CA  . LEU A 1 119 ? -0.289  9.233   0.221   1.00 23.65 ? 119 LEU A CA  1 
ATOM   701  C C   . LEU A 1 119 ? -0.176  8.522   -1.121  1.00 24.96 ? 119 LEU A C   1 
ATOM   702  O O   . LEU A 1 119 ? 0.928   8.187   -1.564  1.00 24.97 ? 119 LEU A O   1 
ATOM   703  C CB  . LEU A 1 119 ? -0.533  8.179   1.304   1.00 19.95 ? 119 LEU A CB  1 
ATOM   704  C CG  . LEU A 1 119 ? -0.613  8.665   2.748   1.00 19.73 ? 119 LEU A CG  1 
ATOM   705  C CD1 . LEU A 1 119 ? -0.679  7.452   3.649   1.00 15.92 ? 119 LEU A CD1 1 
ATOM   706  C CD2 . LEU A 1 119 ? 0.608   9.521   3.097   1.00 18.20 ? 119 LEU A CD2 1 
ATOM   707  N N   . THR A 1 120 ? -1.315  8.295   -1.771  1.00 25.36 ? 120 THR A N   1 
ATOM   708  C CA  . THR A 1 120 ? -1.304  7.592   -3.046  1.00 25.95 ? 120 THR A CA  1 
ATOM   709  C C   . THR A 1 120 ? -0.721  8.416   -4.194  1.00 27.13 ? 120 THR A C   1 
ATOM   710  O O   . THR A 1 120 ? -0.326  7.860   -5.218  1.00 27.24 ? 120 THR A O   1 
ATOM   711  C CB  . THR A 1 120 ? -2.731  7.041   -3.409  1.00 23.81 ? 120 THR A CB  1 
ATOM   712  O OG1 . THR A 1 120 ? -2.833  6.802   -4.815  1.00 23.41 ? 120 THR A OG1 1 
ATOM   713  C CG2 . THR A 1 120 ? -3.779  7.991   -3.029  1.00 24.14 ? 120 THR A CG2 1 
ATOM   714  N N   . ARG A 1 121 ? -0.633  9.731   -4.025  1.00 28.71 ? 121 ARG A N   1 
ATOM   715  C CA  . ARG A 1 121 ? -0.062  10.557  -5.084  1.00 30.17 ? 121 ARG A CA  1 
ATOM   716  C C   . ARG A 1 121 ? 1.446   10.600  -4.915  1.00 29.08 ? 121 ARG A C   1 
ATOM   717  O O   . ARG A 1 121 ? 2.172   11.068  -5.785  1.00 29.75 ? 121 ARG A O   1 
ATOM   718  C CB  . ARG A 1 121 ? -0.598  11.982  -5.040  1.00 32.33 ? 121 ARG A CB  1 
ATOM   719  C CG  . ARG A 1 121 ? -0.075  12.791  -3.879  1.00 36.27 ? 121 ARG A CG  1 
ATOM   720  C CD  . ARG A 1 121 ? -0.304  14.246  -4.167  1.00 39.82 ? 121 ARG A CD  1 
ATOM   721  N NE  . ARG A 1 121 ? -1.546  14.413  -4.918  1.00 42.01 ? 121 ARG A NE  1 
ATOM   722  C CZ  . ARG A 1 121 ? -1.636  15.069  -6.070  1.00 43.70 ? 121 ARG A CZ  1 
ATOM   723  N NH1 . ARG A 1 121 ? -0.557  15.629  -6.611  1.00 42.87 ? 121 ARG A NH1 1 
ATOM   724  N NH2 . ARG A 1 121 ? -2.803  15.159  -6.685  1.00 44.47 ? 121 ARG A NH2 1 
ATOM   725  N N   . ILE A 1 122 ? 1.907   10.127  -3.772  1.00 26.43 ? 122 ILE A N   1 
ATOM   726  C CA  . ILE A 1 122 ? 3.323   10.094  -3.503  1.00 26.44 ? 122 ILE A CA  1 
ATOM   727  C C   . ILE A 1 122 ? 3.865   8.769   -4.051  1.00 26.67 ? 122 ILE A C   1 
ATOM   728  O O   . ILE A 1 122 ? 4.942   8.722   -4.643  1.00 27.25 ? 122 ILE A O   1 
ATOM   729  C CB  . ILE A 1 122 ? 3.561   10.234  -1.983  1.00 27.53 ? 122 ILE A CB  1 
ATOM   730  C CG1 . ILE A 1 122 ? 3.245   11.672  -1.567  1.00 28.26 ? 122 ILE A CG1 1 
ATOM   731  C CG2 . ILE A 1 122 ? 4.975   9.850   -1.610  1.00 24.93 ? 122 ILE A CG2 1 
ATOM   732  C CD1 . ILE A 1 122 ? 3.207   11.890  -0.085  1.00 28.16 ? 122 ILE A CD1 1 
ATOM   733  N N   . LEU A 1 123 ? 3.085   7.705   -3.874  1.00 26.81 ? 123 LEU A N   1 
ATOM   734  C CA  . LEU A 1 123 ? 3.452   6.369   -4.327  1.00 26.65 ? 123 LEU A CA  1 
ATOM   735  C C   . LEU A 1 123 ? 3.264   6.271   -5.833  1.00 27.16 ? 123 LEU A C   1 
ATOM   736  O O   . LEU A 1 123 ? 3.803   5.380   -6.490  1.00 27.78 ? 123 LEU A O   1 
ATOM   737  C CB  . LEU A 1 123 ? 2.567   5.320   -3.644  1.00 24.80 ? 123 LEU A CB  1 
ATOM   738  C CG  . LEU A 1 123 ? 2.377   5.431   -2.127  1.00 22.54 ? 123 LEU A CG  1 
ATOM   739  C CD1 . LEU A 1 123 ? 1.343   4.426   -1.651  1.00 21.46 ? 123 LEU A CD1 1 
ATOM   740  C CD2 . LEU A 1 123 ? 3.694   5.205   -1.436  1.00 21.50 ? 123 LEU A CD2 1 
ATOM   741  N N   . THR A 1 124 ? 2.508   7.211   -6.376  1.00 28.46 ? 124 THR A N   1 
ATOM   742  C CA  . THR A 1 124 ? 2.199   7.219   -7.792  1.00 29.56 ? 124 THR A CA  1 
ATOM   743  C C   . THR A 1 124 ? 3.100   8.174   -8.581  1.00 31.62 ? 124 THR A C   1 
ATOM   744  O O   . THR A 1 124 ? 3.030   8.248   -9.803  1.00 32.55 ? 124 THR A O   1 
ATOM   745  C CB  . THR A 1 124 ? 0.717   7.589   -7.971  1.00 27.61 ? 124 THR A CB  1 
ATOM   746  O OG1 . THR A 1 124 ? 0.276   7.223   -9.273  1.00 30.21 ? 124 THR A OG1 1 
ATOM   747  C CG2 . THR A 1 124 ? 0.516   9.066   -7.772  1.00 28.22 ? 124 THR A CG2 1 
ATOM   748  N N   . GLY A 1 125 ? 3.958   8.905   -7.882  1.00 34.97 ? 125 GLY A N   1 
ATOM   749  C CA  . GLY A 1 125 ? 4.861   9.818   -8.561  1.00 38.70 ? 125 GLY A CA  1 
ATOM   750  C C   . GLY A 1 125 ? 4.602   11.291  -8.323  1.00 41.98 ? 125 GLY A C   1 
ATOM   751  O O   . GLY A 1 125 ? 5.501   12.027  -7.937  1.00 43.28 ? 125 GLY A O   1 
ATOM   752  N N   . HIS A 1 126 ? 3.361   11.706  -8.549  1.00 44.62 ? 126 HIS A N   1 
ATOM   753  C CA  . HIS A 1 126 ? 2.897   13.087  -8.403  1.00 46.27 ? 126 HIS A CA  1 
ATOM   754  C C   . HIS A 1 126 ? 3.261   13.863  -7.115  1.00 46.91 ? 126 HIS A C   1 
ATOM   755  O O   . HIS A 1 126 ? 2.434   14.623  -6.608  1.00 49.04 ? 126 HIS A O   1 
ATOM   756  C CB  . HIS A 1 126 ? 1.374   13.092  -8.582  1.00 47.63 ? 126 HIS A CB  1 
ATOM   757  C CG  . HIS A 1 126 ? 0.898   12.271  -9.748  1.00 50.67 ? 126 HIS A CG  1 
ATOM   758  N ND1 . HIS A 1 126 ? 0.337   12.833  -10.878 1.00 52.88 ? 126 HIS A ND1 1 
ATOM   759  C CD2 . HIS A 1 126 ? 0.898   10.935  -9.955  1.00 52.20 ? 126 HIS A CD2 1 
ATOM   760  C CE1 . HIS A 1 126 ? 0.009   11.872  -11.727 1.00 53.67 ? 126 HIS A CE1 1 
ATOM   761  N NE2 . HIS A 1 126 ? 0.336   10.710  -11.194 1.00 52.85 ? 126 HIS A NE2 1 
ATOM   762  N N   . ALA A 1 127 ? 4.478   13.698  -6.594  1.00 46.09 ? 127 ALA A N   1 
ATOM   763  C CA  . ALA A 1 127 ? 4.901   14.403  -5.381  1.00 44.53 ? 127 ALA A CA  1 
ATOM   764  C C   . ALA A 1 127 ? 6.414   14.572  -5.339  1.00 44.34 ? 127 ALA A C   1 
ATOM   765  O O   . ALA A 1 127 ? 6.975   14.995  -4.324  1.00 44.29 ? 127 ALA A O   1 
ATOM   766  C CB  . ALA A 1 127 ? 4.420   13.659  -4.134  1.00 20.00 ? 127 ALA A CB  1 
ATOM   767  N N   . ARG A 1 134 ? 14.895  12.874  -3.619  1.00 46.32 ? 134 ARG A N   1 
ATOM   768  C CA  . ARG A 1 134 ? 14.123  11.646  -3.742  1.00 47.11 ? 134 ARG A CA  1 
ATOM   769  C C   . ARG A 1 134 ? 13.918  10.937  -2.403  1.00 48.08 ? 134 ARG A C   1 
ATOM   770  O O   . ARG A 1 134 ? 14.175  11.502  -1.327  1.00 49.65 ? 134 ARG A O   1 
ATOM   771  C CB  . ARG A 1 134 ? 14.799  10.668  -4.713  1.00 46.54 ? 134 ARG A CB  1 
ATOM   772  C CG  . ARG A 1 134 ? 16.195  10.223  -4.292  1.00 46.08 ? 134 ARG A CG  1 
ATOM   773  C CD  . ARG A 1 134 ? 16.477  8.799   -4.749  1.00 47.13 ? 134 ARG A CD  1 
ATOM   774  N NE  . ARG A 1 134 ? 15.792  7.824   -3.901  1.00 48.50 ? 134 ARG A NE  1 
ATOM   775  C CZ  . ARG A 1 134 ? 16.103  7.603   -2.625  1.00 50.09 ? 134 ARG A CZ  1 
ATOM   776  N NH1 . ARG A 1 134 ? 17.094  8.285   -2.058  1.00 50.42 ? 134 ARG A NH1 1 
ATOM   777  N NH2 . ARG A 1 134 ? 15.416  6.721   -1.901  1.00 49.89 ? 134 ARG A NH2 1 
ATOM   778  N N   . LEU A 1 135 ? 13.464  9.687   -2.508  1.00 46.77 ? 135 LEU A N   1 
ATOM   779  C CA  . LEU A 1 135 ? 13.159  8.780   -1.396  1.00 43.94 ? 135 LEU A CA  1 
ATOM   780  C C   . LEU A 1 135 ? 12.261  7.736   -2.090  1.00 42.34 ? 135 LEU A C   1 
ATOM   781  O O   . LEU A 1 135 ? 11.522  6.978   -1.460  1.00 41.58 ? 135 LEU A O   1 
ATOM   782  C CB  . LEU A 1 135 ? 12.459  9.478   -0.228  1.00 20.00 ? 135 LEU A CB  1 
ATOM   783  N N   . GLN A 1 136 ? 12.353  7.732   -3.417  1.00 39.80 ? 136 GLN A N   1 
ATOM   784  C CA  . GLN A 1 136 ? 11.601  6.843   -4.281  1.00 37.71 ? 136 GLN A CA  1 
ATOM   785  C C   . GLN A 1 136 ? 12.112  5.407   -4.262  1.00 35.30 ? 136 GLN A C   1 
ATOM   786  O O   . GLN A 1 136 ? 11.475  4.511   -4.819  1.00 35.72 ? 136 GLN A O   1 
ATOM   787  C CB  . GLN A 1 136 ? 11.625  7.375   -5.717  1.00 41.53 ? 136 GLN A CB  1 
ATOM   788  C CG  . GLN A 1 136 ? 10.756  8.606   -5.924  1.00 44.87 ? 136 GLN A CG  1 
ATOM   789  C CD  . GLN A 1 136 ? 9.811   8.455   -7.107  1.00 48.05 ? 136 GLN A CD  1 
ATOM   790  O OE1 . GLN A 1 136 ? 9.261   7.367   -7.354  1.00 48.96 ? 136 GLN A OE1 1 
ATOM   791  N NE2 . GLN A 1 136 ? 9.602   9.548   -7.835  1.00 48.87 ? 136 GLN A NE2 1 
ATOM   792  N N   . GLY A 1 137 ? 13.274  5.189   -3.661  1.00 31.62 ? 137 GLY A N   1 
ATOM   793  C CA  . GLY A 1 137 ? 13.779  3.839   -3.570  1.00 29.00 ? 137 GLY A CA  1 
ATOM   794  C C   . GLY A 1 137 ? 12.915  3.187   -2.512  1.00 27.80 ? 137 GLY A C   1 
ATOM   795  O O   . GLY A 1 137 ? 12.616  1.996   -2.555  1.00 26.75 ? 137 GLY A O   1 
ATOM   796  N N   . ARG A 1 138 ? 12.490  4.008   -1.559  1.00 28.10 ? 138 ARG A N   1 
ATOM   797  C CA  . ARG A 1 138 ? 11.648  3.541   -0.473  1.00 27.56 ? 138 ARG A CA  1 
ATOM   798  C C   . ARG A 1 138 ? 10.223  3.284   -0.955  1.00 27.73 ? 138 ARG A C   1 
ATOM   799  O O   . ARG A 1 138 ? 9.554   2.385   -0.448  1.00 29.79 ? 138 ARG A O   1 
ATOM   800  C CB  . ARG A 1 138 ? 11.650  4.546   0.679   1.00 26.58 ? 138 ARG A CB  1 
ATOM   801  C CG  . ARG A 1 138 ? 11.705  3.886   2.052   1.00 26.93 ? 138 ARG A CG  1 
ATOM   802  C CD  . ARG A 1 138 ? 10.973  2.553   2.026   1.00 28.40 ? 138 ARG A CD  1 
ATOM   803  N NE  . ARG A 1 138 ? 10.871  1.883   3.322   1.00 29.73 ? 138 ARG A NE  1 
ATOM   804  C CZ  . ARG A 1 138 ? 10.323  0.679   3.469   1.00 29.56 ? 138 ARG A CZ  1 
ATOM   805  N NH1 . ARG A 1 138 ? 9.851   0.051   2.403   1.00 27.81 ? 138 ARG A NH1 1 
ATOM   806  N NH2 . ARG A 1 138 ? 10.234  0.106   4.664   1.00 29.34 ? 138 ARG A NH2 1 
ATOM   807  N N   . ILE A 1 139 ? 9.752   4.065   -1.924  1.00 26.29 ? 139 ILE A N   1 
ATOM   808  C CA  . ILE A 1 139 ? 8.413   3.842   -2.457  1.00 26.33 ? 139 ILE A CA  1 
ATOM   809  C C   . ILE A 1 139 ? 8.463   2.499   -3.173  1.00 27.75 ? 139 ILE A C   1 
ATOM   810  O O   . ILE A 1 139 ? 7.658   1.600   -2.912  1.00 27.49 ? 139 ILE A O   1 
ATOM   811  C CB  . ILE A 1 139 ? 8.005   4.879   -3.511  1.00 25.70 ? 139 ILE A CB  1 
ATOM   812  C CG1 . ILE A 1 139 ? 8.153   6.305   -2.964  1.00 25.77 ? 139 ILE A CG1 1 
ATOM   813  C CG2 . ILE A 1 139 ? 6.572   4.603   -3.946  1.00 25.85 ? 139 ILE A CG2 1 
ATOM   814  C CD1 . ILE A 1 139 ? 7.056   6.742   -2.039  1.00 24.31 ? 139 ILE A CD1 1 
ATOM   815  N N   . ASN A 1 140 ? 9.431   2.383   -4.082  1.00 28.34 ? 140 ASN A N   1 
ATOM   816  C CA  . ASN A 1 140 ? 9.630   1.176   -4.865  1.00 27.25 ? 140 ASN A CA  1 
ATOM   817  C C   . ASN A 1 140 ? 9.785   -0.058  -3.980  1.00 26.15 ? 140 ASN A C   1 
ATOM   818  O O   . ASN A 1 140 ? 9.318   -1.141  -4.345  1.00 26.37 ? 140 ASN A O   1 
ATOM   819  C CB  . ASN A 1 140 ? 10.847  1.339   -5.774  1.00 28.97 ? 140 ASN A CB  1 
ATOM   820  C CG  . ASN A 1 140 ? 11.062  0.139   -6.674  1.00 32.72 ? 140 ASN A CG  1 
ATOM   821  O OD1 . ASN A 1 140 ? 10.192  -0.228  -7.467  1.00 34.64 ? 140 ASN A OD1 1 
ATOM   822  N ND2 . ASN A 1 140 ? 12.229  -0.486  -6.554  1.00 35.42 ? 140 ASN A ND2 1 
ATOM   823  N N   . GLN A 1 141 ? 10.426  0.097   -2.818  1.00 23.58 ? 141 GLN A N   1 
ATOM   824  C CA  . GLN A 1 141 ? 10.595  -1.034  -1.898  1.00 22.64 ? 141 GLN A CA  1 
ATOM   825  C C   . GLN A 1 141 ? 9.229   -1.510  -1.409  1.00 22.84 ? 141 GLN A C   1 
ATOM   826  O O   . GLN A 1 141 ? 8.988   -2.709  -1.267  1.00 20.33 ? 141 GLN A O   1 
ATOM   827  C CB  . GLN A 1 141 ? 11.437  -0.643  -0.686  1.00 23.99 ? 141 GLN A CB  1 
ATOM   828  C CG  . GLN A 1 141 ? 11.819  -1.842  0.186   1.00 25.88 ? 141 GLN A CG  1 
ATOM   829  C CD  . GLN A 1 141 ? 12.295  -1.454  1.582   1.00 27.57 ? 141 GLN A CD  1 
ATOM   830  O OE1 . GLN A 1 141 ? 13.149  -0.586  1.744   1.00 27.91 ? 141 GLN A OE1 1 
ATOM   831  N NE2 . GLN A 1 141 ? 11.742  -2.104  2.597   1.00 26.60 ? 141 GLN A NE2 1 
ATOM   832  N N   . LEU A 1 142 ? 8.347   -0.544  -1.148  1.00 23.27 ? 142 LEU A N   1 
ATOM   833  C CA  . LEU A 1 142 ? 6.986   -0.799  -0.687  1.00 22.36 ? 142 LEU A CA  1 
ATOM   834  C C   . LEU A 1 142 ? 6.239   -1.623  -1.736  1.00 24.51 ? 142 LEU A C   1 
ATOM   835  O O   . LEU A 1 142 ? 5.463   -2.521  -1.394  1.00 25.23 ? 142 LEU A O   1 
ATOM   836  C CB  . LEU A 1 142 ? 6.273   0.531   -0.462  1.00 19.96 ? 142 LEU A CB  1 
ATOM   837  C CG  . LEU A 1 142 ? 4.856   0.610   0.119   1.00 19.64 ? 142 LEU A CG  1 
ATOM   838  C CD1 . LEU A 1 142 ? 4.500   2.087   0.271   1.00 18.64 ? 142 LEU A CD1 1 
ATOM   839  C CD2 . LEU A 1 142 ? 3.831   -0.091  -0.777  1.00 16.56 ? 142 LEU A CD2 1 
ATOM   840  N N   . PHE A 1 143 ? 6.466   -1.311  -3.012  1.00 24.80 ? 143 PHE A N   1 
ATOM   841  C CA  . PHE A 1 143 ? 5.815   -2.027  -4.103  1.00 26.40 ? 143 PHE A CA  1 
ATOM   842  C C   . PHE A 1 143 ? 6.373   -3.437  -4.307  1.00 29.49 ? 143 PHE A C   1 
ATOM   843  O O   . PHE A 1 143 ? 5.613   -4.402  -4.490  1.00 29.21 ? 143 PHE A O   1 
ATOM   844  C CB  . PHE A 1 143 ? 5.936   -1.223  -5.398  1.00 25.39 ? 143 PHE A CB  1 
ATOM   845  C CG  . PHE A 1 143 ? 4.861   -0.193  -5.567  1.00 25.27 ? 143 PHE A CG  1 
ATOM   846  C CD1 . PHE A 1 143 ? 3.551   -0.577  -5.802  1.00 24.73 ? 143 PHE A CD1 1 
ATOM   847  C CD2 . PHE A 1 143 ? 5.155   1.164   -5.444  1.00 24.77 ? 143 PHE A CD2 1 
ATOM   848  C CE1 . PHE A 1 143 ? 2.545   0.375   -5.908  1.00 25.13 ? 143 PHE A CE1 1 
ATOM   849  C CE2 . PHE A 1 143 ? 4.165   2.121   -5.547  1.00 22.97 ? 143 PHE A CE2 1 
ATOM   850  C CZ  . PHE A 1 143 ? 2.856   1.732   -5.778  1.00 23.86 ? 143 PHE A CZ  1 
ATOM   851  N N   . GLU A 1 144 ? 7.701   -3.557  -4.288  1.00 31.50 ? 144 GLU A N   1 
ATOM   852  C CA  . GLU A 1 144 ? 8.335   -4.862  -4.463  1.00 33.39 ? 144 GLU A CA  1 
ATOM   853  C C   . GLU A 1 144 ? 7.839   -5.756  -3.327  1.00 32.96 ? 144 GLU A C   1 
ATOM   854  O O   . GLU A 1 144 ? 7.661   -6.967  -3.483  1.00 32.00 ? 144 GLU A O   1 
ATOM   855  C CB  . GLU A 1 144 ? 9.862   -4.731  -4.397  1.00 36.29 ? 144 GLU A CB  1 
ATOM   856  C CG  . GLU A 1 144 ? 10.505  -4.104  -5.627  1.00 39.02 ? 144 GLU A CG  1 
ATOM   857  C CD  . GLU A 1 144 ? 10.158  -4.848  -6.912  1.00 42.76 ? 144 GLU A CD  1 
ATOM   858  O OE1 . GLU A 1 144 ? 10.350  -6.088  -6.968  1.00 44.37 ? 144 GLU A OE1 1 
ATOM   859  O OE2 . GLU A 1 144 ? 9.691   -4.188  -7.867  1.00 44.06 ? 144 GLU A OE2 1 
ATOM   860  N N   . ARG A 1 145 ? 7.605   -5.114  -2.190  1.00 32.57 ? 145 ARG A N   1 
ATOM   861  C CA  . ARG A 1 145 ? 7.136   -5.764  -0.979  1.00 32.54 ? 145 ARG A CA  1 
ATOM   862  C C   . ARG A 1 145 ? 5.727   -6.323  -1.098  1.00 32.22 ? 145 ARG A C   1 
ATOM   863  O O   . ARG A 1 145 ? 5.474   -7.463  -0.720  1.00 31.52 ? 145 ARG A O   1 
ATOM   864  C CB  . ARG A 1 145 ? 7.181   -4.765  0.167   1.00 33.01 ? 145 ARG A CB  1 
ATOM   865  C CG  . ARG A 1 145 ? 6.606   -5.277  1.452   1.00 33.34 ? 145 ARG A CG  1 
ATOM   866  C CD  . ARG A 1 145 ? 7.554   -6.229  2.117   1.00 34.20 ? 145 ARG A CD  1 
ATOM   867  N NE  . ARG A 1 145 ? 7.589   -5.979  3.549   1.00 34.74 ? 145 ARG A NE  1 
ATOM   868  C CZ  . ARG A 1 145 ? 7.404   -6.920  4.458   1.00 35.59 ? 145 ARG A CZ  1 
ATOM   869  N NH1 . ARG A 1 145 ? 7.178   -8.166  4.063   1.00 37.24 ? 145 ARG A NH1 1 
ATOM   870  N NH2 . ARG A 1 145 ? 7.437   -6.616  5.749   1.00 33.24 ? 145 ARG A NH2 1 
ATOM   871  N N   . ILE A 1 146 ? 4.801   -5.506  -1.595  1.00 33.25 ? 146 ILE A N   1 
ATOM   872  C CA  . ILE A 1 146 ? 3.418   -5.943  -1.755  1.00 34.55 ? 146 ILE A CA  1 
ATOM   873  C C   . ILE A 1 146 ? 3.382   -6.949  -2.879  1.00 35.41 ? 146 ILE A C   1 
ATOM   874  O O   . ILE A 1 146 ? 2.473   -7.771  -2.969  1.00 35.35 ? 146 ILE A O   1 
ATOM   875  C CB  . ILE A 1 146 ? 2.482   -4.787  -2.126  1.00 34.90 ? 146 ILE A CB  1 
ATOM   876  C CG1 . ILE A 1 146 ? 2.446   -3.765  -0.998  1.00 36.21 ? 146 ILE A CG1 1 
ATOM   877  C CG2 . ILE A 1 146 ? 1.078   -5.317  -2.398  1.00 34.42 ? 146 ILE A CG2 1 
ATOM   878  C CD1 . ILE A 1 146 ? 1.603   -2.559  -1.327  1.00 38.58 ? 146 ILE A CD1 1 
ATOM   879  N N   . GLU A 1 147 ? 4.379   -6.869  -3.750  1.00 37.06 ? 147 GLU A N   1 
ATOM   880  C CA  . GLU A 1 147 ? 4.460   -7.789  -4.863  1.00 37.62 ? 147 GLU A CA  1 
ATOM   881  C C   . GLU A 1 147 ? 4.875   -9.177  -4.360  1.00 37.38 ? 147 GLU A C   1 
ATOM   882  O O   . GLU A 1 147 ? 4.325   -10.190 -4.796  1.00 37.81 ? 147 GLU A O   1 
ATOM   883  C CB  . GLU A 1 147 ? 5.455   -7.277  -5.902  1.00 38.42 ? 147 GLU A CB  1 
ATOM   884  C CG  . GLU A 1 147 ? 5.022   -7.573  -7.325  1.00 40.61 ? 147 GLU A CG  1 
ATOM   885  C CD  . GLU A 1 147 ? 6.079   -7.229  -8.355  1.00 42.31 ? 147 GLU A CD  1 
ATOM   886  O OE1 . GLU A 1 147 ? 6.565   -6.075  -8.369  1.00 44.10 ? 147 GLU A OE1 1 
ATOM   887  O OE2 . GLU A 1 147 ? 6.415   -8.120  -9.162  1.00 42.61 ? 147 GLU A OE2 1 
ATOM   888  N N   . ALA A 1 148 ? 5.828   -9.229  -3.433  1.00 36.65 ? 148 ALA A N   1 
ATOM   889  C CA  . ALA A 1 148 ? 6.286   -10.511 -2.885  1.00 36.26 ? 148 ALA A CA  1 
ATOM   890  C C   . ALA A 1 148 ? 5.238   -11.210 -2.002  1.00 35.33 ? 148 ALA A C   1 
ATOM   891  O O   . ALA A 1 148 ? 5.332   -12.413 -1.754  1.00 36.28 ? 148 ALA A O   1 
ATOM   892  C CB  . ALA A 1 148 ? 7.571   -10.317 -2.110  1.00 35.30 ? 148 ALA A CB  1 
ATOM   893  N N   . GLN A 1 149 ? 4.248   -10.462 -1.522  1.00 33.77 ? 149 GLN A N   1 
ATOM   894  C CA  . GLN A 1 149 ? 3.192   -11.050 -0.703  1.00 32.37 ? 149 GLN A CA  1 
ATOM   895  C C   . GLN A 1 149 ? 2.177   -11.683 -1.638  1.00 31.03 ? 149 GLN A C   1 
ATOM   896  O O   . GLN A 1 149 ? 1.537   -12.674 -1.307  1.00 31.64 ? 149 GLN A O   1 
ATOM   897  C CB  . GLN A 1 149 ? 2.516   -9.984  0.166   1.00 32.26 ? 149 GLN A CB  1 
ATOM   898  C CG  . GLN A 1 149 ? 3.347   -9.553  1.365   1.00 31.55 ? 149 GLN A CG  1 
ATOM   899  C CD  . GLN A 1 149 ? 3.307   -10.554 2.507   1.00 32.39 ? 149 GLN A CD  1 
ATOM   900  O OE1 . GLN A 1 149 ? 2.378   -10.557 3.312   1.00 33.75 ? 149 GLN A OE1 1 
ATOM   901  N NE2 . GLN A 1 149 ? 4.314   -11.414 2.577   1.00 32.85 ? 149 GLN A NE2 1 
ATOM   902  N N   . LEU A 1 150 ? 2.049   -11.088 -2.819  1.00 30.34 ? 150 LEU A N   1 
ATOM   903  C CA  . LEU A 1 150 ? 1.148   -11.560 -3.861  1.00 26.88 ? 150 LEU A CA  1 
ATOM   904  C C   . LEU A 1 150 ? 1.791   -12.815 -4.426  1.00 26.86 ? 150 LEU A C   1 
ATOM   905  O O   . LEU A 1 150 ? 1.167   -13.868 -4.542  1.00 24.82 ? 150 LEU A O   1 
ATOM   906  C CB  . LEU A 1 150 ? 1.050   -10.497 -4.948  1.00 23.92 ? 150 LEU A CB  1 
ATOM   907  C CG  . LEU A 1 150 ? -0.293  -9.828  -5.214  1.00 24.46 ? 150 LEU A CG  1 
ATOM   908  C CD1 . LEU A 1 150 ? -1.089  -9.648  -3.942  1.00 23.59 ? 150 LEU A CD1 1 
ATOM   909  C CD2 . LEU A 1 150 ? -0.024  -8.494  -5.881  1.00 24.54 ? 150 LEU A CD2 1 
ATOM   910  N N   . ARG A 1 151 ? 3.067   -12.677 -4.756  1.00 28.01 ? 151 ARG A N   1 
ATOM   911  C CA  . ARG A 1 151 ? 3.858   -13.758 -5.310  1.00 30.23 ? 151 ARG A CA  1 
ATOM   912  C C   . ARG A 1 151 ? 3.770   -15.050 -4.493  1.00 31.76 ? 151 ARG A C   1 
ATOM   913  O O   . ARG A 1 151 ? 3.690   -16.136 -5.058  1.00 33.41 ? 151 ARG A O   1 
ATOM   914  C CB  . ARG A 1 151 ? 5.310   -13.310 -5.414  1.00 28.72 ? 151 ARG A CB  1 
ATOM   915  C CG  . ARG A 1 151 ? 6.111   -14.048 -6.459  1.00 30.16 ? 151 ARG A CG  1 
ATOM   916  C CD  . ARG A 1 151 ? 7.066   -13.068 -7.098  1.00 30.62 ? 151 ARG A CD  1 
ATOM   917  N NE  . ARG A 1 151 ? 7.853   -12.405 -6.067  1.00 30.50 ? 151 ARG A NE  1 
ATOM   918  C CZ  . ARG A 1 151 ? 8.305   -11.162 -6.143  1.00 29.70 ? 151 ARG A CZ  1 
ATOM   919  N NH1 . ARG A 1 151 ? 8.044   -10.427 -7.214  1.00 30.57 ? 151 ARG A NH1 1 
ATOM   920  N NH2 . ARG A 1 151 ? 9.033   -10.669 -5.146  1.00 28.67 ? 151 ARG A NH2 1 
ATOM   921  N N   . GLN A 1 152 ? 3.786   -14.948 -3.172  1.00 32.11 ? 152 GLN A N   1 
ATOM   922  C CA  . GLN A 1 152 ? 3.708   -16.148 -2.359  1.00 33.89 ? 152 GLN A CA  1 
ATOM   923  C C   . GLN A 1 152 ? 2.294   -16.681 -2.120  1.00 34.64 ? 152 GLN A C   1 
ATOM   924  O O   . GLN A 1 152 ? 2.126   -17.868 -1.842  1.00 34.76 ? 152 GLN A O   1 
ATOM   925  C CB  . GLN A 1 152 ? 4.403   -15.932 -1.023  1.00 35.06 ? 152 GLN A CB  1 
ATOM   926  C CG  . GLN A 1 152 ? 3.958   -14.707 -0.294  1.00 38.96 ? 152 GLN A CG  1 
ATOM   927  C CD  . GLN A 1 152 ? 4.260   -14.805 1.180   1.00 41.71 ? 152 GLN A CD  1 
ATOM   928  O OE1 . GLN A 1 152 ? 3.413   -15.221 1.978   1.00 42.47 ? 152 GLN A OE1 1 
ATOM   929  N NE2 . GLN A 1 152 ? 5.484   -14.445 1.553   1.00 42.97 ? 152 GLN A NE2 1 
ATOM   930  N N   . VAL A 1 153 ? 1.281   -15.822 -2.198  1.00 34.01 ? 153 VAL A N   1 
ATOM   931  C CA  . VAL A 1 153 ? -0.084  -16.294 -2.019  1.00 33.62 ? 153 VAL A CA  1 
ATOM   932  C C   . VAL A 1 153 ? -0.386  -17.171 -3.233  1.00 34.17 ? 153 VAL A C   1 
ATOM   933  O O   . VAL A 1 153 ? -1.170  -18.114 -3.161  1.00 35.02 ? 153 VAL A O   1 
ATOM   934  C CB  . VAL A 1 153 ? -1.092  -15.127 -1.945  1.00 32.71 ? 153 VAL A CB  1 
ATOM   935  C CG1 . VAL A 1 153 ? -2.508  -15.652 -2.082  1.00 31.88 ? 153 VAL A CG1 1 
ATOM   936  C CG2 . VAL A 1 153 ? -0.948  -14.406 -0.624  1.00 30.72 ? 153 VAL A CG2 1 
ATOM   937  N N   . LEU A 1 154 ? 0.270   -16.853 -4.343  1.00 34.92 ? 154 LEU A N   1 
ATOM   938  C CA  . LEU A 1 154 ? 0.123   -17.597 -5.587  1.00 36.78 ? 154 LEU A CA  1 
ATOM   939  C C   . LEU A 1 154 ? 0.956   -18.869 -5.519  1.00 37.76 ? 154 LEU A C   1 
ATOM   940  O O   . LEU A 1 154 ? 0.640   -19.864 -6.166  1.00 37.24 ? 154 LEU A O   1 
ATOM   941  C CB  . LEU A 1 154 ? 0.602   -16.750 -6.771  1.00 37.25 ? 154 LEU A CB  1 
ATOM   942  C CG  . LEU A 1 154 ? -0.222  -15.513 -7.130  1.00 37.45 ? 154 LEU A CG  1 
ATOM   943  C CD1 . LEU A 1 154 ? 0.625   -14.576 -7.962  1.00 38.56 ? 154 LEU A CD1 1 
ATOM   944  C CD2 . LEU A 1 154 ? -1.482  -15.918 -7.870  1.00 37.20 ? 154 LEU A CD2 1 
ATOM   945  N N   . ARG A 1 155 ? 2.038   -18.816 -4.746  1.00 40.44 ? 155 ARG A N   1 
ATOM   946  C CA  . ARG A 1 155 ? 2.928   -19.961 -4.566  1.00 42.04 ? 155 ARG A CA  1 
ATOM   947  C C   . ARG A 1 155 ? 2.264   -20.983 -3.660  1.00 42.72 ? 155 ARG A C   1 
ATOM   948  O O   . ARG A 1 155 ? 2.254   -22.168 -3.963  1.00 43.59 ? 155 ARG A O   1 
ATOM   949  C CB  . ARG A 1 155 ? 4.257   -19.539 -3.928  1.00 42.50 ? 155 ARG A CB  1 
ATOM   950  C CG  . ARG A 1 155 ? 5.409   -19.400 -4.896  1.00 44.43 ? 155 ARG A CG  1 
ATOM   951  C CD  . ARG A 1 155 ? 6.748   -19.289 -4.168  1.00 46.11 ? 155 ARG A CD  1 
ATOM   952  N NE  . ARG A 1 155 ? 6.882   -18.055 -3.396  1.00 47.37 ? 155 ARG A NE  1 
ATOM   953  C CZ  . ARG A 1 155 ? 6.800   -17.976 -2.069  1.00 48.46 ? 155 ARG A CZ  1 
ATOM   954  N NH1 . ARG A 1 155 ? 6.581   -19.063 -1.338  1.00 48.37 ? 155 ARG A NH1 1 
ATOM   955  N NH2 . ARG A 1 155 ? 6.949   -16.805 -1.466  1.00 48.74 ? 155 ARG A NH2 1 
ATOM   956  N N   . GLU A 1 156 ? 1.713   -20.513 -2.544  1.00 43.54 ? 156 GLU A N   1 
ATOM   957  C CA  . GLU A 1 156 ? 1.049   -21.382 -1.582  1.00 44.80 ? 156 GLU A CA  1 
ATOM   958  C C   . GLU A 1 156 ? -0.166  -22.065 -2.204  1.00 45.70 ? 156 GLU A C   1 
ATOM   959  O O   . GLU A 1 156 ? -0.997  -22.637 -1.498  1.00 47.82 ? 156 GLU A O   1 
ATOM   960  C CB  . GLU A 1 156 ? 0.630   -20.587 -0.344  1.00 20.00 ? 156 GLU A CB  1 
ATOM   961  N N   . LYS A 1 157 ? -0.270  -22.006 -3.525  1.00 45.00 ? 157 LYS A N   1 
ATOM   962  C CA  . LYS A 1 157 ? -1.380  -22.636 -4.222  1.00 45.56 ? 157 LYS A CA  1 
ATOM   963  C C   . LYS A 1 157 ? -0.900  -23.975 -4.766  1.00 47.30 ? 157 LYS A C   1 
ATOM   964  O O   . LYS A 1 157 ? -1.626  -24.962 -4.739  1.00 48.98 ? 157 LYS A O   1 
ATOM   965  C CB  . LYS A 1 157 ? -1.870  -21.730 -5.350  1.00 44.84 ? 157 LYS A CB  1 
ATOM   966  C CG  . LYS A 1 157 ? -3.112  -22.213 -6.068  1.00 43.83 ? 157 LYS A CG  1 
ATOM   967  C CD  . LYS A 1 157 ? -2.763  -22.601 -7.489  1.00 44.95 ? 157 LYS A CD  1 
ATOM   968  C CE  . LYS A 1 157 ? -3.988  -22.996 -8.304  1.00 45.44 ? 157 LYS A CE  1 
ATOM   969  N NZ  . LYS A 1 157 ? -3.608  -23.480 -9.673  1.00 44.17 ? 157 LYS A NZ  1 
ATOM   970  N N   . ARG A 1 158 ? 0.330   -24.000 -5.260  1.00 47.78 ? 158 ARG A N   1 
ATOM   971  C CA  . ARG A 1 158 ? 0.923   -25.226 -5.766  1.00 48.07 ? 158 ARG A CA  1 
ATOM   972  C C   . ARG A 1 158 ? 1.387   -26.035 -4.557  1.00 48.80 ? 158 ARG A C   1 
ATOM   973  O O   . ARG A 1 158 ? 1.389   -27.265 -4.585  1.00 48.98 ? 158 ARG A O   1 
ATOM   974  C CB  . ARG A 1 158 ? 2.124   -24.909 -6.664  1.00 48.07 ? 158 ARG A CB  1 
ATOM   975  C CG  . ARG A 1 158 ? 3.269   -25.913 -6.551  1.00 47.99 ? 158 ARG A CG  1 
ATOM   976  C CD  . ARG A 1 158 ? 4.440   -25.578 -7.460  1.00 47.36 ? 158 ARG A CD  1 
ATOM   977  N NE  . ARG A 1 158 ? 5.619   -26.376 -7.122  1.00 47.10 ? 158 ARG A NE  1 
ATOM   978  C CZ  . ARG A 1 158 ? 6.679   -26.538 -7.913  1.00 46.73 ? 158 ARG A CZ  1 
ATOM   979  N NH1 . ARG A 1 158 ? 6.724   -25.960 -9.108  1.00 46.90 ? 158 ARG A NH1 1 
ATOM   980  N NH2 . ARG A 1 158 ? 7.700   -27.282 -7.506  1.00 46.67 ? 158 ARG A NH2 1 
ATOM   981  N N   . MET A 1 159 ? 1.772   -25.327 -3.495  1.00 50.86 ? 159 MET A N   1 
ATOM   982  C CA  . MET A 1 159 ? 2.242   -25.950 -2.262  1.00 53.53 ? 159 MET A CA  1 
ATOM   983  C C   . MET A 1 159 ? 1.250   -26.992 -1.749  1.00 52.64 ? 159 MET A C   1 
ATOM   984  O O   . MET A 1 159 ? 1.605   -27.874 -0.966  1.00 51.06 ? 159 MET A O   1 
ATOM   985  C CB  . MET A 1 159 ? 2.476   -24.904 -1.180  1.00 57.96 ? 159 MET A CB  1 
ATOM   986  C CG  . MET A 1 159 ? 3.127   -25.510 0.047   1.00 67.15 ? 159 MET A CG  1 
ATOM   987  S SD  . MET A 1 159 ? 3.389   -24.326 1.580   1.00 79.54 ? 159 MET A SD  1 
ATOM   988  C CE  . MET A 1 159 ? 4.064   -25.648 2.855   1.00 75.72 ? 159 MET A CE  1 
ATOM   989  N N   . ARG A 1 160 ? -0.004  -26.859 -2.171  1.00 52.53 ? 160 ARG A N   1 
ATOM   990  C CA  . ARG A 1 160 ? -1.062  -27.800 -1.818  1.00 52.82 ? 160 ARG A CA  1 
ATOM   991  C C   . ARG A 1 160 ? -1.910  -27.901 -3.076  1.00 52.65 ? 160 ARG A C   1 
ATOM   992  O O   . ARG A 1 160 ? -3.016  -27.363 -3.154  1.00 53.59 ? 160 ARG A O   1 
ATOM   993  C CB  . ARG A 1 160 ? -1.903  -27.297 -0.635  1.00 52.32 ? 160 ARG A CB  1 
ATOM   994  C CG  . ARG A 1 160 ? -2.501  -25.900 -0.792  1.00 52.39 ? 160 ARG A CG  1 
ATOM   995  C CD  . ARG A 1 160 ? -3.554  -25.647 0.288   1.00 51.78 ? 160 ARG A CD  1 
ATOM   996  N NE  . ARG A 1 160 ? -3.835  -24.224 0.489   1.00 52.32 ? 160 ARG A NE  1 
ATOM   997  C CZ  . ARG A 1 160 ? -4.318  -23.403 -0.445  1.00 51.86 ? 160 ARG A CZ  1 
ATOM   998  N NH1 . ARG A 1 160 ? -4.589  -23.851 -1.665  1.00 52.47 ? 160 ARG A NH1 1 
ATOM   999  N NH2 . ARG A 1 160 ? -4.508  -22.120 -0.167  1.00 51.63 ? 160 ARG A NH2 1 
ATOM   1000 N N   . GLU A 1 161 ? -1.350  -28.587 -4.066  1.00 53.08 ? 161 GLU A N   1 
ATOM   1001 C CA  . GLU A 1 161 ? -1.964  -28.778 -5.379  1.00 54.14 ? 161 GLU A CA  1 
ATOM   1002 C C   . GLU A 1 161 ? -0.765  -29.105 -6.298  1.00 55.68 ? 161 GLU A C   1 
ATOM   1003 O O   . GLU A 1 161 ? -0.830  -28.935 -7.528  1.00 56.09 ? 161 GLU A O   1 
ATOM   1004 C CB  . GLU A 1 161 ? -2.636  -27.475 -5.845  1.00 52.89 ? 161 GLU A CB  1 
ATOM   1005 C CG  . GLU A 1 161 ? -3.948  -27.657 -6.595  1.00 51.59 ? 161 GLU A CG  1 
ATOM   1006 C CD  . GLU A 1 161 ? -5.112  -26.903 -5.936  1.00 52.48 ? 161 GLU A CD  1 
ATOM   1007 O OE1 . GLU A 1 161 ? -6.271  -27.072 -6.389  1.00 52.73 ? 161 GLU A OE1 1 
ATOM   1008 O OE2 . GLU A 1 161 ? -4.876  -26.142 -4.967  1.00 51.39 ? 161 GLU A OE2 1 
ATOM   1009 N N   . GLY A 1 162 ? 0.324   -29.557 -5.664  1.00 55.18 ? 162 GLY A N   1 
ATOM   1010 C CA  . GLY A 1 162 ? 1.558   -29.901 -6.359  1.00 54.98 ? 162 GLY A CA  1 
ATOM   1011 C C   . GLY A 1 162 ? 1.499   -29.945 -7.878  1.00 55.68 ? 162 GLY A C   1 
ATOM   1012 O O   . GLY A 1 162 ? 1.658   -28.927 -8.559  1.00 56.17 ? 162 GLY A O   1 
ATOM   1013 N N   . GLY A 1 164 ? 1.106   -26.042 -9.717  1.00 63.28 ? 164 GLY A N   1 
ATOM   1014 C CA  . GLY A 1 164 ? 0.699   -24.652 -9.592  1.00 62.15 ? 164 GLY A CA  1 
ATOM   1015 C C   . GLY A 1 164 ? 0.201   -24.044 -10.894 1.00 62.67 ? 164 GLY A C   1 
ATOM   1016 O O   . GLY A 1 164 ? 0.105   -24.730 -11.915 1.00 61.66 ? 164 GLY A O   1 
ATOM   1017 N N   . TYR A 1 165 ? -0.112  -22.751 -10.856 1.00 61.26 ? 165 TYR A N   1 
ATOM   1018 C CA  . TYR A 1 165 ? -0.609  -22.018 -12.021 1.00 59.63 ? 165 TYR A CA  1 
ATOM   1019 C C   . TYR A 1 165 ? 0.221   -22.256 -13.280 1.00 58.43 ? 165 TYR A C   1 
ATOM   1020 O O   . TYR A 1 165 ? 1.418   -22.550 -13.204 1.00 58.02 ? 165 TYR A O   1 
ATOM   1021 C CB  . TYR A 1 165 ? -0.649  -20.512 -11.719 1.00 60.11 ? 165 TYR A CB  1 
ATOM   1022 C CG  . TYR A 1 165 ? -1.742  -20.100 -10.751 1.00 59.43 ? 165 TYR A CG  1 
ATOM   1023 C CD1 . TYR A 1 165 ? -3.083  -20.161 -11.122 1.00 58.72 ? 165 TYR A CD1 1 
ATOM   1024 C CD2 . TYR A 1 165 ? -1.431  -19.624 -9.473  1.00 59.67 ? 165 TYR A CD2 1 
ATOM   1025 C CE1 . TYR A 1 165 ? -4.094  -19.752 -10.251 1.00 59.78 ? 165 TYR A CE1 1 
ATOM   1026 C CE2 . TYR A 1 165 ? -2.436  -19.213 -8.586  1.00 59.81 ? 165 TYR A CE2 1 
ATOM   1027 C CZ  . TYR A 1 165 ? -3.769  -19.277 -8.983  1.00 60.27 ? 165 TYR A CZ  1 
ATOM   1028 O OH  . TYR A 1 165 ? -4.776  -18.858 -8.129  1.00 59.66 ? 165 TYR A OH  1 
ATOM   1029 N N   . ALA A 1 166 ? -0.436  -22.119 -14.430 1.00 57.47 ? 166 ALA A N   1 
ATOM   1030 C CA  . ALA A 1 166 ? 0.185   -22.301 -15.735 1.00 56.04 ? 166 ALA A CA  1 
ATOM   1031 C C   . ALA A 1 166 ? 1.029   -21.088 -16.097 1.00 55.84 ? 166 ALA A C   1 
ATOM   1032 O O   . ALA A 1 166 ? 1.563   -21.002 -17.205 1.00 56.19 ? 166 ALA A O   1 
ATOM   1033 C CB  . ALA A 1 166 ? -0.889  -22.525 -16.797 1.00 53.92 ? 166 ALA A CB  1 
ATOM   1034 N N   . THR A 1 167 ? 1.143   -20.149 -15.164 1.00 54.86 ? 167 THR A N   1 
ATOM   1035 C CA  . THR A 1 167 ? 1.931   -18.948 -15.403 1.00 54.66 ? 167 THR A CA  1 
ATOM   1036 C C   . THR A 1 167 ? 2.893   -18.706 -14.262 1.00 52.60 ? 167 THR A C   1 
ATOM   1037 O O   . THR A 1 167 ? 2.579   -18.987 -13.106 1.00 52.47 ? 167 THR A O   1 
ATOM   1038 C CB  . THR A 1 167 ? 1.050   -17.699 -15.520 1.00 55.59 ? 167 THR A CB  1 
ATOM   1039 O OG1 . THR A 1 167 ? -0.173  -18.034 -16.188 1.00 57.55 ? 167 THR A OG1 1 
ATOM   1040 C CG2 . THR A 1 167 ? 1.790   -16.609 -16.310 1.00 56.89 ? 167 THR A CG2 1 
ATOM   1041 N N   . ASP A 1 168 ? 4.067   -18.182 -14.597 1.00 50.92 ? 168 ASP A N   1 
ATOM   1042 C CA  . ASP A 1 168 ? 5.072   -17.875 -13.595 1.00 49.75 ? 168 ASP A CA  1 
ATOM   1043 C C   . ASP A 1 168 ? 4.417   -16.960 -12.563 1.00 47.94 ? 168 ASP A C   1 
ATOM   1044 O O   . ASP A 1 168 ? 3.879   -15.911 -12.915 1.00 47.46 ? 168 ASP A O   1 
ATOM   1045 C CB  . ASP A 1 168 ? 6.259   -17.178 -14.255 1.00 50.60 ? 168 ASP A CB  1 
ATOM   1046 C CG  . ASP A 1 168 ? 7.330   -16.800 -13.266 1.00 52.25 ? 168 ASP A CG  1 
ATOM   1047 O OD1 . ASP A 1 168 ? 7.652   -17.654 -12.406 1.00 52.68 ? 168 ASP A OD1 1 
ATOM   1048 O OD2 . ASP A 1 168 ? 7.850   -15.660 -13.357 1.00 52.57 ? 168 ASP A OD2 1 
ATOM   1049 N N   . GLU A 1 169 ? 4.443   -17.364 -11.296 1.00 46.89 ? 169 GLU A N   1 
ATOM   1050 C CA  . GLU A 1 169 ? 3.827   -16.561 -10.250 1.00 46.30 ? 169 GLU A CA  1 
ATOM   1051 C C   . GLU A 1 169 ? 4.443   -15.180 -10.154 1.00 43.58 ? 169 GLU A C   1 
ATOM   1052 O O   . GLU A 1 169 ? 3.822   -14.257 -9.628  1.00 43.79 ? 169 GLU A O   1 
ATOM   1053 C CB  . GLU A 1 169 ? 3.906   -17.268 -8.893  1.00 48.52 ? 169 GLU A CB  1 
ATOM   1054 C CG  . GLU A 1 169 ? 2.839   -18.358 -8.704  1.00 51.99 ? 169 GLU A CG  1 
ATOM   1055 C CD  . GLU A 1 169 ? 3.369   -19.770 -8.952  1.00 53.81 ? 169 GLU A CD  1 
ATOM   1056 O OE1 . GLU A 1 169 ? 4.320   -20.185 -8.246  1.00 53.62 ? 169 GLU A OE1 1 
ATOM   1057 O OE2 . GLU A 1 169 ? 2.829   -20.461 -9.850  1.00 54.27 ? 169 GLU A OE2 1 
ATOM   1058 N N   . THR A 1 170 ? 5.660   -15.040 -10.669 1.00 40.89 ? 170 THR A N   1 
ATOM   1059 C CA  . THR A 1 170 ? 6.355   -13.752 -10.668 1.00 37.92 ? 170 THR A CA  1 
ATOM   1060 C C   . THR A 1 170 ? 5.706   -12.865 -11.735 1.00 35.98 ? 170 THR A C   1 
ATOM   1061 O O   . THR A 1 170 ? 5.491   -11.668 -11.531 1.00 34.90 ? 170 THR A O   1 
ATOM   1062 C CB  . THR A 1 170 ? 7.864   -13.955 -10.949 1.00 36.35 ? 170 THR A CB  1 
ATOM   1063 O OG1 . THR A 1 170 ? 8.452   -14.625 -9.828  1.00 34.00 ? 170 THR A OG1 1 
ATOM   1064 C CG2 . THR A 1 170 ? 8.582   -12.625 -11.152 1.00 35.02 ? 170 THR A CG2 1 
ATOM   1065 N N   . LEU A 1 171 ? 5.384   -13.485 -12.865 1.00 33.88 ? 171 LEU A N   1 
ATOM   1066 C CA  . LEU A 1 171 ? 4.746   -12.815 -13.993 1.00 31.68 ? 171 LEU A CA  1 
ATOM   1067 C C   . LEU A 1 171 ? 3.325   -12.386 -13.585 1.00 29.14 ? 171 LEU A C   1 
ATOM   1068 O O   . LEU A 1 171 ? 2.864   -11.292 -13.922 1.00 27.76 ? 171 LEU A O   1 
ATOM   1069 C CB  . LEU A 1 171 ? 4.681   -13.794 -15.167 1.00 34.48 ? 171 LEU A CB  1 
ATOM   1070 C CG  . LEU A 1 171 ? 5.060   -13.288 -16.562 1.00 38.07 ? 171 LEU A CG  1 
ATOM   1071 C CD1 . LEU A 1 171 ? 6.207   -14.147 -17.115 1.00 39.05 ? 171 LEU A CD1 1 
ATOM   1072 C CD2 . LEU A 1 171 ? 3.842   -13.339 -17.484 1.00 38.03 ? 171 LEU A CD2 1 
ATOM   1073 N N   . LEU A 1 172 ? 2.651   -13.279 -12.860 1.00 26.84 ? 172 LEU A N   1 
ATOM   1074 C CA  . LEU A 1 172 ? 1.285   -13.095 -12.362 1.00 25.08 ? 172 LEU A CA  1 
ATOM   1075 C C   . LEU A 1 172 ? 1.190   -12.022 -11.284 1.00 23.27 ? 172 LEU A C   1 
ATOM   1076 O O   . LEU A 1 172 ? 0.340   -11.136 -11.341 1.00 22.93 ? 172 LEU A O   1 
ATOM   1077 C CB  . LEU A 1 172 ? 0.771   -14.404 -11.765 1.00 24.90 ? 172 LEU A CB  1 
ATOM   1078 C CG  . LEU A 1 172 ? -0.394  -15.138 -12.407 1.00 24.64 ? 172 LEU A CG  1 
ATOM   1079 C CD1 . LEU A 1 172 ? -0.850  -16.211 -11.435 1.00 25.68 ? 172 LEU A CD1 1 
ATOM   1080 C CD2 . LEU A 1 172 ? -1.538  -14.182 -12.703 1.00 24.33 ? 172 LEU A CD2 1 
ATOM   1081 N N   . ALA A 1 173 ? 2.039   -12.136 -10.272 1.00 21.85 ? 173 ALA A N   1 
ATOM   1082 C CA  . ALA A 1 173 ? 2.046   -11.162 -9.191  1.00 20.98 ? 173 ALA A CA  1 
ATOM   1083 C C   . ALA A 1 173 ? 2.225   -9.771  -9.789  1.00 18.19 ? 173 ALA A C   1 
ATOM   1084 O O   . ALA A 1 173 ? 1.452   -8.865  -9.494  1.00 18.66 ? 173 ALA A O   1 
ATOM   1085 C CB  . ALA A 1 173 ? 3.183   -11.474 -8.195  1.00 19.32 ? 173 ALA A CB  1 
ATOM   1086 N N   . SER A 1 174 ? 3.232   -9.623  -10.646 1.00 16.24 ? 174 SER A N   1 
ATOM   1087 C CA  . SER A 1 174 ? 3.525   -8.341  -11.286 1.00 17.06 ? 174 SER A CA  1 
ATOM   1088 C C   . SER A 1 174 ? 2.433   -7.862  -12.256 1.00 19.33 ? 174 SER A C   1 
ATOM   1089 O O   . SER A 1 174 ? 2.319   -6.655  -12.528 1.00 18.56 ? 174 SER A O   1 
ATOM   1090 C CB  . SER A 1 174 ? 4.882   -8.394  -12.001 1.00 15.53 ? 174 SER A CB  1 
ATOM   1091 O OG  . SER A 1 174 ? 4.874   -9.234  -13.145 1.00 13.72 ? 174 SER A OG  1 
ATOM   1092 N N   . GLN A 1 175 ? 1.638   -8.808  -12.774 1.00 20.75 ? 175 GLN A N   1 
ATOM   1093 C CA  . GLN A 1 175 ? 0.527   -8.510  -13.691 1.00 20.38 ? 175 GLN A CA  1 
ATOM   1094 C C   . GLN A 1 175 ? -0.620  -7.945  -12.869 1.00 21.80 ? 175 GLN A C   1 
ATOM   1095 O O   . GLN A 1 175 ? -1.328  -7.034  -13.305 1.00 24.02 ? 175 GLN A O   1 
ATOM   1096 C CB  . GLN A 1 175 ? 0.030   -9.774  -14.382 1.00 20.37 ? 175 GLN A CB  1 
ATOM   1097 C CG  . GLN A 1 175 ? -1.005  -9.547  -15.472 1.00 21.85 ? 175 GLN A CG  1 
ATOM   1098 C CD  . GLN A 1 175 ? -0.378  -9.166  -16.810 1.00 22.23 ? 175 GLN A CD  1 
ATOM   1099 O OE1 . GLN A 1 175 ? 0.749   -9.567  -17.116 1.00 22.35 ? 175 GLN A OE1 1 
ATOM   1100 N NE2 . GLN A 1 175 ? -1.118  -8.414  -17.623 1.00 22.66 ? 175 GLN A NE2 1 
ATOM   1101 N N   . ILE A 1 176 ? -0.818  -8.505  -11.679 1.00 20.25 ? 176 ILE A N   1 
ATOM   1102 C CA  . ILE A 1 176 ? -1.884  -8.031  -10.804 1.00 19.49 ? 176 ILE A CA  1 
ATOM   1103 C C   . ILE A 1 176 ? -1.508  -6.672  -10.200 1.00 20.54 ? 176 ILE A C   1 
ATOM   1104 O O   . ILE A 1 176 ? -2.343  -5.761  -10.102 1.00 17.83 ? 176 ILE A O   1 
ATOM   1105 C CB  . ILE A 1 176 ? -2.155  -9.015  -9.657  1.00 17.39 ? 176 ILE A CB  1 
ATOM   1106 C CG1 . ILE A 1 176 ? -2.664  -10.348 -10.217 1.00 15.45 ? 176 ILE A CG1 1 
ATOM   1107 C CG2 . ILE A 1 176 ? -3.150  -8.402  -8.692  1.00 16.63 ? 176 ILE A CG2 1 
ATOM   1108 C CD1 . ILE A 1 176 ? -2.661  -11.472 -9.194  1.00 10.44 ? 176 ILE A CD1 1 
ATOM   1109 N N   . LEU A 1 177 ? -0.247  -6.537  -9.796  1.00 21.54 ? 177 LEU A N   1 
ATOM   1110 C CA  . LEU A 1 177 ? 0.208   -5.284  -9.204  1.00 23.08 ? 177 LEU A CA  1 
ATOM   1111 C C   . LEU A 1 177 ? 0.174   -4.153  -10.241 1.00 23.94 ? 177 LEU A C   1 
ATOM   1112 O O   . LEU A 1 177 ? -0.138  -3.007  -9.918  1.00 22.42 ? 177 LEU A O   1 
ATOM   1113 C CB  . LEU A 1 177 ? 1.622   -5.443  -8.634  1.00 21.36 ? 177 LEU A CB  1 
ATOM   1114 C CG  . LEU A 1 177 ? 2.159   -4.266  -7.816  1.00 21.33 ? 177 LEU A CG  1 
ATOM   1115 C CD1 . LEU A 1 177 ? 1.169   -3.881  -6.719  1.00 18.99 ? 177 LEU A CD1 1 
ATOM   1116 C CD2 . LEU A 1 177 ? 3.496   -4.658  -7.214  1.00 22.36 ? 177 LEU A CD2 1 
ATOM   1117 N N   . ALA A 1 178 ? 0.501   -4.475  -11.486 1.00 24.92 ? 178 ALA A N   1 
ATOM   1118 C CA  . ALA A 1 178 ? 0.459   -3.470  -12.532 1.00 24.95 ? 178 ALA A CA  1 
ATOM   1119 C C   . ALA A 1 178 ? -0.953  -2.864  -12.589 1.00 24.57 ? 178 ALA A C   1 
ATOM   1120 O O   . ALA A 1 178 ? -1.085  -1.644  -12.628 1.00 25.89 ? 178 ALA A O   1 
ATOM   1121 C CB  . ALA A 1 178 ? 0.819   -4.083  -13.865 1.00 25.21 ? 178 ALA A CB  1 
ATOM   1122 N N   . PHE A 1 179 ? -1.994  -3.706  -12.594 1.00 23.36 ? 179 PHE A N   1 
ATOM   1123 C CA  . PHE A 1 179 ? -3.384  -3.222  -12.636 1.00 22.23 ? 179 PHE A CA  1 
ATOM   1124 C C   . PHE A 1 179 ? -3.655  -2.283  -11.470 1.00 22.85 ? 179 PHE A C   1 
ATOM   1125 O O   . PHE A 1 179 ? -4.168  -1.174  -11.656 1.00 21.98 ? 179 PHE A O   1 
ATOM   1126 C CB  . PHE A 1 179 ? -4.388  -4.388  -12.569 1.00 19.05 ? 179 PHE A CB  1 
ATOM   1127 C CG  . PHE A 1 179 ? -5.794  -3.965  -12.208 1.00 17.45 ? 179 PHE A CG  1 
ATOM   1128 C CD1 . PHE A 1 179 ? -6.530  -3.136  -13.053 1.00 17.35 ? 179 PHE A CD1 1 
ATOM   1129 C CD2 . PHE A 1 179 ? -6.363  -4.352  -11.000 1.00 17.10 ? 179 PHE A CD2 1 
ATOM   1130 C CE1 . PHE A 1 179 ? -7.799  -2.692  -12.698 1.00 12.84 ? 179 PHE A CE1 1 
ATOM   1131 C CE2 . PHE A 1 179 ? -7.632  -3.911  -10.639 1.00 16.00 ? 179 PHE A CE2 1 
ATOM   1132 C CZ  . PHE A 1 179 ? -8.347  -3.076  -11.491 1.00 13.94 ? 179 PHE A CZ  1 
ATOM   1133 N N   . CYS A 1 180 ? -3.304  -2.744  -10.269 1.00 25.52 ? 180 CYS A N   1 
ATOM   1134 C CA  . CYS A 1 180 ? -3.509  -1.995  -9.024  1.00 25.20 ? 180 CYS A CA  1 
ATOM   1135 C C   . CYS A 1 180 ? -2.807  -0.667  -9.110  1.00 24.51 ? 180 CYS A C   1 
ATOM   1136 O O   . CYS A 1 180 ? -3.364  0.381   -8.768  1.00 26.77 ? 180 CYS A O   1 
ATOM   1137 C CB  . CYS A 1 180 ? -2.965  -2.785  -7.828  1.00 23.40 ? 180 CYS A CB  1 
ATOM   1138 S SG  . CYS A 1 180 ? -3.903  -4.300  -7.476  1.00 22.71 ? 180 CYS A SG  1 
ATOM   1139 N N   . GLU A 1 181 ? -1.579  -0.717  -9.590  1.00 22.89 ? 181 GLU A N   1 
ATOM   1140 C CA  . GLU A 1 181 ? -0.769  0.476   -9.731  1.00 21.50 ? 181 GLU A CA  1 
ATOM   1141 C C   . GLU A 1 181 ? -1.344  1.394   -10.803 1.00 21.37 ? 181 GLU A C   1 
ATOM   1142 O O   . GLU A 1 181 ? -1.221  2.606   -10.705 1.00 22.70 ? 181 GLU A O   1 
ATOM   1143 C CB  . GLU A 1 181 ? 0.647   0.059   -10.089 1.00 21.53 ? 181 GLU A CB  1 
ATOM   1144 C CG  . GLU A 1 181 ? 1.684   1.015   -9.593  1.00 22.36 ? 181 GLU A CG  1 
ATOM   1145 C CD  . GLU A 1 181 ? 3.093   0.508   -9.805  1.00 23.45 ? 181 GLU A CD  1 
ATOM   1146 O OE1 . GLU A 1 181 ? 4.027   1.329   -9.662  1.00 23.00 ? 181 GLU A OE1 1 
ATOM   1147 O OE2 . GLU A 1 181 ? 3.262   -0.704  -10.107 1.00 22.72 ? 181 GLU A OE2 1 
ATOM   1148 N N   . GLY A 1 182 ? -1.971  0.812   -11.821 1.00 22.19 ? 182 GLY A N   1 
ATOM   1149 C CA  . GLY A 1 182 ? -2.542  1.605   -12.890 1.00 22.03 ? 182 GLY A CA  1 
ATOM   1150 C C   . GLY A 1 182 ? -3.833  2.268   -12.465 1.00 22.73 ? 182 GLY A C   1 
ATOM   1151 O O   . GLY A 1 182 ? -4.201  3.340   -12.963 1.00 21.40 ? 182 GLY A O   1 
ATOM   1152 N N   . MET A 1 183 ? -4.537  1.635   -11.538 1.00 23.19 ? 183 MET A N   1 
ATOM   1153 C CA  . MET A 1 183 ? -5.788  2.201   -11.080 1.00 25.15 ? 183 MET A CA  1 
ATOM   1154 C C   . MET A 1 183 ? -5.468  3.344   -10.138 1.00 24.58 ? 183 MET A C   1 
ATOM   1155 O O   . MET A 1 183 ? -6.161  4.364   -10.134 1.00 26.06 ? 183 MET A O   1 
ATOM   1156 C CB  . MET A 1 183 ? -6.637  1.133   -10.393 1.00 29.63 ? 183 MET A CB  1 
ATOM   1157 C CG  . MET A 1 183 ? -7.216  0.098   -11.357 1.00 34.09 ? 183 MET A CG  1 
ATOM   1158 S SD  . MET A 1 183 ? -8.557  0.748   -12.625 1.00 42.58 ? 183 MET A SD  1 
ATOM   1159 C CE  . MET A 1 183 ? -10.048 0.982   -11.414 1.00 36.71 ? 183 MET A CE  1 
ATOM   1160 N N   . LEU A 1 184 ? -4.406  3.189   -9.355  1.00 22.77 ? 184 LEU A N   1 
ATOM   1161 C CA  . LEU A 1 184 ? -4.002  4.236   -8.436  1.00 21.38 ? 184 LEU A CA  1 
ATOM   1162 C C   . LEU A 1 184 ? -3.462  5.424   -9.220  1.00 22.26 ? 184 LEU A C   1 
ATOM   1163 O O   . LEU A 1 184 ? -3.606  6.572   -8.808  1.00 21.89 ? 184 LEU A O   1 
ATOM   1164 C CB  . LEU A 1 184 ? -2.948  3.711   -7.467  1.00 19.61 ? 184 LEU A CB  1 
ATOM   1165 C CG  . LEU A 1 184 ? -3.520  2.772   -6.400  1.00 19.37 ? 184 LEU A CG  1 
ATOM   1166 C CD1 . LEU A 1 184 ? -2.449  2.484   -5.358  1.00 18.13 ? 184 LEU A CD1 1 
ATOM   1167 C CD2 . LEU A 1 184 ? -4.730  3.421   -5.736  1.00 16.08 ? 184 LEU A CD2 1 
ATOM   1168 N N   . SER A 1 185 ? -2.845  5.157   -10.364 1.00 24.56 ? 185 SER A N   1 
ATOM   1169 C CA  . SER A 1 185 ? -2.336  6.248   -11.165 1.00 24.89 ? 185 SER A CA  1 
ATOM   1170 C C   . SER A 1 185 ? -3.440  6.997   -11.907 1.00 25.43 ? 185 SER A C   1 
ATOM   1171 O O   . SER A 1 185 ? -3.236  8.149   -12.264 1.00 24.39 ? 185 SER A O   1 
ATOM   1172 C CB  . SER A 1 185 ? -1.299  5.772   -12.160 1.00 26.01 ? 185 SER A CB  1 
ATOM   1173 O OG  . SER A 1 185 ? -0.670  6.909   -12.715 1.00 30.47 ? 185 SER A OG  1 
ATOM   1174 N N   . ARG A 1 186 ? -4.581  6.353   -12.192 1.00 27.02 ? 186 ARG A N   1 
ATOM   1175 C CA  . ARG A 1 186 ? -5.686  7.090   -12.816 1.00 28.63 ? 186 ARG A CA  1 
ATOM   1176 C C   . ARG A 1 186 ? -6.007  7.971   -11.628 1.00 29.15 ? 186 ARG A C   1 
ATOM   1177 O O   . ARG A 1 186 ? -5.250  8.888   -11.330 1.00 34.08 ? 186 ARG A O   1 
ATOM   1178 C CB  . ARG A 1 186 ? -6.904  6.220   -13.107 1.00 29.81 ? 186 ARG A CB  1 
ATOM   1179 C CG  . ARG A 1 186 ? -6.760  5.289   -14.278 1.00 34.60 ? 186 ARG A CG  1 
ATOM   1180 C CD  . ARG A 1 186 ? -8.106  5.110   -14.971 1.00 36.05 ? 186 ARG A CD  1 
ATOM   1181 N NE  . ARG A 1 186 ? -9.113  4.574   -14.067 1.00 37.75 ? 186 ARG A NE  1 
ATOM   1182 C CZ  . ARG A 1 186 ? -10.388 4.394   -14.395 1.00 37.41 ? 186 ARG A CZ  1 
ATOM   1183 N NH1 . ARG A 1 186 ? -10.810 4.719   -15.616 1.00 37.65 ? 186 ARG A NH1 1 
ATOM   1184 N NH2 . ARG A 1 186 ? -11.233 3.878   -13.506 1.00 36.58 ? 186 ARG A NH2 1 
ATOM   1185 N N   . PHE A 1 187 ? -7.090  7.653   -10.924 1.00 25.82 ? 187 PHE A N   1 
ATOM   1186 C CA  . PHE A 1 187 ? -7.499  8.371   -9.718  1.00 22.92 ? 187 PHE A CA  1 
ATOM   1187 C C   . PHE A 1 187 ? -6.796  9.733   -9.533  1.00 22.79 ? 187 PHE A C   1 
ATOM   1188 O O   . PHE A 1 187 ? -7.458  10.780  -9.552  1.00 23.49 ? 187 PHE A O   1 
ATOM   1189 C CB  . PHE A 1 187 ? -7.263  7.460   -8.510  1.00 19.88 ? 187 PHE A CB  1 
ATOM   1190 C CG  . PHE A 1 187 ? -7.860  7.973   -7.229  1.00 20.20 ? 187 PHE A CG  1 
ATOM   1191 C CD1 . PHE A 1 187 ? -9.165  8.445   -7.187  1.00 17.98 ? 187 PHE A CD1 1 
ATOM   1192 C CD2 . PHE A 1 187 ? -7.121  7.943   -6.049  1.00 19.25 ? 187 PHE A CD2 1 
ATOM   1193 C CE1 . PHE A 1 187 ? -9.727  8.886   -5.994  1.00 18.75 ? 187 PHE A CE1 1 
ATOM   1194 C CE2 . PHE A 1 187 ? -7.674  8.382   -4.846  1.00 19.22 ? 187 PHE A CE2 1 
ATOM   1195 C CZ  . PHE A 1 187 ? -8.977  8.849   -4.818  1.00 19.47 ? 187 PHE A CZ  1 
ATOM   1196 N N   . VAL A 1 188 ? -5.473  9.714   -9.341  1.00 20.03 ? 188 VAL A N   1 
ATOM   1197 C CA  . VAL A 1 188 ? -4.665  10.927  -9.204  1.00 20.23 ? 188 VAL A CA  1 
ATOM   1198 C C   . VAL A 1 188 ? -4.817  11.786  -10.476 1.00 21.22 ? 188 VAL A C   1 
ATOM   1199 O O   . VAL A 1 188 ? -5.102  12.977  -10.402 1.00 21.96 ? 188 VAL A O   1 
ATOM   1200 C CB  . VAL A 1 188 ? -3.147  10.572  -8.986  1.00 19.77 ? 188 VAL A CB  1 
ATOM   1201 C CG1 . VAL A 1 188 ? -2.325  11.840  -8.766  1.00 17.59 ? 188 VAL A CG1 1 
ATOM   1202 C CG2 . VAL A 1 188 ? -2.979  9.656   -7.774  1.00 17.74 ? 188 VAL A CG2 1 
ATOM   1203 N N   . ARG A 1 189 ? -4.631  11.168  -11.637 1.00 22.87 ? 189 ARG A N   1 
ATOM   1204 C CA  . ARG A 1 189 ? -4.748  11.826  -12.947 1.00 23.98 ? 189 ARG A CA  1 
ATOM   1205 C C   . ARG A 1 189 ? -6.049  12.572  -13.178 1.00 25.22 ? 189 ARG A C   1 
ATOM   1206 O O   . ARG A 1 189 ? -6.069  13.789  -13.384 1.00 26.21 ? 189 ARG A O   1 
ATOM   1207 C CB  . ARG A 1 189 ? -4.659  10.801  -14.072 1.00 23.31 ? 189 ARG A CB  1 
ATOM   1208 C CG  . ARG A 1 189 ? -3.305  10.554  -14.612 1.00 24.43 ? 189 ARG A CG  1 
ATOM   1209 C CD  . ARG A 1 189 ? -3.422  10.069  -16.041 1.00 25.93 ? 189 ARG A CD  1 
ATOM   1210 N NE  . ARG A 1 189 ? -3.931  8.701   -16.144 1.00 27.89 ? 189 ARG A NE  1 
ATOM   1211 C CZ  . ARG A 1 189 ? -5.164  8.372   -16.527 1.00 29.89 ? 189 ARG A CZ  1 
ATOM   1212 N NH1 . ARG A 1 189 ? -6.043  9.317   -16.844 1.00 30.45 ? 189 ARG A NH1 1 
ATOM   1213 N NH2 . ARG A 1 189 ? -5.506  7.090   -16.630 1.00 29.76 ? 189 ARG A NH2 1 
ATOM   1214 N N   . SER A 1 190 ? -7.126  11.791  -13.216 1.00 26.18 ? 190 SER A N   1 
ATOM   1215 C CA  . SER A 1 190 ? -8.473  12.276  -13.466 1.00 26.71 ? 190 SER A CA  1 
ATOM   1216 C C   . SER A 1 190 ? -8.908  13.242  -12.392 1.00 27.92 ? 190 SER A C   1 
ATOM   1217 O O   . SER A 1 190 ? -10.099 13.500  -12.216 1.00 27.35 ? 190 SER A O   1 
ATOM   1218 C CB  . SER A 1 190 ? -9.426  11.082  -13.512 1.00 27.38 ? 190 SER A CB  1 
ATOM   1219 O OG  . SER A 1 190 ? -9.142  10.177  -12.449 1.00 27.16 ? 190 SER A OG  1 
ATOM   1220 N N   . GLU A 1 191 ? -7.935  13.786  -11.674 1.00 30.18 ? 191 GLU A N   1 
ATOM   1221 C CA  . GLU A 1 191 ? -8.222  14.711  -10.592 1.00 31.46 ? 191 GLU A CA  1 
ATOM   1222 C C   . GLU A 1 191 ? -9.233  14.090  -9.644  1.00 30.79 ? 191 GLU A C   1 
ATOM   1223 O O   . GLU A 1 191 ? -10.101 14.774  -9.103  1.00 30.65 ? 191 GLU A O   1 
ATOM   1224 C CB  . GLU A 1 191 ? -8.731  16.051  -11.133 1.00 34.07 ? 191 GLU A CB  1 
ATOM   1225 C CG  . GLU A 1 191 ? -7.605  17.035  -11.373 1.00 40.41 ? 191 GLU A CG  1 
ATOM   1226 C CD  . GLU A 1 191 ? -6.735  17.172  -10.135 1.00 44.65 ? 191 GLU A CD  1 
ATOM   1227 O OE1 . GLU A 1 191 ? -7.262  17.633  -9.094  1.00 45.33 ? 191 GLU A OE1 1 
ATOM   1228 O OE2 . GLU A 1 191 ? -5.537  16.803  -10.193 1.00 48.37 ? 191 GLU A OE2 1 
ATOM   1229 N N   . PHE A 1 192 ? -9.111  12.773  -9.479  1.00 28.54 ? 192 PHE A N   1 
ATOM   1230 C CA  . PHE A 1 192 ? -9.936  12.000  -8.573  1.00 26.09 ? 192 PHE A CA  1 
ATOM   1231 C C   . PHE A 1 192 ? -11.358 11.729  -9.014  1.00 25.64 ? 192 PHE A C   1 
ATOM   1232 O O   . PHE A 1 192 ? -12.252 11.588  -8.176  1.00 25.27 ? 192 PHE A O   1 
ATOM   1233 C CB  . PHE A 1 192 ? -9.899  12.658  -7.190  1.00 24.47 ? 192 PHE A CB  1 
ATOM   1234 C CG  . PHE A 1 192 ? -8.505  12.904  -6.701  1.00 23.30 ? 192 PHE A CG  1 
ATOM   1235 C CD1 . PHE A 1 192 ? -7.896  14.142  -6.881  1.00 21.27 ? 192 PHE A CD1 1 
ATOM   1236 C CD2 . PHE A 1 192 ? -7.757  11.857  -6.178  1.00 23.99 ? 192 PHE A CD2 1 
ATOM   1237 C CE1 . PHE A 1 192 ? -6.566  14.332  -6.560  1.00 20.57 ? 192 PHE A CE1 1 
ATOM   1238 C CE2 . PHE A 1 192 ? -6.419  12.037  -5.852  1.00 24.03 ? 192 PHE A CE2 1 
ATOM   1239 C CZ  . PHE A 1 192 ? -5.821  13.279  -6.046  1.00 21.71 ? 192 PHE A CZ  1 
ATOM   1240 N N   . LYS A 1 193 ? -11.557 11.640  -10.330 1.00 25.27 ? 193 LYS A N   1 
ATOM   1241 C CA  . LYS A 1 193 ? -12.873 11.362  -10.904 1.00 23.81 ? 193 LYS A CA  1 
ATOM   1242 C C   . LYS A 1 193 ? -13.076 9.853   -10.858 1.00 25.20 ? 193 LYS A C   1 
ATOM   1243 O O   . LYS A 1 193 ? -14.180 9.375   -10.623 1.00 27.27 ? 193 LYS A O   1 
ATOM   1244 C CB  . LYS A 1 193 ? -12.983 11.890  -12.335 1.00 20.00 ? 193 LYS A CB  1 
ATOM   1245 N N   . TYR A 1 194 ? -11.989 9.115   -11.070 1.00 25.72 ? 194 TYR A N   1 
ATOM   1246 C CA  . TYR A 1 194 ? -12.011 7.661   -11.053 1.00 26.15 ? 194 TYR A CA  1 
ATOM   1247 C C   . TYR A 1 194 ? -11.474 7.064   -9.768  1.00 26.37 ? 194 TYR A C   1 
ATOM   1248 O O   . TYR A 1 194 ? -10.272 7.065   -9.523  1.00 25.83 ? 194 TYR A O   1 
ATOM   1249 C CB  . TYR A 1 194 ? -11.186 7.096   -12.195 1.00 29.15 ? 194 TYR A CB  1 
ATOM   1250 C CG  . TYR A 1 194 ? -11.607 7.580   -13.544 1.00 32.58 ? 194 TYR A CG  1 
ATOM   1251 C CD1 . TYR A 1 194 ? -12.942 7.518   -13.945 1.00 32.27 ? 194 TYR A CD1 1 
ATOM   1252 C CD2 . TYR A 1 194 ? -10.664 8.099   -14.433 1.00 33.92 ? 194 TYR A CD2 1 
ATOM   1253 C CE1 . TYR A 1 194 ? -13.329 7.962   -15.194 1.00 33.79 ? 194 TYR A CE1 1 
ATOM   1254 C CE2 . TYR A 1 194 ? -11.036 8.546   -15.681 1.00 35.68 ? 194 TYR A CE2 1 
ATOM   1255 C CZ  . TYR A 1 194 ? -12.370 8.474   -16.060 1.00 36.23 ? 194 TYR A CZ  1 
ATOM   1256 O OH  . TYR A 1 194 ? -12.733 8.907   -17.313 1.00 38.88 ? 194 TYR A OH  1 
ATOM   1257 N N   . ARG A 1 195 ? -12.373 6.520   -8.965  1.00 27.68 ? 195 ARG A N   1 
ATOM   1258 C CA  . ARG A 1 195 ? -12.002 5.912   -7.705  1.00 28.99 ? 195 ARG A CA  1 
ATOM   1259 C C   . ARG A 1 195 ? -11.578 4.463   -7.921  1.00 28.04 ? 195 ARG A C   1 
ATOM   1260 O O   . ARG A 1 195 ? -12.289 3.695   -8.554  1.00 28.69 ? 195 ARG A O   1 
ATOM   1261 C CB  . ARG A 1 195 ? -13.190 5.990   -6.750  1.00 31.17 ? 195 ARG A CB  1 
ATOM   1262 C CG  . ARG A 1 195 ? -13.236 7.274   -5.969  1.00 33.96 ? 195 ARG A CG  1 
ATOM   1263 C CD  . ARG A 1 195 ? -14.648 7.638   -5.575  1.00 39.35 ? 195 ARG A CD  1 
ATOM   1264 N NE  . ARG A 1 195 ? -15.294 8.432   -6.619  1.00 45.91 ? 195 ARG A NE  1 
ATOM   1265 C CZ  . ARG A 1 195 ? -14.779 9.549   -7.145  1.00 46.57 ? 195 ARG A CZ  1 
ATOM   1266 N NH1 . ARG A 1 195 ? -13.604 10.004  -6.728  1.00 48.57 ? 195 ARG A NH1 1 
ATOM   1267 N NH2 . ARG A 1 195 ? -15.436 10.218  -8.085  1.00 43.53 ? 195 ARG A NH2 1 
ATOM   1268 N N   . PRO A 1 196 ? -10.406 4.078   -7.400  1.00 27.00 ? 196 PRO A N   1 
ATOM   1269 C CA  . PRO A 1 196 ? -9.848  2.729   -7.510  1.00 26.57 ? 196 PRO A CA  1 
ATOM   1270 C C   . PRO A 1 196 ? -10.813 1.567   -7.251  1.00 26.40 ? 196 PRO A C   1 
ATOM   1271 O O   . PRO A 1 196 ? -10.762 0.558   -7.948  1.00 25.48 ? 196 PRO A O   1 
ATOM   1272 C CB  . PRO A 1 196 ? -8.707  2.763   -6.507  1.00 26.71 ? 196 PRO A CB  1 
ATOM   1273 C CG  . PRO A 1 196 ? -8.220  4.151   -6.652  1.00 26.48 ? 196 PRO A CG  1 
ATOM   1274 C CD  . PRO A 1 196 ? -9.485  4.957   -6.665  1.00 27.10 ? 196 PRO A CD  1 
ATOM   1275 N N   . THR A 1 197 ? -11.688 1.697   -6.256  1.00 27.40 ? 197 THR A N   1 
ATOM   1276 C CA  . THR A 1 197 ? -12.619 0.609   -5.942  1.00 28.62 ? 197 THR A CA  1 
ATOM   1277 C C   . THR A 1 197 ? -13.992 0.675   -6.618  1.00 29.89 ? 197 THR A C   1 
ATOM   1278 O O   . THR A 1 197 ? -14.893 -0.109  -6.294  1.00 31.51 ? 197 THR A O   1 
ATOM   1279 C CB  . THR A 1 197 ? -12.814 0.453   -4.403  1.00 27.22 ? 197 THR A CB  1 
ATOM   1280 O OG1 . THR A 1 197 ? -13.298 1.683   -3.844  1.00 26.63 ? 197 THR A OG1 1 
ATOM   1281 C CG2 . THR A 1 197 ? -11.497 0.060   -3.729  1.00 26.02 ? 197 THR A CG2 1 
ATOM   1282 N N   . ASP A 1 198 ? -14.154 1.599   -7.557  1.00 31.07 ? 198 ASP A N   1 
ATOM   1283 C CA  . ASP A 1 198 ? -15.418 1.713   -8.271  1.00 32.53 ? 198 ASP A CA  1 
ATOM   1284 C C   . ASP A 1 198 ? -15.579 0.532   -9.206  1.00 32.59 ? 198 ASP A C   1 
ATOM   1285 O O   . ASP A 1 198 ? -14.673 0.208   -9.977  1.00 33.77 ? 198 ASP A O   1 
ATOM   1286 C CB  . ASP A 1 198 ? -15.478 2.996   -9.099  1.00 35.53 ? 198 ASP A CB  1 
ATOM   1287 C CG  . ASP A 1 198 ? -15.980 4.182   -8.307  1.00 40.45 ? 198 ASP A CG  1 
ATOM   1288 O OD1 . ASP A 1 198 ? -16.565 3.973   -7.219  1.00 41.78 ? 198 ASP A OD1 1 
ATOM   1289 O OD2 . ASP A 1 198 ? -15.810 5.331   -8.778  1.00 42.14 ? 198 ASP A OD2 1 
ATOM   1290 N N   . ASP A 1 199 ? -16.740 -0.109  -9.130  1.00 32.10 ? 199 ASP A N   1 
ATOM   1291 C CA  . ASP A 1 199 ? -17.049 -1.258  -9.976  1.00 30.90 ? 199 ASP A CA  1 
ATOM   1292 C C   . ASP A 1 199 ? -16.127 -2.452  -9.773  1.00 30.35 ? 199 ASP A C   1 
ATOM   1293 O O   . ASP A 1 199 ? -15.928 -3.239  -10.699 1.00 29.07 ? 199 ASP A O   1 
ATOM   1294 C CB  . ASP A 1 199 ? -16.987 -0.859  -11.447 1.00 32.57 ? 199 ASP A CB  1 
ATOM   1295 C CG  . ASP A 1 199 ? -17.993 0.200   -11.804 1.00 33.34 ? 199 ASP A CG  1 
ATOM   1296 O OD1 . ASP A 1 199 ? -19.149 0.099   -11.344 1.00 34.76 ? 199 ASP A OD1 1 
ATOM   1297 O OD2 . ASP A 1 199 ? -17.641 1.131   -12.554 1.00 34.97 ? 199 ASP A OD2 1 
ATOM   1298 N N   . PHE A 1 200 ? -15.579 -2.598  -8.570  1.00 31.51 ? 200 PHE A N   1 
ATOM   1299 C CA  . PHE A 1 200 ? -14.652 -3.689  -8.280  1.00 31.19 ? 200 PHE A CA  1 
ATOM   1300 C C   . PHE A 1 200 ? -15.272 -5.067  -8.468  1.00 31.06 ? 200 PHE A C   1 
ATOM   1301 O O   . PHE A 1 200 ? -14.575 -6.020  -8.828  1.00 31.18 ? 200 PHE A O   1 
ATOM   1302 C CB  . PHE A 1 200 ? -14.114 -3.557  -6.864  1.00 30.86 ? 200 PHE A CB  1 
ATOM   1303 C CG  . PHE A 1 200 ? -13.211 -4.677  -6.455  1.00 32.06 ? 200 PHE A CG  1 
ATOM   1304 C CD1 . PHE A 1 200 ? -11.998 -4.887  -7.099  1.00 30.84 ? 200 PHE A CD1 1 
ATOM   1305 C CD2 . PHE A 1 200 ? -13.574 -5.520  -5.412  1.00 31.47 ? 200 PHE A CD2 1 
ATOM   1306 C CE1 . PHE A 1 200 ? -11.167 -5.919  -6.706  1.00 30.48 ? 200 PHE A CE1 1 
ATOM   1307 C CE2 . PHE A 1 200 ? -12.750 -6.549  -5.015  1.00 31.03 ? 200 PHE A CE2 1 
ATOM   1308 C CZ  . PHE A 1 200 ? -11.547 -6.750  -5.662  1.00 31.55 ? 200 PHE A CZ  1 
ATOM   1309 N N   . ASP A 1 201 ? -16.577 -5.166  -8.233  1.00 30.05 ? 201 ASP A N   1 
ATOM   1310 C CA  . ASP A 1 201 ? -17.281 -6.431  -8.388  1.00 29.75 ? 201 ASP A CA  1 
ATOM   1311 C C   . ASP A 1 201 ? -17.426 -6.844  -9.842  1.00 29.63 ? 201 ASP A C   1 
ATOM   1312 O O   . ASP A 1 201 ? -17.615 -8.022  -10.142 1.00 30.33 ? 201 ASP A O   1 
ATOM   1313 C CB  . ASP A 1 201 ? -18.665 -6.371  -7.751  1.00 32.87 ? 201 ASP A CB  1 
ATOM   1314 C CG  . ASP A 1 201 ? -18.680 -6.904  -6.324  1.00 35.91 ? 201 ASP A CG  1 
ATOM   1315 O OD1 . ASP A 1 201 ? -19.733 -7.448  -5.923  1.00 38.27 ? 201 ASP A OD1 1 
ATOM   1316 O OD2 . ASP A 1 201 ? -17.661 -6.777  -5.599  1.00 35.99 ? 201 ASP A OD2 1 
ATOM   1317 N N   . ALA A 1 202 ? -17.357 -5.872  -10.744 1.00 28.66 ? 202 ALA A N   1 
ATOM   1318 C CA  . ALA A 1 202 ? -17.440 -6.147  -12.171 1.00 27.79 ? 202 ALA A CA  1 
ATOM   1319 C C   . ALA A 1 202 ? -16.026 -6.391  -12.705 1.00 27.87 ? 202 ALA A C   1 
ATOM   1320 O O   . ALA A 1 202 ? -15.837 -7.101  -13.691 1.00 28.49 ? 202 ALA A O   1 
ATOM   1321 C CB  . ALA A 1 202 ? -18.065 -4.980  -12.892 1.00 27.03 ? 202 ALA A CB  1 
ATOM   1322 N N   . ARG A 1 203 ? -15.033 -5.809  -12.042 1.00 27.20 ? 203 ARG A N   1 
ATOM   1323 C CA  . ARG A 1 203 ? -13.650 -5.960  -12.474 1.00 26.52 ? 203 ARG A CA  1 
ATOM   1324 C C   . ARG A 1 203 ? -12.976 -7.229  -11.996 1.00 26.13 ? 203 ARG A C   1 
ATOM   1325 O O   . ARG A 1 203 ? -12.317 -7.904  -12.785 1.00 26.78 ? 203 ARG A O   1 
ATOM   1326 C CB  . ARG A 1 203 ? -12.822 -4.765  -12.019 1.00 25.84 ? 203 ARG A CB  1 
ATOM   1327 C CG  . ARG A 1 203 ? -13.170 -3.478  -12.708 1.00 25.92 ? 203 ARG A CG  1 
ATOM   1328 C CD  . ARG A 1 203 ? -12.404 -2.343  -12.062 1.00 26.45 ? 203 ARG A CD  1 
ATOM   1329 N NE  . ARG A 1 203 ? -12.630 -1.072  -12.743 1.00 26.57 ? 203 ARG A NE  1 
ATOM   1330 C CZ  . ARG A 1 203 ? -12.146 -0.776  -13.943 1.00 25.05 ? 203 ARG A CZ  1 
ATOM   1331 N NH1 . ARG A 1 203 ? -11.398 -1.664  -14.585 1.00 24.76 ? 203 ARG A NH1 1 
ATOM   1332 N NH2 . ARG A 1 203 ? -12.433 0.388   -14.515 1.00 24.04 ? 203 ARG A NH2 1 
ATOM   1333 N N   . TRP A 1 204 ? -13.143 -7.568  -10.717 1.00 25.00 ? 204 TRP A N   1 
ATOM   1334 C CA  . TRP A 1 204 ? -12.477 -8.754  -10.182 1.00 24.54 ? 204 TRP A CA  1 
ATOM   1335 C C   . TRP A 1 204 ? -12.480 -9.950  -11.128 1.00 24.11 ? 204 TRP A C   1 
ATOM   1336 O O   . TRP A 1 204 ? -11.450 -10.606 -11.292 1.00 23.66 ? 204 TRP A O   1 
ATOM   1337 C CB  . TRP A 1 204 ? -13.053 -9.184  -8.827  1.00 24.25 ? 204 TRP A CB  1 
ATOM   1338 C CG  . TRP A 1 204 ? -12.294 -10.376 -8.293  1.00 24.00 ? 204 TRP A CG  1 
ATOM   1339 C CD1 . TRP A 1 204 ? -12.778 -11.630 -8.078  1.00 22.46 ? 204 TRP A CD1 1 
ATOM   1340 C CD2 . TRP A 1 204 ? -10.882 -10.441 -8.042  1.00 24.62 ? 204 TRP A CD2 1 
ATOM   1341 N NE1 . TRP A 1 204 ? -11.757 -12.478 -7.724  1.00 21.98 ? 204 TRP A NE1 1 
ATOM   1342 C CE2 . TRP A 1 204 ? -10.578 -11.780 -7.702  1.00 21.77 ? 204 TRP A CE2 1 
ATOM   1343 C CE3 . TRP A 1 204 ? -9.834  -9.505  -8.098  1.00 24.14 ? 204 TRP A CE3 1 
ATOM   1344 C CZ2 . TRP A 1 204 ? -9.284  -12.200 -7.392  1.00 21.60 ? 204 TRP A CZ2 1 
ATOM   1345 C CZ3 . TRP A 1 204 ? -8.542  -9.928  -7.791  1.00 22.83 ? 204 TRP A CZ3 1 
ATOM   1346 C CH2 . TRP A 1 204 ? -8.282  -11.265 -7.454  1.00 20.89 ? 204 TRP A CH2 1 
ATOM   1347 N N   . PRO A 1 205 ? -13.638 -10.270 -11.737 1.00 23.99 ? 205 PRO A N   1 
ATOM   1348 C CA  . PRO A 1 205 ? -13.709 -11.402 -12.665 1.00 24.01 ? 205 PRO A CA  1 
ATOM   1349 C C   . PRO A 1 205 ? -12.620 -11.360 -13.738 1.00 24.32 ? 205 PRO A C   1 
ATOM   1350 O O   . PRO A 1 205 ? -12.032 -12.387 -14.074 1.00 24.29 ? 205 PRO A O   1 
ATOM   1351 C CB  . PRO A 1 205 ? -15.112 -11.275 -13.239 1.00 23.74 ? 205 PRO A CB  1 
ATOM   1352 C CG  . PRO A 1 205 ? -15.874 -10.834 -12.046 1.00 22.86 ? 205 PRO A CG  1 
ATOM   1353 C CD  . PRO A 1 205 ? -14.989 -9.757  -11.452 1.00 24.31 ? 205 PRO A CD  1 
ATOM   1354 N N   . LEU A 1 206 ? -12.355 -10.167 -14.265 1.00 23.78 ? 206 LEU A N   1 
ATOM   1355 C CA  . LEU A 1 206 ? -11.326 -9.988  -15.283 1.00 22.93 ? 206 LEU A CA  1 
ATOM   1356 C C   . LEU A 1 206 ? -9.959  -10.417 -14.759 1.00 22.91 ? 206 LEU A C   1 
ATOM   1357 O O   . LEU A 1 206 ? -9.137  -10.949 -15.505 1.00 22.92 ? 206 LEU A O   1 
ATOM   1358 C CB  . LEU A 1 206 ? -11.251 -8.529  -15.713 1.00 24.02 ? 206 LEU A CB  1 
ATOM   1359 C CG  . LEU A 1 206 ? -12.218 -8.068  -16.812 1.00 25.86 ? 206 LEU A CG  1 
ATOM   1360 C CD1 . LEU A 1 206 ? -13.643 -8.412  -16.425 1.00 25.28 ? 206 LEU A CD1 1 
ATOM   1361 C CD2 . LEU A 1 206 ? -12.054 -6.564  -17.043 1.00 25.38 ? 206 LEU A CD2 1 
ATOM   1362 N N   . ILE A 1 207 ? -9.708  -10.170 -13.476 1.00 23.25 ? 207 ILE A N   1 
ATOM   1363 C CA  . ILE A 1 207 ? -8.435  -10.558 -12.884 1.00 23.68 ? 207 ILE A CA  1 
ATOM   1364 C C   . ILE A 1 207 ? -8.465  -12.051 -12.593 1.00 24.27 ? 207 ILE A C   1 
ATOM   1365 O O   . ILE A 1 207 ? -7.483  -12.752 -12.841 1.00 26.49 ? 207 ILE A O   1 
ATOM   1366 C CB  . ILE A 1 207 ? -8.138  -9.823  -11.567 1.00 22.27 ? 207 ILE A CB  1 
ATOM   1367 C CG1 . ILE A 1 207 ? -8.217  -8.309  -11.774 1.00 24.56 ? 207 ILE A CG1 1 
ATOM   1368 C CG2 . ILE A 1 207 ? -6.756  -10.168 -11.101 1.00 19.38 ? 207 ILE A CG2 1 
ATOM   1369 C CD1 . ILE A 1 207 ? -7.890  -7.498  -10.518 1.00 25.35 ? 207 ILE A CD1 1 
ATOM   1370 N N   . ALA A 1 208 ? -9.585  -12.541 -12.065 1.00 23.69 ? 208 ALA A N   1 
ATOM   1371 C CA  . ALA A 1 208 ? -9.714  -13.957 -11.757 1.00 23.32 ? 208 ALA A CA  1 
ATOM   1372 C C   . ALA A 1 208 ? -9.477  -14.800 -13.004 1.00 23.91 ? 208 ALA A C   1 
ATOM   1373 O O   . ALA A 1 208 ? -9.012  -15.936 -12.912 1.00 25.15 ? 208 ALA A O   1 
ATOM   1374 C CB  . ALA A 1 208 ? -11.093 -14.245 -11.183 1.00 22.56 ? 208 ALA A CB  1 
ATOM   1375 N N   . ALA A 1 209 ? -9.778  -14.245 -14.174 1.00 24.06 ? 209 ALA A N   1 
ATOM   1376 C CA  . ALA A 1 209 ? -9.591  -14.983 -15.420 1.00 26.51 ? 209 ALA A CA  1 
ATOM   1377 C C   . ALA A 1 209 ? -8.111  -15.151 -15.765 1.00 29.37 ? 209 ALA A C   1 
ATOM   1378 O O   . ALA A 1 209 ? -7.762  -15.856 -16.721 1.00 31.22 ? 209 ALA A O   1 
ATOM   1379 C CB  . ALA A 1 209 ? -10.318 -14.290 -16.555 1.00 24.59 ? 209 ALA A CB  1 
ATOM   1380 N N   . GLN A 1 210 ? -7.249  -14.513 -14.971 1.00 30.08 ? 210 GLN A N   1 
ATOM   1381 C CA  . GLN A 1 210 ? -5.807  -14.586 -15.189 1.00 30.69 ? 210 GLN A CA  1 
ATOM   1382 C C   . GLN A 1 210 ? -5.196  -15.625 -14.260 1.00 32.16 ? 210 GLN A C   1 
ATOM   1383 O O   . GLN A 1 210 ? -4.019  -15.962 -14.376 1.00 32.33 ? 210 GLN A O   1 
ATOM   1384 C CB  . GLN A 1 210 ? -5.135  -13.230 -14.971 1.00 29.15 ? 210 GLN A CB  1 
ATOM   1385 C CG  . GLN A 1 210 ? -5.734  -12.099 -15.770 1.00 29.02 ? 210 GLN A CG  1 
ATOM   1386 C CD  . GLN A 1 210 ? -4.997  -10.792 -15.574 1.00 29.71 ? 210 GLN A CD  1 
ATOM   1387 O OE1 . GLN A 1 210 ? -4.747  -10.380 -14.437 1.00 30.49 ? 210 GLN A OE1 1 
ATOM   1388 N NE2 . GLN A 1 210 ? -4.661  -10.122 -16.674 1.00 28.81 ? 210 GLN A NE2 1 
ATOM   1389 N N   . LEU A 1 211 ? -5.992  -16.108 -13.311 1.00 34.39 ? 211 LEU A N   1 
ATOM   1390 C CA  . LEU A 1 211 ? -5.555  -17.188 -12.412 1.00 37.34 ? 211 LEU A CA  1 
ATOM   1391 C C   . LEU A 1 211 ? -6.172  -18.417 -13.081 1.00 40.46 ? 211 LEU A C   1 
ATOM   1392 O O   . LEU A 1 211 ? -6.756  -19.316 -12.455 1.00 39.66 ? 211 LEU A O   1 
ATOM   1393 C CB  . LEU A 1 211 ? -6.129  -16.992 -11.005 1.00 35.10 ? 211 LEU A CB  1 
ATOM   1394 C CG  . LEU A 1 211 ? -6.099  -15.515 -10.655 1.00 35.32 ? 211 LEU A CG  1 
ATOM   1395 C CD1 . LEU A 1 211 ? -6.981  -15.267 -9.454  1.00 35.79 ? 211 LEU A CD1 1 
ATOM   1396 C CD2 . LEU A 1 211 ? -4.664  -15.086 -10.427 1.00 33.95 ? 211 LEU A CD2 1 
ATOM   1397 N N   . GLN A 1 212 ? -6.042  -18.362 -14.402 1.00 44.84 ? 212 GLN A N   1 
ATOM   1398 C CA  . GLN A 1 212 ? -6.556  -19.298 -15.403 1.00 47.31 ? 212 GLN A CA  1 
ATOM   1399 C C   . GLN A 1 212 ? -8.058  -19.072 -15.699 1.00 48.87 ? 212 GLN A C   1 
ATOM   1400 O O   . GLN A 1 212 ? -8.876  -19.300 -14.788 1.00 51.78 ? 212 GLN A O   1 
ATOM   1401 C CB  . GLN A 1 212 ? -6.289  -20.799 -15.064 1.00 48.22 ? 212 GLN A CB  1 
ATOM   1402 C CG  . GLN A 1 212 ? -5.214  -21.115 -14.010 1.00 51.75 ? 212 GLN A CG  1 
ATOM   1403 C CD  . GLN A 1 212 ? -3.780  -20.814 -14.429 1.00 53.79 ? 212 GLN A CD  1 
ATOM   1404 O OE1 . GLN A 1 212 ? -3.401  -19.665 -14.722 1.00 53.49 ? 212 GLN A OE1 1 
ATOM   1405 N NE2 . GLN A 1 212 ? -2.964  -21.857 -14.434 1.00 54.81 ? 212 GLN A NE2 1 
ATOM   1406 O OXT . GLN A 1 212 ? -8.430  -18.676 -16.803 1.00 30.00 ? 212 GLN A OXT 1 
HETATM 1407 O O   . HOH B 2 .   ? 11.175  -4.503  -0.157  1.00 21.51 ? 213 HOH A O   1 
HETATM 1408 O O   . HOH B 2 .   ? 5.354   21.608  20.100  1.00 32.09 ? 214 HOH A O   1 
HETATM 1409 O O   . HOH B 2 .   ? -3.354  9.528   3.908   1.00 59.21 ? 215 HOH A O   1 
HETATM 1410 O O   . HOH B 2 .   ? -12.630 -12.844 -1.089  1.00 18.89 ? 216 HOH A O   1 
HETATM 1411 O O   . HOH B 2 .   ? -8.158  -20.003 -10.606 1.00 23.69 ? 217 HOH A O   1 
HETATM 1412 O O   . HOH B 2 .   ? 8.126   3.652   9.697   1.00 23.57 ? 218 HOH A O   1 
HETATM 1413 O O   . HOH B 2 .   ? -9.922  -18.095 -3.410  1.00 42.03 ? 219 HOH A O   1 
HETATM 1414 O O   . HOH B 2 .   ? 9.881   -3.681  2.705   1.00 28.30 ? 220 HOH A O   1 
HETATM 1415 O O   . HOH B 2 .   ? 9.965   -14.408 -14.583 1.00 24.80 ? 221 HOH A O   1 
HETATM 1416 O O   . HOH B 2 .   ? 4.312   3.680   -9.323  1.00 27.23 ? 222 HOH A O   1 
HETATM 1417 O O   . HOH B 2 .   ? -5.472  0.122   4.872   1.00 24.12 ? 223 HOH A O   1 
HETATM 1418 O O   . HOH B 2 .   ? -6.333  2.982   5.612   1.00 23.52 ? 224 HOH A O   1 
HETATM 1419 O O   . HOH B 2 .   ? -2.680  -19.566 -1.262  1.00 25.76 ? 225 HOH A O   1 
# 
